data_4TUF
#
_entry.id   4TUF
#
_cell.length_a   174.660
_cell.length_b   141.531
_cell.length_c   108.008
_cell.angle_alpha   90.00
_cell.angle_beta   110.49
_cell.angle_gamma   90.00
#
_symmetry.space_group_name_H-M   'C 1 2 1'
#
loop_
_entity.id
_entity.type
_entity.pdbx_description
1 polymer 'Major extracellular endoglucanase'
2 non-polymer 'DIHYDROGENPHOSPHATE ION'
3 water water
#
_entity_poly.entity_id   1
_entity_poly.type   'polypeptide(L)'
_entity_poly.pdbx_seq_one_letter_code
;YSINNSRQIVDDSGKVVQLKGVNVFGFETGNHVMHGLWARNWKDMIVQMQGLGFNAVRLPFCPATLRSDTMPASIDYSRN
ADLQGLTSLQILDKVIAEFNARGMYVLLDHHTPDCAGISELWYTGSYTEAQWLADLRFVANRYKNVPYVLGLDLKNEPHG
AATWGTGNAATDWNKAAERGSAAVLAVAPKWLIAVEGITDNPVCSTNGGIFWGGNLQPLACTPLNIPANRLLLAPHVYGP
DVFVQSYFNDSNFPNNMPAIWERHFGQFAGTHALLLGEFGGKYGEGDARDKTWQDALVKYLRSKGINQGFYWSWNPNSGD
TGGILRDDWTSVRQDKMTLLRTLWGT
;
_entity_poly.pdbx_strand_id   A,B,C,D
#
loop_
_chem_comp.id
_chem_comp.type
_chem_comp.name
_chem_comp.formula
2HP non-polymer 'DIHYDROGENPHOSPHATE ION' 'H2 O4 P -1'
#
# COMPACT_ATOMS: atom_id res chain seq x y z
N TYR A 1 30.73 -26.32 -8.51
CA TYR A 1 29.58 -26.63 -7.65
C TYR A 1 28.27 -26.48 -8.39
N SER A 2 27.22 -27.10 -7.86
CA SER A 2 25.91 -27.05 -8.48
C SER A 2 24.80 -27.41 -7.53
N ILE A 3 23.55 -27.22 -7.97
CA ILE A 3 22.39 -27.61 -7.18
C ILE A 3 21.66 -28.76 -7.87
N ASN A 4 21.59 -29.91 -7.22
CA ASN A 4 20.87 -31.05 -7.81
C ASN A 4 19.36 -30.92 -7.61
N ASN A 5 18.61 -31.86 -8.19
CA ASN A 5 17.15 -31.82 -8.13
C ASN A 5 16.57 -31.97 -6.72
N SER A 6 17.44 -32.22 -5.74
CA SER A 6 17.00 -32.37 -4.37
C SER A 6 17.36 -31.14 -3.56
N ARG A 7 17.70 -30.06 -4.28
CA ARG A 7 18.07 -28.79 -3.66
C ARG A 7 19.27 -28.94 -2.75
N GLN A 8 20.21 -29.79 -3.16
CA GLN A 8 21.45 -30.00 -2.44
C GLN A 8 22.63 -29.42 -3.22
N ILE A 9 23.62 -28.92 -2.49
CA ILE A 9 24.86 -28.45 -3.09
C ILE A 9 25.81 -29.61 -3.30
N VAL A 10 26.22 -29.85 -4.54
CA VAL A 10 27.21 -30.89 -4.81
C VAL A 10 28.48 -30.25 -5.37
N ASP A 11 29.63 -30.91 -5.18
CA ASP A 11 30.89 -30.38 -5.67
C ASP A 11 31.21 -30.95 -7.04
N ASP A 12 32.46 -30.76 -7.48
CA ASP A 12 32.89 -31.29 -8.77
C ASP A 12 32.76 -32.81 -8.83
N SER A 13 33.11 -33.46 -7.72
CA SER A 13 33.07 -34.91 -7.63
C SER A 13 31.65 -35.44 -7.75
N GLY A 14 30.70 -34.70 -7.17
CA GLY A 14 29.32 -35.12 -7.16
C GLY A 14 28.88 -35.60 -5.79
N LYS A 15 29.57 -35.14 -4.75
CA LYS A 15 29.20 -35.47 -3.37
C LYS A 15 28.48 -34.28 -2.73
N VAL A 16 27.54 -34.57 -1.84
CA VAL A 16 26.76 -33.51 -1.20
C VAL A 16 27.61 -32.72 -0.21
N VAL A 17 27.57 -31.40 -0.35
CA VAL A 17 28.26 -30.48 0.54
C VAL A 17 27.31 -29.96 1.61
N GLN A 18 27.77 -29.95 2.86
CA GLN A 18 27.00 -29.33 3.94
C GLN A 18 27.78 -28.16 4.52
N LEU A 19 27.17 -26.98 4.51
CA LEU A 19 27.87 -25.78 4.93
C LEU A 19 27.64 -25.48 6.40
N LYS A 20 28.54 -25.99 7.25
CA LYS A 20 28.56 -25.63 8.65
C LYS A 20 29.32 -24.31 8.78
N GLY A 21 28.63 -23.21 8.52
CA GLY A 21 29.31 -21.96 8.26
C GLY A 21 29.25 -20.89 9.33
N VAL A 22 30.10 -19.87 9.13
CA VAL A 22 30.13 -18.71 10.00
C VAL A 22 30.66 -17.52 9.18
N ASN A 23 30.20 -16.32 9.52
CA ASN A 23 30.70 -15.09 8.90
C ASN A 23 31.98 -14.59 9.54
N VAL A 24 32.95 -14.22 8.71
CA VAL A 24 34.23 -13.66 9.19
C VAL A 24 34.44 -12.27 8.60
N PHE A 25 34.18 -11.22 9.36
CA PHE A 25 34.21 -9.84 8.91
CA PHE A 25 34.27 -9.91 8.73
C PHE A 25 35.58 -9.18 9.01
N GLY A 26 35.72 -8.04 8.34
CA GLY A 26 36.94 -7.26 8.40
C GLY A 26 37.29 -6.70 7.04
N PHE A 27 37.28 -7.56 6.02
CA PHE A 27 37.72 -7.18 4.68
C PHE A 27 36.77 -6.16 4.02
N GLU A 28 35.63 -5.89 4.65
CA GLU A 28 34.68 -4.94 4.09
C GLU A 28 34.68 -3.64 4.90
N THR A 29 35.69 -3.48 5.74
CA THR A 29 35.77 -2.31 6.61
C THR A 29 36.97 -1.43 6.31
N GLY A 30 37.10 -0.34 7.07
CA GLY A 30 38.17 0.61 6.88
C GLY A 30 39.55 0.01 7.05
N ASN A 31 39.63 -1.11 7.76
CA ASN A 31 40.90 -1.80 7.99
C ASN A 31 41.34 -2.66 6.80
N HIS A 32 40.38 -3.09 6.00
CA HIS A 32 40.64 -3.92 4.82
C HIS A 32 41.44 -5.19 5.14
N VAL A 33 41.04 -5.87 6.22
CA VAL A 33 41.65 -7.14 6.61
C VAL A 33 40.72 -7.77 7.63
N MET A 34 40.68 -9.11 7.68
CA MET A 34 39.84 -9.78 8.68
C MET A 34 40.23 -9.32 10.08
N HIS A 35 39.23 -9.16 10.95
CA HIS A 35 39.42 -8.57 12.28
C HIS A 35 40.13 -9.50 13.25
N GLY A 36 40.72 -8.90 14.29
CA GLY A 36 41.31 -9.65 15.38
C GLY A 36 42.79 -9.88 15.26
N LEU A 37 43.39 -9.37 14.18
CA LEU A 37 44.83 -9.58 13.97
C LEU A 37 45.64 -8.61 14.83
N TRP A 38 44.97 -7.88 15.73
CA TRP A 38 45.67 -7.16 16.78
C TRP A 38 45.83 -8.07 18.01
N ALA A 39 45.00 -9.10 18.08
CA ALA A 39 44.96 -9.97 19.25
C ALA A 39 45.41 -11.40 18.93
N ARG A 40 45.28 -11.80 17.67
CA ARG A 40 45.52 -13.19 17.28
C ARG A 40 46.34 -13.31 16.00
N ASN A 41 46.94 -14.49 15.80
CA ASN A 41 47.57 -14.84 14.54
C ASN A 41 46.53 -15.38 13.57
N TRP A 42 46.51 -14.85 12.36
CA TRP A 42 45.41 -15.13 11.42
C TRP A 42 45.29 -16.62 11.10
N LYS A 43 46.43 -17.28 10.89
CA LYS A 43 46.45 -18.70 10.58
C LYS A 43 45.94 -19.53 11.75
N ASP A 44 46.34 -19.16 12.97
CA ASP A 44 45.92 -19.89 14.16
C ASP A 44 44.43 -19.70 14.44
N MET A 45 43.90 -18.52 14.12
CA MET A 45 42.49 -18.25 14.32
C MET A 45 41.63 -19.06 13.34
N ILE A 46 42.14 -19.28 12.13
CA ILE A 46 41.44 -20.12 11.17
C ILE A 46 41.46 -21.57 11.65
N VAL A 47 42.63 -22.02 12.08
CA VAL A 47 42.81 -23.37 12.61
C VAL A 47 41.80 -23.65 13.73
N GLN A 48 41.54 -22.63 14.55
CA GLN A 48 40.63 -22.78 15.67
C GLN A 48 39.18 -22.93 15.24
N MET A 49 38.76 -22.16 14.23
CA MET A 49 37.36 -22.17 13.85
C MET A 49 37.02 -23.44 13.10
N GLN A 50 38.01 -24.07 12.48
CA GLN A 50 37.76 -25.36 11.83
C GLN A 50 37.63 -26.43 12.90
N GLY A 51 38.41 -26.30 13.97
CA GLY A 51 38.41 -27.26 15.06
C GLY A 51 37.11 -27.30 15.84
N LEU A 52 36.35 -26.21 15.81
CA LEU A 52 35.08 -26.13 16.53
C LEU A 52 34.00 -26.87 15.77
N GLY A 53 34.24 -27.12 14.48
CA GLY A 53 33.31 -27.86 13.66
C GLY A 53 32.92 -27.16 12.38
N PHE A 54 33.33 -25.89 12.22
CA PHE A 54 32.99 -25.14 11.01
C PHE A 54 33.77 -25.66 9.81
N ASN A 55 33.10 -25.80 8.68
CA ASN A 55 33.79 -26.19 7.46
C ASN A 55 33.51 -25.20 6.34
N ALA A 56 32.88 -24.08 6.69
CA ALA A 56 32.50 -23.09 5.69
C ALA A 56 32.58 -21.68 6.25
N VAL A 57 32.91 -20.72 5.39
CA VAL A 57 33.11 -19.36 5.81
C VAL A 57 32.52 -18.38 4.78
N ARG A 58 31.81 -17.37 5.27
CA ARG A 58 31.32 -16.30 4.42
C ARG A 58 32.21 -15.06 4.63
N LEU A 59 32.85 -14.62 3.55
CA LEU A 59 33.81 -13.51 3.61
C LEU A 59 33.30 -12.21 3.03
N PRO A 60 32.83 -11.30 3.88
CA PRO A 60 32.52 -9.95 3.38
C PRO A 60 33.76 -9.25 2.83
N PHE A 61 33.60 -8.48 1.75
CA PHE A 61 34.67 -7.65 1.23
C PHE A 61 34.07 -6.35 0.68
N CYS A 62 34.92 -5.40 0.32
CA CYS A 62 34.47 -4.14 -0.26
C CYS A 62 35.37 -3.85 -1.45
N PRO A 63 34.94 -2.99 -2.38
CA PRO A 63 35.73 -2.66 -3.56
C PRO A 63 37.16 -2.20 -3.23
N ALA A 64 37.31 -1.30 -2.27
CA ALA A 64 38.62 -0.77 -1.91
C ALA A 64 39.63 -1.88 -1.58
N THR A 65 39.15 -2.93 -0.92
CA THR A 65 40.01 -4.06 -0.56
C THR A 65 40.59 -4.75 -1.80
N LEU A 66 39.85 -4.71 -2.90
CA LEU A 66 40.25 -5.40 -4.13
C LEU A 66 41.24 -4.59 -4.96
N ARG A 67 41.52 -3.35 -4.54
CA ARG A 67 42.44 -2.51 -5.30
C ARG A 67 43.88 -2.76 -4.90
N SER A 68 44.79 -2.56 -5.85
CA SER A 68 46.16 -3.04 -5.76
C SER A 68 46.96 -2.48 -4.58
N ASP A 69 46.79 -1.19 -4.31
CA ASP A 69 47.63 -0.52 -3.33
C ASP A 69 46.90 -0.14 -2.04
N THR A 70 45.70 -0.66 -1.84
CA THR A 70 45.01 -0.47 -0.58
C THR A 70 45.77 -1.18 0.53
N MET A 71 46.20 -0.42 1.54
CA MET A 71 46.95 -1.00 2.64
C MET A 71 46.02 -1.36 3.79
N PRO A 72 46.35 -2.43 4.53
CA PRO A 72 45.56 -2.82 5.71
C PRO A 72 45.91 -2.00 6.94
N ALA A 73 45.07 -2.11 7.97
CA ALA A 73 45.33 -1.44 9.24
C ALA A 73 44.98 -2.35 10.40
N SER A 74 45.43 -1.97 11.59
CA SER A 74 45.14 -2.68 12.85
C SER A 74 45.82 -4.04 12.97
N ILE A 75 46.72 -4.38 12.05
CA ILE A 75 47.41 -5.65 12.16
C ILE A 75 48.60 -5.55 13.10
N ASP A 76 48.63 -6.42 14.10
CA ASP A 76 49.78 -6.63 14.96
C ASP A 76 50.79 -7.53 14.26
N TYR A 77 51.85 -6.94 13.70
CA TYR A 77 52.76 -7.72 12.86
C TYR A 77 53.74 -8.56 13.68
N SER A 78 53.66 -8.47 15.01
CA SER A 78 54.42 -9.36 15.88
C SER A 78 53.80 -10.74 15.88
N ARG A 79 52.47 -10.77 15.79
CA ARG A 79 51.71 -12.02 15.77
C ARG A 79 51.45 -12.47 14.35
N ASN A 80 51.71 -11.58 13.39
CA ASN A 80 51.40 -11.85 11.99
C ASN A 80 52.54 -11.44 11.07
N ALA A 81 53.71 -12.05 11.28
CA ALA A 81 54.94 -11.65 10.59
C ALA A 81 54.87 -11.87 9.09
N ASP A 82 54.14 -12.89 8.66
CA ASP A 82 54.10 -13.22 7.25
C ASP A 82 53.12 -12.34 6.45
N LEU A 83 52.50 -11.37 7.11
CA LEU A 83 51.63 -10.42 6.42
C LEU A 83 52.28 -9.05 6.26
N GLN A 84 53.45 -8.88 6.88
CA GLN A 84 54.15 -7.60 6.84
C GLN A 84 54.52 -7.19 5.41
N GLY A 85 54.11 -5.99 5.03
CA GLY A 85 54.39 -5.47 3.70
C GLY A 85 53.30 -5.76 2.68
N LEU A 86 52.50 -6.80 2.94
CA LEU A 86 51.45 -7.19 2.01
C LEU A 86 50.35 -6.15 1.89
N THR A 87 49.82 -5.99 0.67
CA THR A 87 48.63 -5.17 0.47
C THR A 87 47.42 -5.98 0.89
N SER A 88 46.30 -5.32 1.14
CA SER A 88 45.10 -6.01 1.58
C SER A 88 44.63 -7.05 0.56
N LEU A 89 44.84 -6.77 -0.71
CA LEU A 89 44.51 -7.73 -1.76
C LEU A 89 45.33 -9.01 -1.58
N GLN A 90 46.62 -8.84 -1.33
CA GLN A 90 47.50 -9.98 -1.14
C GLN A 90 47.19 -10.72 0.17
N ILE A 91 46.59 -10.04 1.13
CA ILE A 91 46.21 -10.69 2.37
C ILE A 91 44.93 -11.51 2.14
N LEU A 92 44.01 -10.95 1.35
CA LEU A 92 42.81 -11.67 0.95
C LEU A 92 43.23 -12.93 0.18
N ASP A 93 44.13 -12.75 -0.78
CA ASP A 93 44.67 -13.87 -1.55
C ASP A 93 45.18 -14.97 -0.62
N LYS A 94 45.96 -14.56 0.38
CA LYS A 94 46.59 -15.50 1.31
C LYS A 94 45.57 -16.19 2.24
N VAL A 95 44.52 -15.46 2.62
CA VAL A 95 43.50 -16.02 3.50
C VAL A 95 42.63 -17.04 2.79
N ILE A 96 42.19 -16.72 1.58
CA ILE A 96 41.41 -17.64 0.77
C ILE A 96 42.22 -18.89 0.46
N ALA A 97 43.52 -18.72 0.25
CA ALA A 97 44.40 -19.85 -0.02
C ALA A 97 44.52 -20.75 1.21
N GLU A 98 44.43 -20.16 2.39
CA GLU A 98 44.55 -20.92 3.64
C GLU A 98 43.29 -21.74 3.91
N PHE A 99 42.12 -21.12 3.75
CA PHE A 99 40.85 -21.84 3.81
C PHE A 99 40.85 -23.00 2.83
N ASN A 100 41.38 -22.74 1.64
CA ASN A 100 41.41 -23.75 0.58
C ASN A 100 42.28 -24.94 0.93
N ALA A 101 43.44 -24.65 1.52
CA ALA A 101 44.38 -25.70 1.91
C ALA A 101 43.85 -26.54 3.06
N ARG A 102 43.01 -25.94 3.90
CA ARG A 102 42.42 -26.66 5.03
C ARG A 102 41.13 -27.38 4.65
N GLY A 103 40.62 -27.11 3.46
CA GLY A 103 39.43 -27.78 2.97
C GLY A 103 38.17 -27.11 3.49
N MET A 104 38.23 -25.80 3.63
CA MET A 104 37.10 -25.02 4.12
C MET A 104 36.46 -24.26 2.97
N TYR A 105 35.14 -24.42 2.82
CA TYR A 105 34.39 -23.75 1.75
C TYR A 105 34.32 -22.26 2.00
N VAL A 106 34.40 -21.46 0.94
CA VAL A 106 34.37 -20.01 1.09
C VAL A 106 33.31 -19.37 0.19
N LEU A 107 32.37 -18.66 0.81
CA LEU A 107 31.38 -17.89 0.07
C LEU A 107 31.75 -16.41 0.18
N LEU A 108 32.24 -15.84 -0.92
CA LEU A 108 32.59 -14.41 -0.93
C LEU A 108 31.30 -13.57 -0.98
N ASP A 109 31.37 -12.38 -0.39
CA ASP A 109 30.19 -11.54 -0.18
C ASP A 109 30.51 -10.07 -0.46
N HIS A 110 29.82 -9.50 -1.45
CA HIS A 110 29.98 -8.09 -1.79
C HIS A 110 29.18 -7.26 -0.80
N HIS A 111 29.84 -6.81 0.27
CA HIS A 111 29.13 -6.39 1.46
C HIS A 111 28.75 -4.91 1.45
N THR A 112 29.70 -4.08 1.05
CA THR A 112 29.48 -2.63 1.06
C THR A 112 30.24 -1.97 -0.06
N PRO A 113 29.62 -0.95 -0.70
CA PRO A 113 30.25 -0.23 -1.81
C PRO A 113 31.35 0.73 -1.39
N ASP A 114 31.47 1.05 -0.09
CA ASP A 114 32.38 2.10 0.35
C ASP A 114 33.10 1.82 1.66
N CYS A 115 33.22 0.54 2.01
CA CYS A 115 33.93 0.14 3.23
C CYS A 115 33.33 0.81 4.48
N ALA A 116 32.02 1.06 4.43
CA ALA A 116 31.29 1.61 5.57
C ALA A 116 29.89 0.99 5.67
N GLY A 117 28.86 1.80 5.40
CA GLY A 117 27.48 1.33 5.51
C GLY A 117 27.02 0.38 4.42
N ILE A 118 25.85 -0.22 4.64
CA ILE A 118 25.24 -1.14 3.69
C ILE A 118 24.20 -0.43 2.83
N SER A 119 24.40 -0.43 1.51
CA SER A 119 23.54 0.34 0.63
C SER A 119 22.18 -0.32 0.43
N GLU A 120 21.14 0.50 0.25
CA GLU A 120 19.81 0.01 -0.06
C GLU A 120 19.80 -0.72 -1.40
N LEU A 121 20.40 -0.09 -2.41
CA LEU A 121 20.44 -0.65 -3.76
C LEU A 121 21.85 -1.14 -4.07
N TRP A 122 22.00 -1.74 -5.24
CA TRP A 122 23.30 -2.29 -5.64
C TRP A 122 24.24 -1.19 -6.14
N TYR A 123 23.79 0.06 -6.04
CA TYR A 123 24.58 1.20 -6.52
C TYR A 123 24.33 2.40 -5.65
N THR A 124 25.29 3.34 -5.67
CA THR A 124 25.15 4.58 -4.92
C THR A 124 25.53 5.78 -5.78
N GLY A 125 25.60 6.94 -5.17
CA GLY A 125 26.00 8.14 -5.88
C GLY A 125 27.49 8.21 -6.17
N SER A 126 28.24 7.20 -5.72
CA SER A 126 29.68 7.16 -5.96
C SER A 126 30.13 5.75 -6.35
N TYR A 127 29.17 4.87 -6.60
CA TYR A 127 29.46 3.50 -6.98
C TYR A 127 28.38 2.99 -7.95
N THR A 128 28.73 2.91 -9.22
CA THR A 128 27.74 2.60 -10.26
C THR A 128 27.46 1.11 -10.38
N GLU A 129 26.38 0.75 -11.06
CA GLU A 129 26.09 -0.66 -11.30
C GLU A 129 27.19 -1.30 -12.14
N ALA A 130 27.73 -0.54 -13.10
CA ALA A 130 28.87 -1.01 -13.88
C ALA A 130 30.06 -1.39 -12.99
N GLN A 131 30.38 -0.54 -12.02
CA GLN A 131 31.45 -0.85 -11.08
C GLN A 131 31.11 -2.08 -10.26
N TRP A 132 29.85 -2.18 -9.86
CA TRP A 132 29.37 -3.34 -9.10
C TRP A 132 29.60 -4.64 -9.87
N LEU A 133 29.11 -4.69 -11.10
CA LEU A 133 29.31 -5.86 -11.94
C LEU A 133 30.78 -6.13 -12.18
N ALA A 134 31.56 -5.08 -12.44
CA ALA A 134 32.98 -5.26 -12.72
C ALA A 134 33.69 -5.88 -11.53
N ASP A 135 33.27 -5.48 -10.32
CA ASP A 135 33.92 -5.97 -9.13
C ASP A 135 33.58 -7.44 -8.88
N LEU A 136 32.33 -7.82 -9.12
CA LEU A 136 31.93 -9.23 -9.10
C LEU A 136 32.77 -10.05 -10.09
N ARG A 137 32.93 -9.56 -11.31
CA ARG A 137 33.73 -10.28 -12.30
C ARG A 137 35.18 -10.35 -11.87
N PHE A 138 35.68 -9.30 -11.23
CA PHE A 138 37.08 -9.27 -10.78
C PHE A 138 37.35 -10.40 -9.81
N VAL A 139 36.46 -10.51 -8.83
CA VAL A 139 36.57 -11.53 -7.81
C VAL A 139 36.42 -12.93 -8.42
N ALA A 140 35.45 -13.09 -9.30
CA ALA A 140 35.23 -14.38 -9.94
C ALA A 140 36.44 -14.77 -10.77
N ASN A 141 36.97 -13.81 -11.50
CA ASN A 141 38.13 -14.05 -12.35
C ASN A 141 39.36 -14.47 -11.55
N ARG A 142 39.55 -13.86 -10.40
CA ARG A 142 40.74 -14.09 -9.60
C ARG A 142 40.75 -15.46 -8.92
N TYR A 143 39.61 -15.85 -8.35
CA TYR A 143 39.57 -17.04 -7.50
C TYR A 143 38.87 -18.23 -8.13
N LYS A 144 38.60 -18.18 -9.43
CA LYS A 144 37.83 -19.24 -10.09
C LYS A 144 38.53 -20.59 -10.10
N ASN A 145 39.83 -20.59 -9.83
CA ASN A 145 40.60 -21.83 -9.84
C ASN A 145 40.90 -22.34 -8.44
N VAL A 146 40.43 -21.60 -7.43
CA VAL A 146 40.56 -22.02 -6.04
C VAL A 146 39.38 -22.95 -5.69
N PRO A 147 39.64 -24.27 -5.66
CA PRO A 147 38.59 -25.29 -5.63
C PRO A 147 37.55 -25.12 -4.52
N TYR A 148 37.97 -24.68 -3.34
CA TYR A 148 37.05 -24.60 -2.22
C TYR A 148 36.30 -23.27 -2.12
N VAL A 149 36.53 -22.37 -3.08
CA VAL A 149 35.72 -21.17 -3.14
C VAL A 149 34.39 -21.52 -3.81
N LEU A 150 33.32 -21.32 -3.04
CA LEU A 150 32.00 -21.82 -3.37
C LEU A 150 31.30 -21.01 -4.45
N GLY A 151 31.44 -19.68 -4.39
CA GLY A 151 30.72 -18.80 -5.28
C GLY A 151 30.59 -17.41 -4.68
N LEU A 152 29.56 -16.67 -5.08
CA LEU A 152 29.43 -15.28 -4.70
C LEU A 152 28.04 -14.92 -4.20
N ASP A 153 28.01 -14.23 -3.06
CA ASP A 153 26.81 -13.58 -2.56
C ASP A 153 26.77 -12.18 -3.20
N LEU A 154 25.92 -12.02 -4.21
CA LEU A 154 26.01 -10.88 -5.15
C LEU A 154 26.00 -9.50 -4.49
N LYS A 155 25.18 -9.32 -3.46
CA LYS A 155 25.07 -8.04 -2.77
C LYS A 155 24.42 -8.23 -1.41
N ASN A 156 25.03 -7.66 -0.37
CA ASN A 156 24.53 -7.83 0.98
C ASN A 156 23.33 -6.98 1.34
N GLU A 157 22.31 -7.61 1.88
CA GLU A 157 21.20 -6.92 2.53
C GLU A 157 20.45 -5.82 1.79
N PRO A 158 19.88 -6.15 0.64
CA PRO A 158 19.07 -5.16 -0.08
C PRO A 158 17.91 -4.73 0.79
N HIS A 159 17.59 -3.45 0.78
CA HIS A 159 16.50 -2.96 1.63
C HIS A 159 16.06 -1.58 1.17
N GLY A 160 15.18 -0.95 1.94
CA GLY A 160 14.73 0.40 1.62
C GLY A 160 14.02 0.52 0.29
N ALA A 161 14.69 1.16 -0.67
CA ALA A 161 14.09 1.45 -1.96
C ALA A 161 14.11 0.23 -2.88
N ALA A 162 14.89 -0.79 -2.50
CA ALA A 162 14.98 -2.01 -3.30
C ALA A 162 13.61 -2.64 -3.48
N THR A 163 13.30 -3.03 -4.71
CA THR A 163 12.05 -3.73 -4.98
C THR A 163 12.32 -5.01 -5.78
N TRP A 164 11.24 -5.69 -6.16
CA TRP A 164 11.34 -6.97 -6.83
C TRP A 164 10.12 -7.17 -7.71
N GLY A 165 10.33 -7.18 -9.02
CA GLY A 165 9.27 -7.46 -9.98
C GLY A 165 8.22 -6.40 -10.16
N THR A 166 8.59 -5.14 -10.00
CA THR A 166 7.64 -4.04 -10.14
C THR A 166 7.71 -3.36 -11.50
N GLY A 167 8.67 -3.77 -12.33
CA GLY A 167 8.87 -3.16 -13.62
C GLY A 167 9.67 -1.87 -13.56
N ASN A 168 10.18 -1.56 -12.38
CA ASN A 168 10.98 -0.35 -12.19
C ASN A 168 12.47 -0.67 -12.16
N ALA A 169 13.18 -0.31 -13.22
CA ALA A 169 14.56 -0.77 -13.40
C ALA A 169 15.49 -0.21 -12.34
N ALA A 170 15.19 0.98 -11.85
CA ALA A 170 16.05 1.68 -10.92
C ALA A 170 16.10 1.03 -9.55
N THR A 171 15.14 0.15 -9.26
CA THR A 171 15.00 -0.39 -7.91
C THR A 171 14.80 -1.91 -7.85
N ASP A 172 14.54 -2.54 -8.99
CA ASP A 172 14.25 -3.98 -9.00
C ASP A 172 15.50 -4.82 -8.77
N TRP A 173 15.65 -5.30 -7.54
CA TRP A 173 16.78 -6.14 -7.16
C TRP A 173 16.85 -7.44 -7.96
N ASN A 174 15.70 -8.00 -8.32
CA ASN A 174 15.66 -9.26 -9.05
C ASN A 174 16.41 -9.17 -10.38
N LYS A 175 16.18 -8.09 -11.11
CA LYS A 175 16.84 -7.92 -12.40
C LYS A 175 18.32 -7.63 -12.25
N ALA A 176 18.68 -6.86 -11.23
CA ALA A 176 20.08 -6.57 -10.95
C ALA A 176 20.83 -7.84 -10.58
N ALA A 177 20.14 -8.77 -9.91
CA ALA A 177 20.75 -10.04 -9.52
C ALA A 177 20.96 -10.93 -10.73
N GLU A 178 20.04 -10.85 -11.69
CA GLU A 178 20.19 -11.59 -12.93
C GLU A 178 21.42 -11.11 -13.70
N ARG A 179 21.63 -9.80 -13.74
CA ARG A 179 22.77 -9.23 -14.45
C ARG A 179 24.08 -9.56 -13.72
N GLY A 180 24.04 -9.54 -12.39
CA GLY A 180 25.19 -9.95 -11.60
C GLY A 180 25.49 -11.43 -11.80
N SER A 181 24.45 -12.23 -11.82
CA SER A 181 24.56 -13.65 -12.08
C SER A 181 25.27 -13.92 -13.39
N ALA A 182 24.79 -13.29 -14.47
CA ALA A 182 25.35 -13.46 -15.80
C ALA A 182 26.83 -13.10 -15.84
N ALA A 183 27.20 -12.01 -15.17
CA ALA A 183 28.58 -11.55 -15.12
C ALA A 183 29.49 -12.58 -14.45
N VAL A 184 29.09 -13.06 -13.28
CA VAL A 184 29.88 -14.03 -12.54
C VAL A 184 30.01 -15.36 -13.30
N LEU A 185 28.91 -15.86 -13.86
CA LEU A 185 28.93 -17.18 -14.49
C LEU A 185 29.66 -17.17 -15.84
N ALA A 186 29.80 -15.99 -16.43
CA ALA A 186 30.53 -15.87 -17.68
C ALA A 186 32.01 -16.13 -17.45
N VAL A 187 32.45 -15.89 -16.22
CA VAL A 187 33.86 -15.98 -15.87
C VAL A 187 34.13 -17.23 -15.03
N ALA A 188 33.20 -17.53 -14.13
CA ALA A 188 33.31 -18.68 -13.24
C ALA A 188 32.03 -19.52 -13.31
N PRO A 189 31.89 -20.32 -14.37
CA PRO A 189 30.62 -21.03 -14.61
C PRO A 189 30.35 -22.17 -13.62
N LYS A 190 31.33 -22.51 -12.78
CA LYS A 190 31.15 -23.55 -11.77
C LYS A 190 30.89 -22.98 -10.39
N TRP A 191 30.70 -21.66 -10.31
CA TRP A 191 30.39 -21.01 -9.04
C TRP A 191 28.90 -20.94 -8.77
N LEU A 192 28.52 -21.01 -7.50
CA LEU A 192 27.14 -20.78 -7.10
C LEU A 192 26.85 -19.28 -6.96
N ILE A 193 25.61 -18.91 -7.23
CA ILE A 193 25.19 -17.53 -7.09
C ILE A 193 24.23 -17.42 -5.91
N ALA A 194 24.63 -16.71 -4.86
CA ALA A 194 23.75 -16.54 -3.71
C ALA A 194 22.96 -15.23 -3.85
N VAL A 195 21.65 -15.33 -3.70
CA VAL A 195 20.79 -14.16 -3.81
C VAL A 195 19.99 -13.96 -2.52
N GLU A 196 19.99 -12.73 -2.03
CA GLU A 196 19.26 -12.41 -0.81
C GLU A 196 17.94 -11.76 -1.13
N GLY A 197 17.08 -11.67 -0.12
CA GLY A 197 15.81 -11.04 -0.28
C GLY A 197 15.91 -9.53 -0.18
N ILE A 198 14.76 -8.88 -0.11
CA ILE A 198 14.68 -7.45 0.07
C ILE A 198 13.89 -7.21 1.36
N THR A 199 13.34 -6.02 1.54
CA THR A 199 12.44 -5.80 2.66
C THR A 199 10.99 -5.67 2.16
N ASP A 200 10.35 -4.53 2.42
CA ASP A 200 8.98 -4.31 1.95
C ASP A 200 8.92 -4.17 0.43
N ASN A 201 7.87 -4.72 -0.17
CA ASN A 201 7.70 -4.64 -1.62
C ASN A 201 6.28 -4.22 -2.01
N PRO A 202 6.17 -3.37 -3.04
CA PRO A 202 4.84 -2.91 -3.46
C PRO A 202 3.95 -3.99 -4.10
N VAL A 203 4.52 -5.13 -4.50
CA VAL A 203 3.70 -6.24 -5.00
C VAL A 203 4.14 -7.59 -4.44
N CYS A 204 3.19 -8.52 -4.37
CA CYS A 204 3.46 -9.92 -4.01
C CYS A 204 4.27 -10.04 -2.74
N SER A 205 3.79 -9.38 -1.68
CA SER A 205 4.45 -9.41 -0.39
C SER A 205 3.53 -8.92 0.71
N THR A 206 3.42 -9.67 1.80
CA THR A 206 2.83 -9.12 3.01
C THR A 206 3.92 -8.40 3.78
N ASN A 207 3.79 -7.08 3.91
CA ASN A 207 4.86 -6.24 4.41
C ASN A 207 4.87 -6.05 5.93
N GLY A 208 5.92 -5.38 6.42
CA GLY A 208 6.08 -5.10 7.83
C GLY A 208 6.87 -6.15 8.60
N GLY A 209 7.77 -5.69 9.45
CA GLY A 209 8.52 -6.57 10.32
C GLY A 209 9.56 -7.40 9.58
N ILE A 210 10.11 -6.83 8.52
CA ILE A 210 11.09 -7.53 7.69
C ILE A 210 12.51 -7.00 7.93
N PHE A 211 13.46 -7.91 8.09
CA PHE A 211 14.86 -7.53 8.26
C PHE A 211 15.52 -7.36 6.89
N TRP A 212 16.60 -6.57 6.85
CA TRP A 212 17.34 -6.34 5.62
C TRP A 212 17.73 -7.66 4.94
N GLY A 213 17.43 -7.77 3.65
CA GLY A 213 17.74 -8.97 2.89
C GLY A 213 16.98 -10.18 3.38
N GLY A 214 15.83 -9.94 4.02
CA GLY A 214 15.09 -11.01 4.67
C GLY A 214 13.80 -11.46 4.01
N ASN A 215 13.33 -10.72 3.00
CA ASN A 215 12.05 -11.04 2.36
C ASN A 215 12.22 -11.65 0.97
N LEU A 216 11.70 -12.85 0.80
CA LEU A 216 11.78 -13.54 -0.49
C LEU A 216 10.41 -13.70 -1.15
N GLN A 217 9.37 -13.15 -0.52
CA GLN A 217 8.00 -13.30 -1.00
C GLN A 217 7.78 -13.00 -2.50
N PRO A 218 8.36 -11.90 -3.02
CA PRO A 218 8.08 -11.58 -4.43
C PRO A 218 8.61 -12.60 -5.44
N LEU A 219 9.44 -13.54 -4.99
CA LEU A 219 9.94 -14.61 -5.87
C LEU A 219 8.81 -15.51 -6.35
N ALA A 220 7.69 -15.52 -5.64
CA ALA A 220 6.55 -16.33 -6.02
C ALA A 220 5.86 -15.77 -7.27
N CYS A 221 5.97 -14.46 -7.46
CA CYS A 221 5.35 -13.79 -8.60
C CYS A 221 6.33 -13.61 -9.74
N THR A 222 7.61 -13.49 -9.40
CA THR A 222 8.63 -13.14 -10.36
C THR A 222 9.86 -14.02 -10.19
N PRO A 223 9.89 -15.14 -10.91
CA PRO A 223 11.04 -16.05 -10.91
C PRO A 223 12.34 -15.36 -11.34
N LEU A 224 13.45 -15.83 -10.80
CA LEU A 224 14.77 -15.31 -11.18
C LEU A 224 15.28 -15.99 -12.44
N ASN A 225 15.78 -15.20 -13.39
CA ASN A 225 16.41 -15.75 -14.58
C ASN A 225 17.86 -16.11 -14.29
N ILE A 226 18.04 -17.06 -13.37
CA ILE A 226 19.34 -17.56 -12.95
C ILE A 226 19.25 -19.08 -13.01
N PRO A 227 20.29 -19.74 -13.56
CA PRO A 227 20.22 -21.20 -13.74
C PRO A 227 19.84 -21.95 -12.47
N ALA A 228 18.91 -22.89 -12.58
CA ALA A 228 18.41 -23.62 -11.42
C ALA A 228 19.54 -24.34 -10.69
N ASN A 229 20.53 -24.80 -11.44
CA ASN A 229 21.63 -25.56 -10.86
C ASN A 229 22.79 -24.69 -10.37
N ARG A 230 22.54 -23.39 -10.20
CA ARG A 230 23.52 -22.49 -9.58
C ARG A 230 22.90 -21.60 -8.52
N LEU A 231 21.59 -21.44 -8.57
CA LEU A 231 20.91 -20.47 -7.71
C LEU A 231 20.78 -20.95 -6.27
N LEU A 232 21.36 -20.18 -5.35
CA LEU A 232 21.31 -20.47 -3.94
C LEU A 232 20.66 -19.28 -3.24
N LEU A 233 19.52 -19.50 -2.59
CA LEU A 233 18.82 -18.42 -1.90
C LEU A 233 19.38 -18.29 -0.48
N ALA A 234 19.70 -17.06 -0.09
CA ALA A 234 20.41 -16.85 1.17
C ALA A 234 19.90 -15.63 1.95
N PRO A 235 18.64 -15.66 2.40
CA PRO A 235 18.15 -14.51 3.15
C PRO A 235 18.79 -14.38 4.52
N HIS A 236 18.57 -13.25 5.17
CA HIS A 236 19.04 -13.05 6.53
C HIS A 236 17.86 -13.00 7.48
N VAL A 237 18.09 -13.34 8.73
CA VAL A 237 17.08 -13.16 9.76
C VAL A 237 17.76 -12.95 11.11
N TYR A 238 17.22 -12.04 11.91
CA TYR A 238 17.78 -11.76 13.23
C TYR A 238 16.69 -11.76 14.30
N GLY A 239 17.10 -11.62 15.56
CA GLY A 239 16.18 -11.66 16.68
C GLY A 239 16.09 -10.36 17.45
N PRO A 240 15.56 -10.43 18.68
CA PRO A 240 15.18 -9.28 19.51
C PRO A 240 16.27 -8.24 19.72
N ASP A 241 17.54 -8.66 19.72
CA ASP A 241 18.62 -7.72 20.05
C ASP A 241 19.19 -7.02 18.83
N VAL A 242 18.65 -7.30 17.65
CA VAL A 242 18.97 -6.51 16.46
C VAL A 242 17.88 -5.46 16.27
N PHE A 243 16.64 -5.91 16.37
CA PHE A 243 15.49 -5.01 16.35
C PHE A 243 14.35 -5.71 17.06
N VAL A 244 13.61 -4.96 17.87
CA VAL A 244 12.46 -5.53 18.56
C VAL A 244 11.24 -5.43 17.65
N GLN A 245 11.06 -6.43 16.81
CA GLN A 245 9.86 -6.52 15.99
C GLN A 245 8.67 -6.72 16.92
N SER A 246 7.50 -6.30 16.49
CA SER A 246 6.31 -6.41 17.30
C SER A 246 5.99 -7.86 17.67
N TYR A 247 6.21 -8.78 16.74
CA TYR A 247 5.87 -10.17 16.97
C TYR A 247 6.69 -10.83 18.07
N PHE A 248 7.86 -10.27 18.35
CA PHE A 248 8.68 -10.72 19.46
C PHE A 248 7.98 -10.49 20.79
N ASN A 249 7.24 -9.38 20.87
CA ASN A 249 6.47 -9.02 22.05
C ASN A 249 5.20 -9.83 22.29
N ASP A 250 4.81 -10.63 21.31
CA ASP A 250 3.57 -11.39 21.38
C ASP A 250 3.61 -12.40 22.51
N SER A 251 2.45 -12.63 23.11
CA SER A 251 2.30 -13.63 24.17
C SER A 251 2.59 -15.03 23.66
N ASN A 252 2.19 -15.30 22.43
CA ASN A 252 2.40 -16.59 21.81
C ASN A 252 3.87 -16.96 21.66
N PHE A 253 4.70 -15.96 21.38
CA PHE A 253 6.14 -16.13 21.23
C PHE A 253 6.73 -17.21 22.14
N PRO A 254 7.54 -18.10 21.57
CA PRO A 254 7.97 -18.02 20.18
C PRO A 254 7.13 -18.87 19.22
N ASN A 255 5.98 -19.36 19.66
CA ASN A 255 5.16 -20.24 18.82
C ASN A 255 4.61 -19.55 17.58
N ASN A 256 4.59 -18.23 17.59
CA ASN A 256 4.10 -17.47 16.45
C ASN A 256 5.13 -17.32 15.35
N MET A 257 6.39 -17.58 15.68
CA MET A 257 7.49 -17.33 14.76
C MET A 257 7.53 -18.19 13.48
N PRO A 258 7.29 -19.52 13.57
CA PRO A 258 7.39 -20.34 12.35
C PRO A 258 6.55 -19.84 11.16
N ALA A 259 5.38 -19.27 11.42
CA ALA A 259 4.54 -18.73 10.34
C ALA A 259 5.21 -17.53 9.68
N ILE A 260 5.93 -16.76 10.47
CA ILE A 260 6.58 -15.55 9.99
C ILE A 260 7.84 -15.88 9.17
N TRP A 261 8.62 -16.82 9.68
CA TRP A 261 9.78 -17.33 8.95
C TRP A 261 9.33 -18.03 7.67
N GLU A 262 8.24 -18.77 7.76
CA GLU A 262 7.69 -19.45 6.60
C GLU A 262 7.33 -18.44 5.51
N ARG A 263 6.60 -17.39 5.90
CA ARG A 263 6.22 -16.33 4.98
C ARG A 263 7.39 -15.65 4.29
N HIS A 264 8.34 -15.16 5.08
CA HIS A 264 9.53 -14.47 4.58
C HIS A 264 10.53 -15.27 3.75
N PHE A 265 10.87 -16.48 4.18
CA PHE A 265 11.76 -17.31 3.38
C PHE A 265 11.42 -18.77 3.28
N GLY A 266 10.78 -19.29 4.30
CA GLY A 266 10.67 -20.72 4.52
C GLY A 266 9.89 -21.46 3.50
N GLN A 267 8.84 -20.83 3.03
CA GLN A 267 7.95 -21.42 2.04
C GLN A 267 8.66 -21.77 0.73
N PHE A 268 9.87 -21.26 0.55
CA PHE A 268 10.62 -21.51 -0.68
C PHE A 268 11.58 -22.67 -0.54
N ALA A 269 11.70 -23.20 0.69
CA ALA A 269 12.68 -24.25 0.98
C ALA A 269 12.42 -25.51 0.20
N GLY A 270 11.15 -25.79 -0.08
CA GLY A 270 10.76 -27.04 -0.71
C GLY A 270 11.03 -27.09 -2.21
N THR A 271 11.26 -25.93 -2.82
CA THR A 271 11.48 -25.88 -4.27
C THR A 271 12.79 -25.20 -4.66
N HIS A 272 13.45 -24.56 -3.71
CA HIS A 272 14.74 -23.92 -3.96
C HIS A 272 15.78 -24.33 -2.93
N ALA A 273 17.03 -24.45 -3.36
CA ALA A 273 18.13 -24.58 -2.41
C ALA A 273 18.15 -23.34 -1.56
N LEU A 274 18.11 -23.51 -0.24
CA LEU A 274 18.02 -22.37 0.66
C LEU A 274 18.80 -22.59 1.96
N LEU A 275 19.44 -21.51 2.41
CA LEU A 275 20.10 -21.47 3.70
C LEU A 275 20.10 -20.02 4.18
N LEU A 276 20.47 -19.78 5.43
CA LEU A 276 20.59 -18.41 5.91
C LEU A 276 22.02 -17.88 5.75
N GLY A 277 22.15 -16.75 5.07
CA GLY A 277 23.45 -16.10 4.92
C GLY A 277 23.93 -15.50 6.22
N GLU A 278 23.01 -14.96 7.00
CA GLU A 278 23.30 -14.43 8.33
C GLU A 278 22.16 -14.70 9.29
N PHE A 279 22.48 -15.27 10.44
CA PHE A 279 21.54 -15.35 11.55
C PHE A 279 22.34 -15.43 12.85
N GLY A 280 21.77 -14.93 13.94
CA GLY A 280 22.51 -14.86 15.18
C GLY A 280 22.03 -13.79 16.14
N GLY A 281 22.75 -13.65 17.25
CA GLY A 281 22.34 -12.78 18.33
C GLY A 281 23.06 -13.12 19.62
N LYS A 282 22.80 -12.35 20.67
CA LYS A 282 23.61 -12.43 21.87
C LYS A 282 23.40 -13.71 22.67
N TYR A 283 22.32 -14.42 22.42
CA TYR A 283 22.08 -15.69 23.07
C TYR A 283 22.14 -15.66 24.59
N GLY A 284 21.46 -14.69 25.15
CA GLY A 284 21.26 -14.59 26.56
C GLY A 284 22.22 -13.67 27.25
N GLU A 285 23.32 -13.38 26.59
CA GLU A 285 24.20 -12.32 27.02
C GLU A 285 23.51 -11.01 26.77
N GLY A 286 22.55 -11.00 25.87
CA GLY A 286 21.84 -9.77 25.61
C GLY A 286 20.40 -9.65 26.02
N ASP A 287 19.68 -10.76 26.00
CA ASP A 287 18.25 -10.75 26.31
C ASP A 287 17.80 -12.11 26.78
N ALA A 288 16.66 -12.13 27.46
CA ALA A 288 15.97 -13.37 27.80
C ALA A 288 15.46 -14.07 26.55
N ARG A 289 14.95 -13.27 25.62
CA ARG A 289 14.25 -13.76 24.43
C ARG A 289 15.17 -14.24 23.32
N ASP A 290 16.39 -13.71 23.25
CA ASP A 290 17.25 -14.07 22.14
C ASP A 290 17.68 -15.52 22.25
N LYS A 291 17.80 -16.00 23.49
CA LYS A 291 18.05 -17.41 23.73
C LYS A 291 16.91 -18.21 23.11
N THR A 292 15.70 -17.96 23.60
CA THR A 292 14.50 -18.59 23.08
C THR A 292 14.38 -18.47 21.56
N TRP A 293 14.63 -17.28 21.03
CA TRP A 293 14.50 -17.03 19.60
C TRP A 293 15.43 -17.89 18.76
N GLN A 294 16.71 -17.96 19.14
CA GLN A 294 17.69 -18.75 18.40
C GLN A 294 17.33 -20.23 18.46
N ASP A 295 16.92 -20.69 19.64
CA ASP A 295 16.50 -22.07 19.81
C ASP A 295 15.36 -22.43 18.87
N ALA A 296 14.35 -21.56 18.81
CA ALA A 296 13.18 -21.80 17.96
C ALA A 296 13.51 -21.79 16.48
N LEU A 297 14.42 -20.90 16.07
CA LEU A 297 14.83 -20.82 14.68
C LEU A 297 15.50 -22.11 14.24
N VAL A 298 16.38 -22.64 15.09
CA VAL A 298 17.06 -23.90 14.80
C VAL A 298 16.04 -25.04 14.68
N LYS A 299 15.12 -25.09 15.63
CA LYS A 299 14.04 -26.09 15.60
C LYS A 299 13.25 -26.00 14.29
N TYR A 300 12.96 -24.79 13.85
CA TYR A 300 12.21 -24.58 12.61
C TYR A 300 13.03 -24.93 11.37
N LEU A 301 14.30 -24.54 11.37
CA LEU A 301 15.20 -24.86 10.27
C LEU A 301 15.32 -26.37 10.08
N ARG A 302 15.55 -27.10 11.18
CA ARG A 302 15.63 -28.56 11.14
C ARG A 302 14.38 -29.17 10.52
N SER A 303 13.22 -28.59 10.82
CA SER A 303 11.95 -29.11 10.35
C SER A 303 11.73 -28.85 8.86
N LYS A 304 12.38 -27.81 8.34
CA LYS A 304 12.27 -27.49 6.93
C LYS A 304 13.34 -28.22 6.12
N GLY A 305 14.05 -29.14 6.78
CA GLY A 305 15.08 -29.93 6.13
C GLY A 305 16.37 -29.17 5.92
N ILE A 306 16.52 -28.07 6.66
CA ILE A 306 17.69 -27.21 6.56
C ILE A 306 18.64 -27.42 7.73
N ASN A 307 19.86 -27.85 7.44
CA ASN A 307 20.87 -28.02 8.49
C ASN A 307 22.19 -27.35 8.16
N GLN A 308 22.10 -26.19 7.52
CA GLN A 308 23.28 -25.43 7.13
C GLN A 308 22.98 -23.94 7.02
N GLY A 309 24.04 -23.15 6.93
CA GLY A 309 23.90 -21.71 6.90
C GLY A 309 25.15 -21.06 7.46
N PHE A 310 25.13 -19.75 7.59
CA PHE A 310 26.29 -19.01 8.07
C PHE A 310 25.95 -18.16 9.28
N TYR A 311 26.41 -18.60 10.45
CA TYR A 311 26.19 -17.86 11.68
C TYR A 311 26.83 -16.48 11.67
N TRP A 312 26.19 -15.52 12.34
CA TRP A 312 26.72 -14.17 12.50
CA TRP A 312 26.80 -14.20 12.50
C TRP A 312 27.03 -13.90 13.98
N SER A 313 28.30 -13.82 14.37
CA SER A 313 29.45 -13.97 13.48
C SER A 313 30.60 -14.65 14.23
N TRP A 314 31.75 -14.75 13.57
CA TRP A 314 32.96 -15.21 14.25
C TRP A 314 33.43 -14.17 15.24
N ASN A 315 33.63 -12.96 14.74
CA ASN A 315 34.14 -11.84 15.50
C ASN A 315 33.21 -11.38 16.60
N PRO A 316 33.78 -11.03 17.75
CA PRO A 316 33.05 -10.44 18.85
C PRO A 316 32.55 -9.06 18.57
N ASN A 317 33.34 -8.27 17.86
CA ASN A 317 33.06 -6.87 17.74
C ASN A 317 32.07 -6.61 16.63
N SER A 318 30.91 -7.24 16.76
CA SER A 318 29.80 -6.92 15.90
C SER A 318 28.79 -6.33 16.84
N GLY A 319 28.38 -5.11 16.57
CA GLY A 319 27.44 -4.47 17.46
C GLY A 319 26.14 -5.24 17.43
N ASP A 320 25.59 -5.49 18.61
CA ASP A 320 24.27 -6.07 18.74
C ASP A 320 24.16 -7.58 18.66
N THR A 321 25.25 -8.31 18.43
CA THR A 321 25.11 -9.76 18.60
C THR A 321 26.24 -10.44 19.36
N GLY A 322 27.43 -9.86 19.31
CA GLY A 322 28.61 -10.58 19.76
C GLY A 322 28.90 -11.67 18.74
N GLY A 323 29.76 -12.61 19.10
CA GLY A 323 30.15 -13.64 18.15
C GLY A 323 30.37 -14.99 18.80
N ILE A 324 31.15 -15.83 18.14
CA ILE A 324 31.54 -17.12 18.69
C ILE A 324 32.66 -16.89 19.72
N LEU A 325 33.57 -15.99 19.39
CA LEU A 325 34.62 -15.58 20.32
C LEU A 325 34.12 -14.50 21.28
N ARG A 326 34.63 -14.50 22.49
CA ARG A 326 34.37 -13.41 23.43
C ARG A 326 35.30 -12.24 23.12
N ASP A 327 35.25 -11.22 23.95
CA ASP A 327 35.98 -9.97 23.69
C ASP A 327 37.50 -10.13 23.83
N ASP A 328 37.94 -11.22 24.45
CA ASP A 328 39.37 -11.49 24.59
C ASP A 328 39.94 -12.14 23.34
N TRP A 329 39.07 -12.41 22.37
CA TRP A 329 39.44 -12.97 21.08
C TRP A 329 40.04 -14.37 21.16
N THR A 330 39.88 -15.02 22.31
CA THR A 330 40.40 -16.37 22.50
C THR A 330 39.37 -17.33 23.05
N SER A 331 38.46 -16.83 23.88
CA SER A 331 37.48 -17.69 24.54
C SER A 331 36.26 -17.96 23.67
N VAL A 332 35.77 -19.20 23.68
CA VAL A 332 34.67 -19.61 22.81
C VAL A 332 33.35 -19.73 23.56
N ARG A 333 32.31 -19.13 22.99
CA ARG A 333 30.95 -19.23 23.53
C ARG A 333 30.37 -20.62 23.30
N GLN A 334 30.50 -21.48 24.30
CA GLN A 334 30.16 -22.89 24.16
C GLN A 334 28.68 -23.15 23.89
N ASP A 335 27.79 -22.32 24.44
CA ASP A 335 26.36 -22.53 24.25
C ASP A 335 25.97 -22.22 22.80
N LYS A 336 26.61 -21.20 22.23
CA LYS A 336 26.40 -20.89 20.82
C LYS A 336 26.87 -22.06 19.95
N MET A 337 27.98 -22.68 20.32
CA MET A 337 28.48 -23.82 19.56
C MET A 337 27.58 -25.05 19.70
N THR A 338 27.00 -25.23 20.88
CA THR A 338 26.11 -26.37 21.10
C THR A 338 24.83 -26.19 20.29
N LEU A 339 24.40 -24.94 20.13
CA LEU A 339 23.23 -24.62 19.31
C LEU A 339 23.48 -24.92 17.83
N LEU A 340 24.65 -24.54 17.34
CA LEU A 340 25.00 -24.75 15.95
C LEU A 340 25.16 -26.24 15.63
N ARG A 341 25.77 -27.00 16.53
CA ARG A 341 25.95 -28.43 16.29
C ARG A 341 24.60 -29.13 16.27
N THR A 342 23.65 -28.61 17.04
CA THR A 342 22.29 -29.10 17.01
C THR A 342 21.69 -28.90 15.63
N LEU A 343 21.85 -27.70 15.10
CA LEU A 343 21.40 -27.37 13.75
C LEU A 343 22.08 -28.26 12.70
N TRP A 344 23.38 -28.44 12.84
CA TRP A 344 24.16 -29.21 11.87
C TRP A 344 23.86 -30.70 11.90
N GLY A 345 23.33 -31.19 13.02
CA GLY A 345 23.06 -32.61 13.18
C GLY A 345 24.31 -33.37 13.59
N THR A 346 25.12 -32.74 14.43
CA THR A 346 26.40 -33.29 14.86
C THR A 346 26.52 -33.34 16.38
N TYR B 1 6.47 33.66 7.16
CA TYR B 1 7.92 33.80 7.24
C TYR B 1 8.50 34.00 5.85
N SER B 2 9.65 34.66 5.77
CA SER B 2 10.33 34.84 4.50
C SER B 2 11.81 35.10 4.69
N ILE B 3 12.56 35.05 3.59
CA ILE B 3 13.98 35.39 3.60
C ILE B 3 14.19 36.73 2.89
N ASN B 4 14.83 37.68 3.57
CA ASN B 4 15.06 39.00 2.98
C ASN B 4 16.30 39.03 2.10
N ASN B 5 16.65 40.22 1.62
CA ASN B 5 17.83 40.38 0.76
C ASN B 5 19.15 40.20 1.51
N SER B 6 19.09 40.22 2.84
CA SER B 6 20.28 40.08 3.66
C SER B 6 20.43 38.63 4.14
N ARG B 7 19.66 37.74 3.52
CA ARG B 7 19.64 36.31 3.84
C ARG B 7 19.21 36.03 5.28
N GLN B 8 18.51 36.99 5.86
CA GLN B 8 17.97 36.81 7.19
C GLN B 8 16.56 36.23 7.13
N ILE B 9 16.16 35.52 8.17
CA ILE B 9 14.78 35.08 8.33
C ILE B 9 13.97 36.18 9.00
N VAL B 10 12.79 36.48 8.45
CA VAL B 10 11.93 37.49 9.06
C VAL B 10 10.52 36.94 9.27
N ASP B 11 9.86 37.39 10.34
CA ASP B 11 8.47 37.01 10.58
C ASP B 11 7.54 37.99 9.88
N ASP B 12 6.25 37.93 10.20
CA ASP B 12 5.27 38.82 9.58
C ASP B 12 5.45 40.28 10.00
N SER B 13 5.84 40.51 11.24
CA SER B 13 6.03 41.87 11.73
C SER B 13 7.29 42.51 11.12
N GLY B 14 8.04 41.71 10.37
CA GLY B 14 9.23 42.21 9.69
C GLY B 14 10.49 42.14 10.53
N LYS B 15 10.33 41.77 11.80
CA LYS B 15 11.47 41.65 12.70
C LYS B 15 12.31 40.42 12.36
N VAL B 16 13.63 40.57 12.48
CA VAL B 16 14.56 39.49 12.19
C VAL B 16 14.41 38.37 13.22
N VAL B 17 14.55 37.14 12.76
CA VAL B 17 14.43 35.97 13.62
C VAL B 17 15.77 35.24 13.75
N GLN B 18 16.24 35.10 14.99
CA GLN B 18 17.41 34.27 15.25
C GLN B 18 16.98 32.94 15.84
N LEU B 19 17.34 31.85 15.17
CA LEU B 19 17.00 30.52 15.66
C LEU B 19 18.09 30.00 16.59
N LYS B 20 17.91 30.25 17.87
CA LYS B 20 18.76 29.65 18.90
C LYS B 20 18.13 28.32 19.30
N GLY B 21 18.46 27.27 18.56
CA GLY B 21 17.66 26.05 18.60
C GLY B 21 18.33 24.73 18.89
N VAL B 22 17.51 23.70 19.02
CA VAL B 22 17.96 22.36 19.36
C VAL B 22 17.01 21.29 18.80
N ASN B 23 17.54 20.13 18.45
CA ASN B 23 16.72 19.01 18.00
C ASN B 23 16.08 18.28 19.18
N VAL B 24 14.79 17.97 19.07
CA VAL B 24 14.10 17.17 20.08
C VAL B 24 13.46 15.94 19.46
N PHE B 25 14.07 14.78 19.68
CA PHE B 25 13.65 13.54 19.03
C PHE B 25 12.56 12.78 19.80
N GLY B 26 11.94 11.83 19.12
CA GLY B 26 10.99 10.94 19.74
C GLY B 26 9.80 10.63 18.84
N PHE B 27 9.26 11.67 18.21
CA PHE B 27 8.06 11.52 17.39
C PHE B 27 8.33 10.75 16.09
N GLU B 28 9.61 10.53 15.79
CA GLU B 28 9.96 9.81 14.58
C GLU B 28 10.32 8.37 14.89
N THR B 29 10.14 7.98 16.15
CA THR B 29 10.51 6.64 16.59
C THR B 29 9.30 5.76 16.83
N GLY B 30 9.55 4.50 17.17
CA GLY B 30 8.49 3.54 17.45
C GLY B 30 7.68 3.88 18.68
N ASN B 31 8.22 4.74 19.54
CA ASN B 31 7.49 5.27 20.69
C ASN B 31 6.44 6.29 20.28
N HIS B 32 6.63 6.92 19.11
CA HIS B 32 5.70 7.90 18.57
C HIS B 32 5.41 9.07 19.51
N VAL B 33 6.40 9.50 20.28
CA VAL B 33 6.26 10.64 21.19
C VAL B 33 7.64 11.10 21.64
N MET B 34 7.79 12.40 21.91
CA MET B 34 9.10 12.95 22.28
C MET B 34 9.68 12.20 23.47
N HIS B 35 10.99 11.93 23.42
CA HIS B 35 11.64 11.08 24.41
C HIS B 35 11.79 11.74 25.78
N GLY B 36 11.88 10.90 26.82
CA GLY B 36 12.16 11.38 28.16
C GLY B 36 10.97 11.42 29.10
N LEU B 37 9.79 11.07 28.61
CA LEU B 37 8.58 11.14 29.42
C LEU B 37 8.45 9.96 30.36
N TRP B 38 9.49 9.12 30.42
CA TRP B 38 9.55 8.07 31.42
C TRP B 38 10.28 8.59 32.65
N ALA B 39 10.76 9.83 32.57
CA ALA B 39 11.56 10.42 33.64
C ALA B 39 11.29 11.91 33.85
N ARG B 40 10.55 12.52 32.93
CA ARG B 40 10.25 13.94 33.01
C ARG B 40 8.80 14.23 32.61
N ASN B 41 8.30 15.37 33.09
CA ASN B 41 7.04 15.90 32.59
C ASN B 41 7.28 16.65 31.30
N TRP B 42 6.46 16.39 30.28
CA TRP B 42 6.66 16.95 28.94
C TRP B 42 6.60 18.49 28.95
N LYS B 43 5.68 19.03 29.73
CA LYS B 43 5.47 20.47 29.79
C LYS B 43 6.66 21.17 30.43
N ASP B 44 7.22 20.53 31.46
CA ASP B 44 8.32 21.13 32.21
C ASP B 44 9.67 21.04 31.49
N MET B 45 9.85 20.00 30.67
CA MET B 45 11.07 19.90 29.88
C MET B 45 11.15 21.06 28.90
N ILE B 46 9.98 21.45 28.38
CA ILE B 46 9.88 22.60 27.48
C ILE B 46 10.25 23.89 28.20
N VAL B 47 9.76 24.04 29.42
CA VAL B 47 10.11 25.19 30.25
C VAL B 47 11.62 25.24 30.47
N GLN B 48 12.22 24.07 30.68
CA GLN B 48 13.65 23.97 30.87
C GLN B 48 14.43 24.43 29.63
N MET B 49 13.97 24.03 28.45
CA MET B 49 14.60 24.46 27.19
C MET B 49 14.62 25.99 27.09
N GLN B 50 13.46 26.60 27.34
CA GLN B 50 13.33 28.05 27.22
C GLN B 50 14.19 28.76 28.25
N GLY B 51 14.23 28.21 29.47
CA GLY B 51 15.00 28.77 30.56
C GLY B 51 16.49 28.82 30.26
N LEU B 52 16.98 27.81 29.55
CA LEU B 52 18.39 27.72 29.18
C LEU B 52 18.77 28.70 28.07
N GLY B 53 17.77 29.28 27.40
CA GLY B 53 18.04 30.25 26.36
C GLY B 53 17.59 29.89 24.95
N PHE B 54 17.29 28.61 24.71
CA PHE B 54 16.76 28.19 23.41
C PHE B 54 15.45 28.90 23.09
N ASN B 55 15.24 29.24 21.82
CA ASN B 55 14.01 29.89 21.39
C ASN B 55 13.45 29.23 20.14
N ALA B 56 14.04 28.11 19.77
CA ALA B 56 13.64 27.39 18.57
C ALA B 56 13.89 25.90 18.74
N VAL B 57 13.11 25.09 18.03
CA VAL B 57 13.25 23.65 18.14
C VAL B 57 12.97 22.94 16.81
N ARG B 58 13.78 21.93 16.52
CA ARG B 58 13.55 21.06 15.37
C ARG B 58 12.86 19.78 15.83
N LEU B 59 11.69 19.49 15.25
CA LEU B 59 10.87 18.35 15.68
C LEU B 59 10.74 17.29 14.62
N PRO B 60 11.56 16.23 14.69
CA PRO B 60 11.41 15.07 13.82
C PRO B 60 10.07 14.39 14.00
N PHE B 61 9.49 13.89 12.91
CA PHE B 61 8.28 13.08 12.98
C PHE B 61 8.35 12.00 11.92
N CYS B 62 7.40 11.07 11.95
CA CYS B 62 7.28 10.01 10.96
C CYS B 62 5.81 9.88 10.57
N PRO B 63 5.51 9.20 9.45
CA PRO B 63 4.11 9.06 9.04
C PRO B 63 3.21 8.41 10.10
N ALA B 64 3.67 7.36 10.78
CA ALA B 64 2.83 6.67 11.77
C ALA B 64 2.30 7.61 12.85
N THR B 65 3.10 8.59 13.24
CA THR B 65 2.71 9.54 14.25
C THR B 65 1.53 10.40 13.80
N LEU B 66 1.44 10.62 12.49
CA LEU B 66 0.40 11.49 11.92
C LEU B 66 -0.95 10.78 11.75
N ARG B 67 -0.98 9.47 11.96
CA ARG B 67 -2.24 8.75 11.89
C ARG B 67 -3.07 9.05 13.12
N SER B 68 -4.38 9.20 12.94
CA SER B 68 -5.26 9.64 14.02
C SER B 68 -5.41 8.61 15.15
N ASP B 69 -5.07 7.35 14.85
CA ASP B 69 -5.34 6.25 15.76
C ASP B 69 -4.07 5.69 16.44
N THR B 70 -2.92 6.29 16.18
CA THR B 70 -1.65 5.76 16.67
C THR B 70 -1.42 6.05 18.17
N MET B 71 -1.21 5.00 18.95
CA MET B 71 -0.98 5.14 20.38
C MET B 71 0.52 5.16 20.68
N PRO B 72 0.93 6.03 21.62
CA PRO B 72 2.35 6.14 22.02
C PRO B 72 2.81 5.06 22.99
N ALA B 73 4.11 5.07 23.26
CA ALA B 73 4.72 4.16 24.23
C ALA B 73 5.75 4.93 25.05
N SER B 74 6.22 4.31 26.14
CA SER B 74 7.29 4.83 26.99
C SER B 74 6.89 6.05 27.84
N ILE B 75 5.62 6.41 27.85
CA ILE B 75 5.19 7.56 28.64
C ILE B 75 4.85 7.15 30.07
N ASP B 76 5.63 7.63 31.03
CA ASP B 76 5.31 7.43 32.44
C ASP B 76 4.18 8.37 32.83
N TYR B 77 2.96 7.86 32.82
CA TYR B 77 1.78 8.70 32.97
C TYR B 77 1.62 9.25 34.39
N SER B 78 2.46 8.79 35.31
CA SER B 78 2.45 9.35 36.66
C SER B 78 3.01 10.77 36.66
N ARG B 79 3.93 11.02 35.73
CA ARG B 79 4.53 12.35 35.57
C ARG B 79 3.83 13.11 34.45
N ASN B 80 3.07 12.39 33.63
CA ASN B 80 2.38 13.01 32.50
C ASN B 80 0.93 12.51 32.39
N ALA B 81 0.15 12.80 33.42
CA ALA B 81 -1.22 12.28 33.51
C ALA B 81 -2.16 12.93 32.51
N ASP B 82 -1.85 14.15 32.10
CA ASP B 82 -2.72 14.87 31.18
C ASP B 82 -2.56 14.36 29.74
N LEU B 83 -1.63 13.43 29.54
CA LEU B 83 -1.43 12.82 28.23
C LEU B 83 -2.05 11.43 28.16
N GLN B 84 -2.81 11.08 29.20
CA GLN B 84 -3.43 9.75 29.28
C GLN B 84 -4.59 9.62 28.29
N GLY B 85 -4.54 8.59 27.45
CA GLY B 85 -5.62 8.32 26.51
C GLY B 85 -5.48 9.09 25.21
N LEU B 86 -4.50 10.01 25.14
CA LEU B 86 -4.29 10.78 23.92
C LEU B 86 -3.52 9.96 22.89
N THR B 87 -3.84 10.20 21.62
CA THR B 87 -3.12 9.58 20.51
C THR B 87 -1.80 10.29 20.30
N SER B 88 -0.91 9.70 19.52
CA SER B 88 0.37 10.33 19.24
C SER B 88 0.16 11.66 18.53
N LEU B 89 -0.82 11.69 17.61
CA LEU B 89 -1.12 12.92 16.89
C LEU B 89 -1.59 13.99 17.86
N GLN B 90 -2.45 13.62 18.80
CA GLN B 90 -2.97 14.56 19.78
C GLN B 90 -1.89 15.12 20.71
N ILE B 91 -0.94 14.28 21.11
CA ILE B 91 0.17 14.74 21.96
C ILE B 91 1.05 15.71 21.19
N LEU B 92 1.27 15.41 19.91
CA LEU B 92 2.02 16.31 19.03
C LEU B 92 1.33 17.68 18.92
N ASP B 93 0.00 17.67 18.93
CA ASP B 93 -0.75 18.92 18.87
C ASP B 93 -0.49 19.79 20.11
N LYS B 94 -0.51 19.17 21.29
CA LYS B 94 -0.32 19.92 22.54
C LYS B 94 1.14 20.38 22.66
N VAL B 95 2.07 19.55 22.22
CA VAL B 95 3.49 19.89 22.29
C VAL B 95 3.79 21.09 21.38
N ILE B 96 3.27 21.08 20.16
CA ILE B 96 3.42 22.22 19.25
C ILE B 96 2.72 23.47 19.80
N ALA B 97 1.53 23.29 20.37
CA ALA B 97 0.80 24.42 20.95
C ALA B 97 1.54 25.04 22.14
N GLU B 98 2.19 24.19 22.94
CA GLU B 98 2.97 24.66 24.09
C GLU B 98 4.18 25.47 23.64
N PHE B 99 4.87 25.01 22.60
CA PHE B 99 5.96 25.79 22.01
C PHE B 99 5.44 27.13 21.52
N ASN B 100 4.32 27.09 20.81
CA ASN B 100 3.76 28.31 20.25
C ASN B 100 3.35 29.31 21.33
N ALA B 101 2.79 28.78 22.42
CA ALA B 101 2.35 29.61 23.53
C ALA B 101 3.53 30.31 24.22
N ARG B 102 4.73 29.75 24.06
CA ARG B 102 5.90 30.30 24.71
C ARG B 102 6.80 31.10 23.76
N GLY B 103 6.33 31.27 22.54
CA GLY B 103 7.05 32.06 21.55
C GLY B 103 8.34 31.40 21.09
N MET B 104 8.31 30.08 21.00
CA MET B 104 9.46 29.31 20.52
C MET B 104 9.17 28.75 19.14
N TYR B 105 10.07 29.01 18.20
CA TYR B 105 9.87 28.63 16.80
C TYR B 105 10.01 27.13 16.61
N VAL B 106 9.18 26.56 15.76
CA VAL B 106 9.22 25.13 15.51
C VAL B 106 9.47 24.80 14.04
N LEU B 107 10.60 24.14 13.77
CA LEU B 107 10.88 23.60 12.45
C LEU B 107 10.53 22.13 12.45
N LEU B 108 9.53 21.73 11.67
CA LEU B 108 9.13 20.34 11.58
C LEU B 108 10.00 19.63 10.55
N ASP B 109 10.14 18.33 10.70
CA ASP B 109 11.15 17.57 9.99
C ASP B 109 10.66 16.17 9.69
N HIS B 110 10.53 15.84 8.40
CA HIS B 110 10.15 14.50 7.98
C HIS B 110 11.38 13.60 8.08
N HIS B 111 11.50 12.90 9.20
CA HIS B 111 12.76 12.28 9.58
C HIS B 111 12.95 10.87 9.02
N THR B 112 11.86 10.09 9.01
CA THR B 112 11.96 8.69 8.61
C THR B 112 10.64 8.19 8.02
N PRO B 113 10.71 7.36 6.96
CA PRO B 113 9.50 6.86 6.33
C PRO B 113 8.80 5.75 7.12
N ASP B 114 9.53 5.02 7.95
CA ASP B 114 8.94 3.85 8.61
C ASP B 114 9.20 3.78 10.13
N CYS B 115 9.40 4.94 10.76
CA CYS B 115 9.55 5.00 12.21
C CYS B 115 10.69 4.13 12.72
N ALA B 116 11.73 4.01 11.92
CA ALA B 116 12.94 3.30 12.30
C ALA B 116 14.16 4.01 11.71
N GLY B 117 14.65 3.49 10.59
CA GLY B 117 15.85 4.03 9.98
C GLY B 117 15.64 5.19 9.02
N ILE B 118 16.72 5.90 8.73
CA ILE B 118 16.71 7.00 7.79
C ILE B 118 16.97 6.47 6.39
N SER B 119 16.13 6.89 5.44
CA SER B 119 16.20 6.35 4.09
C SER B 119 17.15 7.16 3.22
N GLU B 120 17.82 6.48 2.31
CA GLU B 120 18.70 7.14 1.34
C GLU B 120 17.91 8.12 0.48
N LEU B 121 16.76 7.68 -0.01
CA LEU B 121 15.93 8.49 -0.89
C LEU B 121 14.69 8.98 -0.15
N TRP B 122 13.90 9.78 -0.84
CA TRP B 122 12.65 10.31 -0.28
C TRP B 122 11.49 9.32 -0.41
N TYR B 123 11.77 8.12 -0.93
CA TYR B 123 10.75 7.08 -1.05
C TYR B 123 11.35 5.71 -0.77
N THR B 124 10.50 4.74 -0.47
CA THR B 124 10.95 3.36 -0.29
C THR B 124 9.98 2.38 -0.96
N GLY B 125 10.24 1.10 -0.78
CA GLY B 125 9.39 0.06 -1.34
C GLY B 125 7.99 0.06 -0.77
N SER B 126 7.81 0.66 0.41
CA SER B 126 6.50 0.72 1.04
C SER B 126 6.12 2.14 1.40
N TYR B 127 6.81 3.10 0.81
CA TYR B 127 6.50 4.51 0.98
C TYR B 127 6.80 5.27 -0.30
N THR B 128 5.76 5.56 -1.06
CA THR B 128 5.91 6.22 -2.35
C THR B 128 6.19 7.71 -2.20
N GLU B 129 6.73 8.32 -3.25
CA GLU B 129 6.89 9.78 -3.29
C GLU B 129 5.55 10.48 -3.10
N ALA B 130 4.50 9.89 -3.65
CA ALA B 130 3.16 10.45 -3.55
C ALA B 130 2.72 10.54 -2.10
N GLN B 131 3.07 9.53 -1.32
CA GLN B 131 2.76 9.52 0.11
C GLN B 131 3.59 10.55 0.84
N TRP B 132 4.87 10.61 0.51
CA TRP B 132 5.78 11.62 1.06
C TRP B 132 5.23 13.03 0.87
N LEU B 133 4.83 13.36 -0.36
CA LEU B 133 4.21 14.64 -0.66
C LEU B 133 2.93 14.86 0.13
N ALA B 134 2.12 13.81 0.25
CA ALA B 134 0.85 13.90 0.96
C ALA B 134 1.08 14.24 2.42
N ASP B 135 2.03 13.56 3.05
CA ASP B 135 2.34 13.78 4.47
C ASP B 135 2.96 15.16 4.73
N LEU B 136 3.58 15.75 3.72
CA LEU B 136 4.07 17.11 3.86
C LEU B 136 2.89 18.08 3.82
N ARG B 137 1.94 17.79 2.93
CA ARG B 137 0.72 18.59 2.84
C ARG B 137 -0.10 18.46 4.11
N PHE B 138 -0.15 17.25 4.65
CA PHE B 138 -0.89 16.98 5.87
C PHE B 138 -0.42 17.87 7.01
N VAL B 139 0.89 17.82 7.25
CA VAL B 139 1.50 18.57 8.33
C VAL B 139 1.35 20.07 8.11
N ALA B 140 1.56 20.50 6.85
CA ALA B 140 1.39 21.90 6.51
C ALA B 140 -0.03 22.36 6.74
N ASN B 141 -0.99 21.60 6.21
CA ASN B 141 -2.41 21.95 6.33
C ASN B 141 -2.88 22.01 7.78
N ARG B 142 -2.34 21.13 8.61
CA ARG B 142 -2.75 21.06 10.01
C ARG B 142 -2.21 22.21 10.86
N TYR B 143 -1.01 22.70 10.53
CA TYR B 143 -0.36 23.67 11.40
C TYR B 143 -0.09 25.02 10.75
N LYS B 144 -0.65 25.27 9.57
CA LYS B 144 -0.39 26.50 8.84
C LYS B 144 -0.78 27.75 9.62
N ASN B 145 -1.72 27.60 10.56
CA ASN B 145 -2.22 28.73 11.33
C ASN B 145 -1.64 28.81 12.75
N VAL B 146 -0.66 27.97 13.05
CA VAL B 146 0.10 28.12 14.30
C VAL B 146 1.29 29.04 14.04
N PRO B 147 1.21 30.26 14.57
CA PRO B 147 2.11 31.39 14.25
C PRO B 147 3.60 31.08 14.37
N TYR B 148 3.99 30.26 15.35
CA TYR B 148 5.40 30.03 15.59
C TYR B 148 5.95 28.77 14.94
N VAL B 149 5.10 28.02 14.24
CA VAL B 149 5.62 26.95 13.40
C VAL B 149 6.29 27.59 12.20
N LEU B 150 7.59 27.32 12.06
CA LEU B 150 8.44 28.04 11.12
C LEU B 150 8.32 27.54 9.68
N GLY B 151 8.32 26.21 9.53
CA GLY B 151 8.24 25.61 8.22
C GLY B 151 8.60 24.15 8.25
N LEU B 152 8.95 23.61 7.09
CA LEU B 152 9.21 22.18 6.96
C LEU B 152 10.62 21.86 6.45
N ASP B 153 11.25 20.89 7.12
CA ASP B 153 12.47 20.27 6.63
C ASP B 153 12.03 19.06 5.79
N LEU B 154 12.09 19.18 4.47
CA LEU B 154 11.35 18.29 3.57
C LEU B 154 11.72 16.80 3.67
N LYS B 155 13.01 16.51 3.76
CA LYS B 155 13.46 15.16 4.02
C LYS B 155 14.74 15.23 4.81
N ASN B 156 14.99 14.24 5.65
CA ASN B 156 16.14 14.28 6.53
C ASN B 156 17.27 13.39 6.04
N GLU B 157 18.45 13.98 5.94
CA GLU B 157 19.67 13.23 5.65
C GLU B 157 19.67 12.36 4.41
N PRO B 158 19.45 12.94 3.25
CA PRO B 158 19.56 12.17 2.02
C PRO B 158 20.99 11.67 1.87
N HIS B 159 21.15 10.44 1.40
CA HIS B 159 22.48 9.88 1.28
C HIS B 159 22.46 8.67 0.36
N GLY B 160 23.62 8.03 0.20
CA GLY B 160 23.73 6.83 -0.61
C GLY B 160 23.37 7.03 -2.06
N ALA B 161 22.23 6.48 -2.46
CA ALA B 161 21.82 6.50 -3.85
C ALA B 161 21.37 7.89 -4.29
N ALA B 162 21.10 8.76 -3.33
CA ALA B 162 20.59 10.10 -3.62
C ALA B 162 21.61 10.90 -4.38
N THR B 163 21.15 11.63 -5.39
CA THR B 163 22.02 12.48 -6.19
C THR B 163 21.42 13.86 -6.34
N TRP B 164 22.05 14.67 -7.18
CA TRP B 164 21.66 16.07 -7.34
C TRP B 164 22.10 16.58 -8.71
N GLY B 165 21.14 16.91 -9.56
CA GLY B 165 21.43 17.46 -10.87
C GLY B 165 22.14 16.52 -11.83
N THR B 166 21.82 15.23 -11.77
CA THR B 166 22.44 14.26 -12.66
C THR B 166 21.55 13.87 -13.82
N GLY B 167 20.29 14.28 -13.77
CA GLY B 167 19.35 13.94 -14.83
C GLY B 167 18.71 12.58 -14.62
N ASN B 168 18.91 12.00 -13.45
CA ASN B 168 18.30 10.71 -13.11
C ASN B 168 17.15 10.94 -12.13
N ALA B 169 15.92 10.88 -12.64
CA ALA B 169 14.74 11.19 -11.85
C ALA B 169 14.57 10.26 -10.63
N ALA B 170 14.99 9.01 -10.77
CA ALA B 170 14.87 8.05 -9.67
C ALA B 170 15.63 8.46 -8.42
N THR B 171 16.72 9.22 -8.58
CA THR B 171 17.58 9.57 -7.46
C THR B 171 17.85 11.08 -7.25
N ASP B 172 17.47 11.93 -8.22
CA ASP B 172 17.77 13.36 -8.09
C ASP B 172 16.97 14.02 -6.97
N TRP B 173 17.65 14.28 -5.85
CA TRP B 173 17.00 14.87 -4.68
C TRP B 173 16.63 16.34 -4.88
N ASN B 174 17.37 17.05 -5.72
CA ASN B 174 17.05 18.44 -6.02
C ASN B 174 15.65 18.59 -6.64
N LYS B 175 15.25 17.65 -7.51
CA LYS B 175 13.93 17.72 -8.13
C LYS B 175 12.79 17.31 -7.19
N ALA B 176 13.05 16.32 -6.33
CA ALA B 176 12.04 15.92 -5.36
C ALA B 176 11.80 17.04 -4.35
N ALA B 177 12.88 17.72 -3.95
CA ALA B 177 12.77 18.84 -3.03
C ALA B 177 11.93 19.95 -3.66
N GLU B 178 12.14 20.17 -4.95
CA GLU B 178 11.33 21.14 -5.69
C GLU B 178 9.84 20.78 -5.64
N ARG B 179 9.54 19.50 -5.85
CA ARG B 179 8.16 19.02 -5.84
C ARG B 179 7.57 19.09 -4.44
N GLY B 180 8.39 18.74 -3.45
CA GLY B 180 7.97 18.85 -2.06
C GLY B 180 7.71 20.29 -1.66
N SER B 181 8.55 21.20 -2.15
CA SER B 181 8.38 22.61 -1.88
C SER B 181 7.05 23.12 -2.42
N ALA B 182 6.78 22.80 -3.68
CA ALA B 182 5.54 23.24 -4.31
C ALA B 182 4.32 22.74 -3.54
N ALA B 183 4.37 21.48 -3.11
CA ALA B 183 3.30 20.87 -2.33
C ALA B 183 3.00 21.65 -1.06
N VAL B 184 4.04 21.91 -0.27
CA VAL B 184 3.90 22.64 0.98
C VAL B 184 3.41 24.07 0.79
N LEU B 185 4.02 24.79 -0.15
CA LEU B 185 3.72 26.22 -0.33
C LEU B 185 2.31 26.45 -0.86
N ALA B 186 1.76 25.43 -1.51
CA ALA B 186 0.39 25.50 -1.99
C ALA B 186 -0.58 25.54 -0.81
N VAL B 187 -0.20 24.91 0.28
CA VAL B 187 -1.07 24.83 1.46
C VAL B 187 -0.69 25.86 2.51
N ALA B 188 0.61 26.03 2.75
CA ALA B 188 1.09 26.99 3.74
C ALA B 188 2.15 27.91 3.13
N PRO B 189 1.70 28.90 2.35
CA PRO B 189 2.61 29.75 1.56
C PRO B 189 3.57 30.61 2.39
N LYS B 190 3.29 30.81 3.68
CA LYS B 190 4.15 31.62 4.53
C LYS B 190 5.19 30.77 5.29
N TRP B 191 5.19 29.46 5.02
CA TRP B 191 6.16 28.56 5.65
C TRP B 191 7.52 28.58 4.97
N LEU B 192 8.58 28.36 5.73
CA LEU B 192 9.92 28.19 5.15
C LEU B 192 10.12 26.76 4.64
N ILE B 193 10.90 26.62 3.57
CA ILE B 193 11.24 25.31 3.05
C ILE B 193 12.73 25.02 3.33
N ALA B 194 12.99 24.07 4.21
CA ALA B 194 14.35 23.73 4.59
C ALA B 194 14.86 22.51 3.81
N VAL B 195 15.93 22.69 3.05
CA VAL B 195 16.48 21.62 2.23
C VAL B 195 17.89 21.25 2.68
N GLU B 196 18.14 19.95 2.80
CA GLU B 196 19.43 19.44 3.20
C GLU B 196 20.26 18.99 2.01
N GLY B 197 21.53 18.67 2.26
CA GLY B 197 22.41 18.22 1.20
C GLY B 197 22.31 16.72 1.02
N ILE B 198 23.20 16.17 0.20
CA ILE B 198 23.28 14.76 -0.02
C ILE B 198 24.65 14.28 0.45
N THR B 199 25.09 13.10 0.03
CA THR B 199 26.50 12.75 0.23
C THR B 199 27.19 12.77 -1.12
N ASP B 200 27.94 11.72 -1.46
CA ASP B 200 28.70 11.68 -2.71
C ASP B 200 27.80 11.87 -3.92
N ASN B 201 28.26 12.66 -4.88
CA ASN B 201 27.47 12.95 -6.09
C ASN B 201 28.33 12.69 -7.33
N PRO B 202 27.71 12.19 -8.41
CA PRO B 202 28.50 11.93 -9.62
C PRO B 202 28.77 13.17 -10.48
N VAL B 203 28.13 14.31 -10.19
CA VAL B 203 28.51 15.57 -10.84
C VAL B 203 28.70 16.73 -9.86
N CYS B 204 29.58 17.66 -10.19
CA CYS B 204 29.73 18.90 -9.44
C CYS B 204 29.98 18.71 -7.95
N SER B 205 30.89 17.82 -7.59
CA SER B 205 31.14 17.53 -6.19
C SER B 205 32.46 16.82 -5.97
N THR B 206 33.36 17.43 -5.19
CA THR B 206 34.55 16.74 -4.74
C THR B 206 34.14 15.79 -3.62
N ASN B 207 34.11 14.50 -3.93
CA ASN B 207 33.53 13.52 -3.02
C ASN B 207 34.48 13.09 -1.91
N GLY B 208 34.03 12.14 -1.08
CA GLY B 208 34.81 11.67 0.05
C GLY B 208 34.64 12.49 1.31
N GLY B 209 34.51 11.81 2.44
CA GLY B 209 34.49 12.43 3.75
C GLY B 209 33.26 13.28 4.04
N ILE B 210 32.11 12.83 3.57
CA ILE B 210 30.88 13.59 3.73
C ILE B 210 29.89 12.88 4.65
N PHE B 211 29.26 13.64 5.55
CA PHE B 211 28.21 13.10 6.41
C PHE B 211 26.84 13.21 5.72
N TRP B 212 25.89 12.38 6.18
CA TRP B 212 24.56 12.34 5.60
C TRP B 212 23.94 13.73 5.61
N GLY B 213 23.36 14.13 4.47
CA GLY B 213 22.77 15.44 4.33
C GLY B 213 23.78 16.57 4.41
N GLY B 214 25.05 16.26 4.22
CA GLY B 214 26.11 17.22 4.43
C GLY B 214 26.70 17.91 3.20
N ASN B 215 26.43 17.38 2.01
CA ASN B 215 27.04 17.90 0.79
C ASN B 215 26.10 18.78 -0.03
N LEU B 216 26.42 20.06 -0.13
CA LEU B 216 25.61 20.98 -0.93
C LEU B 216 26.34 21.40 -2.19
N GLN B 217 27.50 20.80 -2.45
CA GLN B 217 28.31 21.16 -3.61
C GLN B 217 27.53 21.17 -4.94
N PRO B 218 26.68 20.16 -5.18
CA PRO B 218 25.94 20.22 -6.45
C PRO B 218 24.98 21.41 -6.60
N LEU B 219 24.74 22.17 -5.53
CA LEU B 219 23.90 23.37 -5.65
C LEU B 219 24.54 24.39 -6.57
N ALA B 220 25.85 24.31 -6.74
CA ALA B 220 26.56 25.26 -7.60
C ALA B 220 26.22 25.04 -9.08
N CYS B 221 25.99 23.79 -9.48
CA CYS B 221 25.69 23.48 -10.87
C CYS B 221 24.19 23.46 -11.12
N THR B 222 23.41 23.25 -10.07
CA THR B 222 21.98 23.03 -10.24
C THR B 222 21.15 23.74 -9.17
N PRO B 223 20.78 24.99 -9.46
CA PRO B 223 19.94 25.79 -8.57
C PRO B 223 18.59 25.12 -8.29
N LEU B 224 18.01 25.40 -7.14
CA LEU B 224 16.70 24.87 -6.79
C LEU B 224 15.58 25.77 -7.31
N ASN B 225 14.58 25.17 -7.95
CA ASN B 225 13.37 25.90 -8.28
C ASN B 225 12.48 26.01 -7.03
N ILE B 226 12.98 26.78 -6.07
CA ILE B 226 12.27 27.05 -4.82
C ILE B 226 12.39 28.54 -4.60
N PRO B 227 11.27 29.22 -4.28
CA PRO B 227 11.29 30.68 -4.12
C PRO B 227 12.43 31.13 -3.22
N ALA B 228 13.22 32.08 -3.71
CA ALA B 228 14.37 32.59 -2.97
C ALA B 228 13.96 33.12 -1.59
N ASN B 229 12.72 33.61 -1.47
CA ASN B 229 12.23 34.15 -0.21
C ASN B 229 11.61 33.10 0.71
N ARG B 230 11.87 31.82 0.43
CA ARG B 230 11.36 30.74 1.27
C ARG B 230 12.40 29.66 1.53
N LEU B 231 13.42 29.60 0.67
CA LEU B 231 14.40 28.53 0.72
C LEU B 231 15.42 28.70 1.83
N LEU B 232 15.51 27.70 2.70
CA LEU B 232 16.49 27.69 3.78
C LEU B 232 17.37 26.44 3.67
N LEU B 233 18.65 26.63 3.36
CA LEU B 233 19.58 25.52 3.29
C LEU B 233 19.93 25.05 4.69
N ALA B 234 19.79 23.76 4.95
CA ALA B 234 19.96 23.26 6.31
C ALA B 234 20.75 21.94 6.36
N PRO B 235 22.05 22.01 5.98
CA PRO B 235 22.89 20.80 5.98
C PRO B 235 23.23 20.34 7.38
N HIS B 236 23.76 19.13 7.50
CA HIS B 236 24.22 18.63 8.79
C HIS B 236 25.75 18.52 8.79
N VAL B 237 26.34 18.58 9.97
CA VAL B 237 27.76 18.30 10.08
C VAL B 237 28.04 17.69 11.45
N TYR B 238 28.99 16.75 11.50
CA TYR B 238 29.31 16.05 12.74
C TYR B 238 30.81 15.92 12.95
N GLY B 239 31.20 15.62 14.18
CA GLY B 239 32.61 15.48 14.53
C GLY B 239 33.07 14.03 14.64
N PRO B 240 34.26 13.82 15.21
CA PRO B 240 34.91 12.51 15.32
C PRO B 240 34.09 11.49 16.11
N ASP B 241 33.18 11.96 16.95
CA ASP B 241 32.37 11.08 17.78
C ASP B 241 31.42 10.22 16.91
N VAL B 242 31.02 10.77 15.76
CA VAL B 242 30.13 10.06 14.85
C VAL B 242 30.91 9.17 13.89
N PHE B 243 31.87 9.76 13.18
CA PHE B 243 32.74 9.00 12.28
C PHE B 243 34.14 9.62 12.22
N VAL B 244 35.16 8.78 12.35
CA VAL B 244 36.54 9.27 12.28
C VAL B 244 36.98 9.49 10.83
N GLN B 245 36.58 10.63 10.28
CA GLN B 245 37.02 11.03 8.95
C GLN B 245 38.52 11.19 8.91
N SER B 246 39.10 11.08 7.71
CA SER B 246 40.54 11.16 7.55
C SER B 246 41.11 12.54 7.90
N TYR B 247 40.34 13.59 7.69
CA TYR B 247 40.82 14.94 7.93
C TYR B 247 40.80 15.30 9.41
N PHE B 248 40.27 14.39 10.22
CA PHE B 248 40.34 14.53 11.68
C PHE B 248 41.71 14.10 12.21
N ASN B 249 42.51 13.48 11.34
CA ASN B 249 43.81 12.95 11.75
C ASN B 249 45.00 13.70 11.17
N ASP B 250 44.74 14.80 10.46
CA ASP B 250 45.79 15.61 9.89
C ASP B 250 46.53 16.37 10.99
N SER B 251 47.78 16.77 10.71
CA SER B 251 48.59 17.46 11.70
C SER B 251 48.13 18.91 11.90
N ASN B 252 47.66 19.54 10.83
CA ASN B 252 47.22 20.94 10.91
C ASN B 252 45.79 21.07 11.45
N PHE B 253 45.21 19.96 11.90
CA PHE B 253 43.89 19.94 12.53
C PHE B 253 43.90 20.78 13.80
N PRO B 254 42.85 21.58 14.03
CA PRO B 254 41.67 21.72 13.17
C PRO B 254 41.72 22.90 12.21
N ASN B 255 42.91 23.43 11.91
CA ASN B 255 43.02 24.55 10.97
C ASN B 255 42.68 24.15 9.54
N ASN B 256 42.66 22.84 9.26
CA ASN B 256 42.32 22.32 7.95
C ASN B 256 40.81 22.25 7.72
N MET B 257 40.06 22.37 8.81
CA MET B 257 38.60 22.19 8.79
C MET B 257 37.80 23.27 8.05
N PRO B 258 38.16 24.56 8.22
CA PRO B 258 37.36 25.55 7.48
C PRO B 258 37.30 25.33 5.96
N ALA B 259 38.36 24.79 5.37
CA ALA B 259 38.36 24.50 3.94
C ALA B 259 37.34 23.41 3.60
N ILE B 260 37.26 22.40 4.45
CA ILE B 260 36.29 21.31 4.31
C ILE B 260 34.85 21.81 4.41
N TRP B 261 34.55 22.51 5.50
CA TRP B 261 33.21 23.03 5.75
C TRP B 261 32.80 24.02 4.67
N GLU B 262 33.76 24.79 4.16
CA GLU B 262 33.49 25.74 3.09
C GLU B 262 33.08 25.00 1.82
N ARG B 263 33.80 23.94 1.52
CA ARG B 263 33.48 23.17 0.34
C ARG B 263 32.11 22.52 0.41
N HIS B 264 31.83 21.83 1.52
CA HIS B 264 30.56 21.14 1.75
C HIS B 264 29.28 21.99 1.88
N PHE B 265 29.34 23.09 2.64
CA PHE B 265 28.20 23.98 2.79
C PHE B 265 28.49 25.47 2.83
N GLY B 266 29.65 25.82 3.36
CA GLY B 266 29.91 27.18 3.76
C GLY B 266 29.85 28.15 2.63
N GLN B 267 30.32 27.71 1.49
CA GLN B 267 30.49 28.60 0.35
C GLN B 267 29.18 29.20 -0.13
N PHE B 268 28.05 28.66 0.35
CA PHE B 268 26.76 29.13 -0.09
C PHE B 268 26.17 30.09 0.92
N ALA B 269 26.91 30.34 1.99
CA ALA B 269 26.45 31.23 3.05
C ALA B 269 26.30 32.67 2.55
N GLY B 270 27.07 33.02 1.54
CA GLY B 270 27.08 34.38 1.03
C GLY B 270 25.95 34.73 0.09
N THR B 271 25.24 33.72 -0.40
CA THR B 271 24.21 33.93 -1.40
C THR B 271 22.86 33.32 -1.02
N HIS B 272 22.88 32.41 -0.05
CA HIS B 272 21.66 31.76 0.43
C HIS B 272 21.55 31.86 1.94
N ALA B 273 20.33 31.78 2.45
CA ALA B 273 20.13 31.67 3.89
C ALA B 273 20.50 30.25 4.33
N LEU B 274 21.51 30.15 5.19
CA LEU B 274 22.03 28.85 5.61
C LEU B 274 22.21 28.72 7.12
N LEU B 275 21.87 27.55 7.64
CA LEU B 275 22.19 27.17 9.01
C LEU B 275 22.39 25.66 9.06
N LEU B 276 22.95 25.15 10.15
CA LEU B 276 23.08 23.71 10.32
C LEU B 276 21.82 23.18 11.01
N GLY B 277 21.21 22.16 10.42
CA GLY B 277 20.01 21.57 10.98
C GLY B 277 20.31 20.54 12.06
N GLU B 278 21.54 20.02 12.03
CA GLU B 278 22.06 19.13 13.06
C GLU B 278 23.57 19.30 13.18
N PHE B 279 24.04 19.57 14.39
CA PHE B 279 25.47 19.61 14.65
C PHE B 279 25.71 19.35 16.13
N GLY B 280 26.76 18.59 16.45
CA GLY B 280 27.04 18.29 17.83
C GLY B 280 27.88 17.04 18.06
N GLY B 281 28.13 16.75 19.33
CA GLY B 281 29.00 15.66 19.71
C GLY B 281 29.18 15.58 21.22
N LYS B 282 30.12 14.76 21.66
CA LYS B 282 30.41 14.58 23.07
C LYS B 282 30.99 15.79 23.80
N TYR B 283 31.90 16.52 23.15
CA TYR B 283 32.45 17.75 23.71
C TYR B 283 33.10 17.58 25.08
N GLY B 284 33.87 16.52 25.24
CA GLY B 284 34.61 16.30 26.46
C GLY B 284 34.58 14.83 26.82
N GLU B 285 33.43 14.22 26.64
CA GLU B 285 33.35 12.78 26.77
C GLU B 285 34.12 12.21 25.60
N GLY B 286 34.71 11.03 25.79
CA GLY B 286 35.57 10.46 24.77
C GLY B 286 36.76 11.33 24.42
N ASP B 287 36.99 11.53 23.12
CA ASP B 287 38.18 12.22 22.65
C ASP B 287 38.25 13.72 22.95
N ALA B 288 39.45 14.21 23.24
CA ALA B 288 39.67 15.62 23.41
C ALA B 288 39.38 16.30 22.08
N ARG B 289 39.51 15.52 21.03
CA ARG B 289 39.36 16.03 19.68
C ARG B 289 37.96 16.56 19.51
N ASP B 290 37.00 15.90 20.13
CA ASP B 290 35.61 16.28 19.96
C ASP B 290 35.35 17.70 20.42
N LYS B 291 35.92 18.11 21.54
CA LYS B 291 35.74 19.48 22.01
C LYS B 291 36.41 20.47 21.07
N THR B 292 37.61 20.10 20.62
CA THR B 292 38.36 20.94 19.68
C THR B 292 37.57 21.18 18.40
N TRP B 293 36.87 20.14 17.94
CA TRP B 293 36.09 20.20 16.72
C TRP B 293 34.89 21.15 16.83
N GLN B 294 34.13 21.06 17.92
CA GLN B 294 32.94 21.90 18.07
C GLN B 294 33.35 23.36 18.24
N ASP B 295 34.46 23.58 18.94
CA ASP B 295 35.00 24.93 19.12
C ASP B 295 35.35 25.56 17.78
N ALA B 296 36.02 24.77 16.93
CA ALA B 296 36.43 25.24 15.62
C ALA B 296 35.23 25.56 14.74
N LEU B 297 34.21 24.70 14.78
CA LEU B 297 33.02 24.88 13.96
C LEU B 297 32.29 26.18 14.27
N VAL B 298 32.11 26.45 15.56
CA VAL B 298 31.42 27.66 15.99
C VAL B 298 32.20 28.91 15.58
N LYS B 299 33.52 28.86 15.76
CA LYS B 299 34.37 29.95 15.29
C LYS B 299 34.21 30.16 13.79
N TYR B 300 34.10 29.07 13.05
CA TYR B 300 33.91 29.15 11.60
C TYR B 300 32.54 29.71 11.23
N LEU B 301 31.50 29.21 11.89
CA LEU B 301 30.14 29.68 11.64
C LEU B 301 30.01 31.18 11.87
N ARG B 302 30.61 31.65 12.95
CA ARG B 302 30.60 33.07 13.29
C ARG B 302 31.19 33.92 12.18
N SER B 303 32.33 33.47 11.65
CA SER B 303 33.03 34.23 10.61
C SER B 303 32.21 34.29 9.32
N LYS B 304 31.33 33.30 9.13
CA LYS B 304 30.46 33.27 7.96
C LYS B 304 29.16 34.04 8.21
N GLY B 305 29.05 34.66 9.38
CA GLY B 305 27.89 35.47 9.71
C GLY B 305 26.74 34.67 10.29
N ILE B 306 26.94 33.38 10.48
CA ILE B 306 25.91 32.49 11.01
C ILE B 306 25.93 32.43 12.54
N ASN B 307 24.84 32.86 13.16
CA ASN B 307 24.73 32.80 14.63
C ASN B 307 23.52 31.98 15.07
N GLN B 308 23.20 30.95 14.31
CA GLN B 308 21.98 30.19 14.56
C GLN B 308 22.08 28.79 14.00
N GLY B 309 21.21 27.92 14.48
CA GLY B 309 21.19 26.54 14.04
C GLY B 309 20.46 25.67 15.04
N PHE B 310 20.53 24.36 14.83
CA PHE B 310 19.84 23.41 15.69
C PHE B 310 20.81 22.37 16.22
N TYR B 311 21.14 22.45 17.51
CA TYR B 311 22.09 21.53 18.12
C TYR B 311 21.54 20.10 18.17
N TRP B 312 22.45 19.14 18.07
CA TRP B 312 22.08 17.74 18.12
C TRP B 312 22.73 17.05 19.31
N SER B 313 21.96 16.77 20.37
CA SER B 313 20.53 17.06 20.45
C SER B 313 20.15 17.41 21.89
N TRP B 314 18.87 17.73 22.12
CA TRP B 314 18.42 18.03 23.46
C TRP B 314 18.51 16.80 24.36
N ASN B 315 17.99 15.69 23.88
CA ASN B 315 18.02 14.44 24.63
C ASN B 315 19.39 13.79 24.69
N PRO B 316 19.65 13.04 25.75
CA PRO B 316 20.92 12.33 25.89
C PRO B 316 20.81 10.94 25.28
N ASN B 317 19.63 10.64 24.73
CA ASN B 317 19.28 9.29 24.35
C ASN B 317 20.17 8.73 23.25
N SER B 318 20.52 9.59 22.30
CA SER B 318 21.31 9.19 21.15
C SER B 318 22.57 8.53 21.61
N GLY B 319 22.80 7.32 21.14
CA GLY B 319 23.91 6.55 21.68
C GLY B 319 25.22 7.24 21.40
N ASP B 320 25.39 7.68 20.17
CA ASP B 320 26.51 8.54 19.82
C ASP B 320 26.18 9.93 20.33
N THR B 321 27.18 10.75 20.58
CA THR B 321 26.93 12.13 20.91
C THR B 321 26.45 12.44 22.33
N GLY B 322 25.33 11.88 22.75
CA GLY B 322 24.72 12.31 23.99
C GLY B 322 24.20 13.65 23.62
N GLY B 323 23.79 14.44 24.57
CA GLY B 323 23.12 15.71 24.30
C GLY B 323 23.30 16.81 25.32
N ILE B 324 22.33 17.73 25.37
CA ILE B 324 22.36 18.83 26.33
C ILE B 324 22.05 18.33 27.74
N LEU B 325 21.07 17.44 27.83
CA LEU B 325 20.74 16.77 29.08
C LEU B 325 21.61 15.54 29.27
N ARG B 326 21.85 15.17 30.52
CA ARG B 326 22.67 14.00 30.84
C ARG B 326 21.79 12.76 30.97
N ASP B 327 22.40 11.64 31.34
CA ASP B 327 21.70 10.34 31.38
C ASP B 327 20.57 10.31 32.41
N ASP B 328 20.55 11.26 33.32
CA ASP B 328 19.49 11.34 34.33
C ASP B 328 18.30 12.13 33.79
N TRP B 329 18.44 12.63 32.57
CA TRP B 329 17.39 13.36 31.87
C TRP B 329 16.99 14.66 32.57
N THR B 330 17.87 15.18 33.42
CA THR B 330 17.56 16.39 34.17
C THR B 330 18.70 17.40 34.20
N SER B 331 19.92 16.92 34.44
CA SER B 331 21.09 17.79 34.54
C SER B 331 21.59 18.24 33.16
N VAL B 332 21.83 19.54 33.00
CA VAL B 332 22.26 20.03 31.71
C VAL B 332 23.77 20.17 31.66
N ARG B 333 24.35 19.83 30.51
CA ARG B 333 25.78 20.01 30.27
C ARG B 333 26.06 21.50 30.06
N GLN B 334 26.60 22.15 31.08
CA GLN B 334 26.74 23.60 31.05
C GLN B 334 27.80 24.05 30.04
N ASP B 335 28.79 23.21 29.79
CA ASP B 335 29.86 23.59 28.86
C ASP B 335 29.34 23.64 27.43
N LYS B 336 28.35 22.80 27.12
CA LYS B 336 27.72 22.83 25.81
C LYS B 336 26.88 24.09 25.66
N MET B 337 26.25 24.52 26.74
CA MET B 337 25.46 25.74 26.72
C MET B 337 26.33 26.98 26.55
N THR B 338 27.50 26.98 27.19
CA THR B 338 28.44 28.09 27.02
C THR B 338 28.88 28.17 25.56
N LEU B 339 29.08 27.01 24.95
CA LEU B 339 29.46 26.95 23.54
C LEU B 339 28.38 27.55 22.67
N LEU B 340 27.14 27.09 22.86
CA LEU B 340 26.03 27.59 22.07
C LEU B 340 25.82 29.10 22.25
N ARG B 341 25.93 29.58 23.48
CA ARG B 341 25.76 31.01 23.74
C ARG B 341 26.86 31.82 23.05
N THR B 342 28.02 31.20 22.84
CA THR B 342 29.06 31.83 22.04
C THR B 342 28.57 32.00 20.59
N LEU B 343 28.07 30.91 20.02
CA LEU B 343 27.52 30.92 18.67
C LEU B 343 26.38 31.94 18.53
N TRP B 344 25.48 31.96 19.50
CA TRP B 344 24.33 32.85 19.46
C TRP B 344 24.74 34.31 19.69
N GLY B 345 25.87 34.50 20.38
CA GLY B 345 26.31 35.83 20.75
C GLY B 345 25.53 36.38 21.93
N THR B 346 25.22 35.51 22.89
CA THR B 346 24.46 35.89 24.08
C THR B 346 25.23 35.60 25.38
N TYR C 1 -1.51 -25.53 -24.37
CA TYR C 1 -2.75 -25.31 -25.09
C TYR C 1 -2.55 -24.24 -26.17
N SER C 2 -3.33 -24.34 -27.25
CA SER C 2 -3.23 -23.36 -28.33
C SER C 2 -4.51 -23.29 -29.16
N ILE C 3 -4.63 -22.22 -29.93
CA ILE C 3 -5.75 -22.04 -30.86
C ILE C 3 -5.26 -22.30 -32.28
N ASN C 4 -5.87 -23.27 -32.96
CA ASN C 4 -5.43 -23.57 -34.33
C ASN C 4 -6.12 -22.71 -35.39
N ASN C 5 -5.81 -22.97 -36.65
CA ASN C 5 -6.34 -22.20 -37.79
C ASN C 5 -7.86 -22.25 -37.90
N SER C 6 -8.45 -23.31 -37.37
CA SER C 6 -9.90 -23.49 -37.40
C SER C 6 -10.57 -22.90 -36.15
N ARG C 7 -9.84 -22.06 -35.43
CA ARG C 7 -10.33 -21.37 -34.23
C ARG C 7 -10.77 -22.35 -33.14
N GLN C 8 -10.16 -23.53 -33.14
CA GLN C 8 -10.46 -24.54 -32.13
C GLN C 8 -9.39 -24.56 -31.05
N ILE C 9 -9.78 -25.02 -29.87
CA ILE C 9 -8.82 -25.20 -28.78
C ILE C 9 -8.20 -26.59 -28.88
N VAL C 10 -6.87 -26.65 -28.93
CA VAL C 10 -6.17 -27.94 -28.99
C VAL C 10 -5.23 -28.05 -27.79
N ASP C 11 -5.02 -29.25 -27.28
CA ASP C 11 -4.20 -29.42 -26.09
C ASP C 11 -2.75 -29.77 -26.44
N ASP C 12 -1.97 -30.13 -25.41
CA ASP C 12 -0.54 -30.39 -25.58
C ASP C 12 -0.26 -31.63 -26.44
N SER C 13 -1.31 -32.38 -26.78
CA SER C 13 -1.15 -33.56 -27.61
C SER C 13 -1.66 -33.30 -29.03
N GLY C 14 -2.33 -32.17 -29.21
CA GLY C 14 -2.86 -31.79 -30.51
C GLY C 14 -4.30 -32.23 -30.72
N LYS C 15 -4.95 -32.72 -29.66
CA LYS C 15 -6.34 -33.14 -29.74
C LYS C 15 -7.27 -31.96 -29.49
N VAL C 16 -8.41 -31.94 -30.18
CA VAL C 16 -9.36 -30.84 -30.04
C VAL C 16 -10.10 -30.91 -28.71
N VAL C 17 -10.13 -29.79 -28.00
CA VAL C 17 -10.78 -29.69 -26.70
C VAL C 17 -12.14 -29.02 -26.80
N GLN C 18 -13.18 -29.69 -26.29
CA GLN C 18 -14.50 -29.08 -26.19
C GLN C 18 -14.83 -28.77 -24.74
N LEU C 19 -15.09 -27.49 -24.46
CA LEU C 19 -15.34 -27.05 -23.09
C LEU C 19 -16.82 -27.09 -22.74
N LYS C 20 -17.24 -28.23 -22.20
CA LYS C 20 -18.58 -28.38 -21.65
C LYS C 20 -18.52 -27.92 -20.20
N GLY C 21 -18.59 -26.61 -20.01
CA GLY C 21 -18.18 -26.00 -18.76
C GLY C 21 -19.22 -25.29 -17.91
N VAL C 22 -18.86 -25.00 -16.67
CA VAL C 22 -19.74 -24.34 -15.74
C VAL C 22 -18.91 -23.54 -14.70
N ASN C 23 -19.45 -22.43 -14.23
CA ASN C 23 -18.79 -21.62 -13.22
C ASN C 23 -18.96 -22.22 -11.83
N VAL C 24 -17.89 -22.22 -11.07
CA VAL C 24 -17.91 -22.77 -9.70
C VAL C 24 -17.39 -21.71 -8.74
N PHE C 25 -18.31 -21.01 -8.08
CA PHE C 25 -17.98 -19.84 -7.28
C PHE C 25 -17.55 -20.18 -5.87
N GLY C 26 -16.91 -19.22 -5.21
CA GLY C 26 -16.58 -19.36 -3.81
C GLY C 26 -15.23 -18.78 -3.43
N PHE C 27 -14.23 -19.03 -4.26
CA PHE C 27 -12.87 -18.61 -3.93
C PHE C 27 -12.66 -17.10 -4.10
N GLU C 28 -13.64 -16.40 -4.63
CA GLU C 28 -13.52 -14.96 -4.81
C GLU C 28 -14.35 -14.22 -3.75
N THR C 29 -14.91 -14.98 -2.82
CA THR C 29 -15.74 -14.41 -1.75
C THR C 29 -15.00 -14.37 -0.43
N GLY C 30 -15.63 -13.78 0.57
CA GLY C 30 -15.07 -13.71 1.91
C GLY C 30 -14.80 -15.07 2.54
N ASN C 31 -15.49 -16.10 2.06
CA ASN C 31 -15.26 -17.46 2.54
C ASN C 31 -13.94 -18.02 2.06
N HIS C 32 -13.44 -17.49 0.94
CA HIS C 32 -12.19 -17.95 0.33
C HIS C 32 -12.15 -19.45 0.08
N VAL C 33 -13.29 -20.02 -0.30
CA VAL C 33 -13.39 -21.44 -0.63
C VAL C 33 -14.65 -21.66 -1.45
N MET C 34 -14.63 -22.65 -2.35
CA MET C 34 -15.79 -22.96 -3.16
C MET C 34 -17.00 -23.17 -2.27
N HIS C 35 -18.15 -22.68 -2.71
CA HIS C 35 -19.36 -22.69 -1.90
C HIS C 35 -19.96 -24.08 -1.78
N GLY C 36 -20.77 -24.27 -0.73
CA GLY C 36 -21.52 -25.50 -0.54
C GLY C 36 -20.88 -26.55 0.35
N LEU C 37 -19.69 -26.26 0.86
CA LEU C 37 -18.98 -27.21 1.70
C LEU C 37 -19.59 -27.28 3.10
N TRP C 38 -20.60 -26.44 3.35
CA TRP C 38 -21.37 -26.54 4.57
C TRP C 38 -22.45 -27.61 4.40
N ALA C 39 -22.72 -27.98 3.15
CA ALA C 39 -23.76 -28.96 2.84
C ALA C 39 -23.23 -30.20 2.12
N ARG C 40 -22.09 -30.07 1.44
CA ARG C 40 -21.54 -31.16 0.64
C ARG C 40 -20.08 -31.46 0.93
N ASN C 41 -19.66 -32.67 0.59
CA ASN C 41 -18.23 -32.99 0.53
C ASN C 41 -17.68 -32.49 -0.80
N TRP C 42 -16.57 -31.75 -0.76
CA TRP C 42 -16.04 -31.07 -1.94
C TRP C 42 -15.73 -32.03 -3.08
N LYS C 43 -15.18 -33.19 -2.75
CA LYS C 43 -14.79 -34.18 -3.74
C LYS C 43 -16.02 -34.82 -4.40
N ASP C 44 -17.10 -34.93 -3.63
CA ASP C 44 -18.33 -35.54 -4.12
C ASP C 44 -19.07 -34.61 -5.07
N MET C 45 -18.96 -33.30 -4.84
CA MET C 45 -19.58 -32.34 -5.76
C MET C 45 -18.88 -32.34 -7.11
N ILE C 46 -17.56 -32.46 -7.10
CA ILE C 46 -16.79 -32.50 -8.35
C ILE C 46 -17.14 -33.77 -9.12
N VAL C 47 -17.26 -34.88 -8.42
CA VAL C 47 -17.65 -36.15 -9.03
C VAL C 47 -19.06 -36.04 -9.61
N GLN C 48 -19.96 -35.40 -8.89
CA GLN C 48 -21.33 -35.22 -9.38
C GLN C 48 -21.37 -34.35 -10.64
N MET C 49 -20.59 -33.27 -10.69
CA MET C 49 -20.71 -32.37 -11.83
C MET C 49 -20.07 -33.00 -13.07
N GLN C 50 -19.06 -33.83 -12.88
CA GLN C 50 -18.48 -34.50 -14.03
C GLN C 50 -19.45 -35.54 -14.60
N GLY C 51 -20.18 -36.20 -13.71
CA GLY C 51 -21.14 -37.21 -14.11
C GLY C 51 -22.34 -36.65 -14.85
N LEU C 52 -22.60 -35.36 -14.67
CA LEU C 52 -23.67 -34.66 -15.38
C LEU C 52 -23.29 -34.39 -16.83
N GLY C 53 -22.00 -34.52 -17.12
CA GLY C 53 -21.52 -34.34 -18.48
C GLY C 53 -20.56 -33.18 -18.61
N PHE C 54 -20.32 -32.46 -17.51
CA PHE C 54 -19.36 -31.36 -17.49
C PHE C 54 -17.94 -31.90 -17.57
N ASN C 55 -17.08 -31.24 -18.35
CA ASN C 55 -15.69 -31.63 -18.40
C ASN C 55 -14.75 -30.43 -18.20
N ALA C 56 -15.33 -29.28 -17.88
CA ALA C 56 -14.53 -28.08 -17.69
C ALA C 56 -15.17 -27.16 -16.66
N VAL C 57 -14.33 -26.44 -15.93
CA VAL C 57 -14.82 -25.54 -14.91
C VAL C 57 -14.13 -24.19 -15.05
N ARG C 58 -14.85 -23.13 -14.71
CA ARG C 58 -14.26 -21.81 -14.65
C ARG C 58 -14.18 -21.47 -13.17
N LEU C 59 -12.98 -21.21 -12.68
CA LEU C 59 -12.80 -21.00 -11.26
C LEU C 59 -12.45 -19.57 -10.90
N PRO C 60 -13.41 -18.83 -10.37
CA PRO C 60 -13.11 -17.48 -9.89
C PRO C 60 -12.21 -17.48 -8.66
N PHE C 61 -11.28 -16.54 -8.58
CA PHE C 61 -10.48 -16.36 -7.38
C PHE C 61 -10.29 -14.88 -7.09
N CYS C 62 -9.70 -14.58 -5.95
CA CYS C 62 -9.39 -13.20 -5.57
C CYS C 62 -8.03 -13.18 -4.91
N PRO C 63 -7.36 -12.00 -4.92
CA PRO C 63 -6.06 -11.81 -4.28
C PRO C 63 -5.93 -12.49 -2.91
N ALA C 64 -6.85 -12.20 -2.00
CA ALA C 64 -6.73 -12.66 -0.61
C ALA C 64 -6.63 -14.19 -0.49
N THR C 65 -7.30 -14.90 -1.39
CA THR C 65 -7.25 -16.36 -1.38
C THR C 65 -5.83 -16.83 -1.70
N LEU C 66 -5.10 -16.06 -2.49
CA LEU C 66 -3.78 -16.46 -2.93
C LEU C 66 -2.73 -16.31 -1.83
N ARG C 67 -3.01 -15.52 -0.79
CA ARG C 67 -2.10 -15.34 0.34
CA ARG C 67 -2.05 -15.35 0.28
C ARG C 67 -1.93 -16.64 1.11
N SER C 68 -0.72 -16.92 1.58
CA SER C 68 -0.42 -18.17 2.25
C SER C 68 -1.12 -18.37 3.60
N ASP C 69 -1.61 -17.29 4.20
CA ASP C 69 -2.15 -17.37 5.56
C ASP C 69 -3.66 -17.16 5.66
N THR C 70 -4.33 -16.99 4.52
CA THR C 70 -5.77 -16.79 4.52
C THR C 70 -6.54 -18.07 4.89
N MET C 71 -7.42 -17.96 5.88
CA MET C 71 -8.21 -19.10 6.33
C MET C 71 -9.59 -19.13 5.68
N PRO C 72 -10.04 -20.33 5.29
CA PRO C 72 -11.39 -20.48 4.72
C PRO C 72 -12.46 -20.29 5.80
N ALA C 73 -13.70 -20.10 5.37
CA ALA C 73 -14.81 -20.04 6.29
C ALA C 73 -15.98 -20.87 5.75
N SER C 74 -16.93 -21.20 6.62
CA SER C 74 -18.18 -21.87 6.28
C SER C 74 -18.06 -23.37 5.93
N ILE C 75 -16.86 -23.92 6.02
CA ILE C 75 -16.67 -25.34 5.73
C ILE C 75 -17.17 -26.21 6.89
N ASP C 76 -17.96 -27.23 6.56
CA ASP C 76 -18.40 -28.24 7.52
C ASP C 76 -17.41 -29.40 7.52
N TYR C 77 -16.48 -29.38 8.47
CA TYR C 77 -15.37 -30.33 8.48
C TYR C 77 -15.80 -31.75 8.86
N SER C 78 -17.06 -31.91 9.25
CA SER C 78 -17.63 -33.25 9.43
C SER C 78 -17.81 -33.93 8.07
N ARG C 79 -18.03 -33.11 7.04
CA ARG C 79 -18.23 -33.59 5.68
C ARG C 79 -16.96 -33.43 4.85
N ASN C 80 -15.99 -32.69 5.38
CA ASN C 80 -14.75 -32.44 4.65
C ASN C 80 -13.51 -32.57 5.53
N ALA C 81 -13.34 -33.75 6.12
CA ALA C 81 -12.29 -33.98 7.11
C ALA C 81 -10.87 -33.73 6.57
N ASP C 82 -10.66 -34.01 5.29
CA ASP C 82 -9.32 -33.87 4.70
C ASP C 82 -9.00 -32.42 4.34
N LEU C 83 -9.91 -31.50 4.67
CA LEU C 83 -9.68 -30.08 4.45
C LEU C 83 -9.35 -29.39 5.76
N GLN C 84 -9.51 -30.12 6.85
CA GLN C 84 -9.27 -29.57 8.19
C GLN C 84 -7.81 -29.16 8.35
N GLY C 85 -7.61 -27.90 8.72
CA GLY C 85 -6.27 -27.39 8.98
C GLY C 85 -5.67 -26.68 7.79
N LEU C 86 -6.15 -27.00 6.59
CA LEU C 86 -5.63 -26.41 5.36
C LEU C 86 -6.00 -24.94 5.25
N THR C 87 -5.15 -24.17 4.59
CA THR C 87 -5.42 -22.76 4.32
C THR C 87 -6.13 -22.67 2.97
N SER C 88 -6.69 -21.49 2.68
CA SER C 88 -7.50 -21.33 1.48
C SER C 88 -6.69 -21.62 0.23
N LEU C 89 -5.39 -21.30 0.28
CA LEU C 89 -4.50 -21.58 -0.83
C LEU C 89 -4.31 -23.08 -1.01
N GLN C 90 -4.11 -23.77 0.11
CA GLN C 90 -3.86 -25.19 0.08
C GLN C 90 -5.09 -25.93 -0.40
N ILE C 91 -6.27 -25.35 -0.14
CA ILE C 91 -7.52 -25.95 -0.57
C ILE C 91 -7.75 -25.68 -2.07
N LEU C 92 -7.32 -24.51 -2.52
CA LEU C 92 -7.34 -24.21 -3.96
C LEU C 92 -6.40 -25.18 -4.68
N ASP C 93 -5.23 -25.43 -4.09
CA ASP C 93 -4.31 -26.43 -4.60
C ASP C 93 -4.98 -27.79 -4.74
N LYS C 94 -5.61 -28.22 -3.65
CA LYS C 94 -6.25 -29.53 -3.57
C LYS C 94 -7.36 -29.68 -4.59
N VAL C 95 -8.19 -28.65 -4.74
CA VAL C 95 -9.31 -28.71 -5.67
C VAL C 95 -8.81 -28.77 -7.12
N ILE C 96 -7.85 -27.91 -7.44
CA ILE C 96 -7.27 -27.90 -8.79
C ILE C 96 -6.63 -29.25 -9.13
N ALA C 97 -5.89 -29.82 -8.18
CA ALA C 97 -5.33 -31.16 -8.36
C ALA C 97 -6.43 -32.20 -8.64
N GLU C 98 -7.57 -32.05 -7.96
CA GLU C 98 -8.68 -32.99 -8.12
C GLU C 98 -9.28 -32.90 -9.53
N PHE C 99 -9.54 -31.68 -9.99
CA PHE C 99 -10.01 -31.45 -11.34
C PHE C 99 -9.04 -32.05 -12.35
N ASN C 100 -7.76 -31.93 -12.04
CA ASN C 100 -6.73 -32.48 -12.91
C ASN C 100 -6.73 -34.00 -12.88
N ALA C 101 -6.80 -34.58 -11.68
CA ALA C 101 -6.81 -36.02 -11.51
C ALA C 101 -7.98 -36.69 -12.23
N ARG C 102 -9.07 -35.93 -12.41
CA ARG C 102 -10.26 -36.48 -13.06
C ARG C 102 -10.38 -36.05 -14.52
N GLY C 103 -9.38 -35.33 -15.03
CA GLY C 103 -9.36 -34.91 -16.41
C GLY C 103 -10.44 -33.90 -16.76
N MET C 104 -10.60 -32.88 -15.90
CA MET C 104 -11.51 -31.79 -16.16
C MET C 104 -10.71 -30.50 -16.36
N TYR C 105 -10.97 -29.80 -17.45
CA TYR C 105 -10.22 -28.57 -17.75
C TYR C 105 -10.59 -27.47 -16.77
N VAL C 106 -9.62 -26.63 -16.44
CA VAL C 106 -9.85 -25.55 -15.49
C VAL C 106 -9.43 -24.21 -16.05
N LEU C 107 -10.38 -23.28 -16.14
CA LEU C 107 -10.09 -21.91 -16.53
C LEU C 107 -10.11 -21.03 -15.28
N LEU C 108 -8.94 -20.56 -14.87
CA LEU C 108 -8.87 -19.70 -13.68
C LEU C 108 -9.31 -18.28 -14.03
N ASP C 109 -9.93 -17.61 -13.07
CA ASP C 109 -10.56 -16.33 -13.34
C ASP C 109 -10.24 -15.31 -12.25
N HIS C 110 -9.58 -14.23 -12.62
CA HIS C 110 -9.32 -13.13 -11.68
C HIS C 110 -10.60 -12.30 -11.53
N HIS C 111 -11.41 -12.67 -10.55
CA HIS C 111 -12.81 -12.26 -10.50
C HIS C 111 -13.06 -10.93 -9.79
N THR C 112 -12.32 -10.67 -8.73
CA THR C 112 -12.50 -9.43 -7.96
C THR C 112 -11.22 -9.05 -7.21
N PRO C 113 -10.95 -7.74 -7.09
CA PRO C 113 -9.74 -7.28 -6.38
C PRO C 113 -9.83 -7.36 -4.85
N ASP C 114 -11.04 -7.33 -4.28
CA ASP C 114 -11.18 -7.24 -2.83
C ASP C 114 -12.12 -8.29 -2.22
N CYS C 115 -12.29 -9.40 -2.92
CA CYS C 115 -13.09 -10.53 -2.44
C CYS C 115 -14.55 -10.16 -2.21
N ALA C 116 -14.96 -9.00 -2.70
CA ALA C 116 -16.37 -8.62 -2.63
C ALA C 116 -16.93 -8.29 -4.02
N GLY C 117 -16.79 -7.05 -4.46
CA GLY C 117 -17.42 -6.61 -5.69
C GLY C 117 -16.51 -6.61 -6.91
N ILE C 118 -17.13 -6.60 -8.08
CA ILE C 118 -16.42 -6.58 -9.35
C ILE C 118 -16.11 -5.15 -9.80
N SER C 119 -14.82 -4.82 -9.84
CA SER C 119 -14.40 -3.46 -10.16
C SER C 119 -14.63 -3.16 -11.64
N GLU C 120 -14.85 -1.89 -11.95
CA GLU C 120 -15.05 -1.44 -13.32
C GLU C 120 -13.79 -1.60 -14.15
N LEU C 121 -12.69 -1.11 -13.60
CA LEU C 121 -11.40 -1.18 -14.26
C LEU C 121 -10.58 -2.35 -13.71
N TRP C 122 -9.35 -2.50 -14.19
CA TRP C 122 -8.48 -3.56 -13.74
C TRP C 122 -7.69 -3.17 -12.50
N TYR C 123 -7.96 -1.97 -11.99
CA TYR C 123 -7.31 -1.50 -10.78
C TYR C 123 -8.29 -0.70 -9.94
N THR C 124 -7.95 -0.46 -8.69
CA THR C 124 -8.74 0.39 -7.81
C THR C 124 -7.82 1.22 -6.95
N GLY C 125 -8.38 1.93 -5.97
CA GLY C 125 -7.61 2.81 -5.10
C GLY C 125 -6.70 2.04 -4.16
N SER C 126 -6.96 0.75 -3.99
CA SER C 126 -6.15 -0.08 -3.11
C SER C 126 -5.59 -1.30 -3.83
N TYR C 127 -5.79 -1.37 -5.14
CA TYR C 127 -5.29 -2.48 -5.93
C TYR C 127 -4.76 -1.94 -7.26
N THR C 128 -3.44 -1.96 -7.41
CA THR C 128 -2.78 -1.34 -8.55
C THR C 128 -2.62 -2.31 -9.70
N GLU C 129 -2.48 -1.78 -10.91
CA GLU C 129 -2.18 -2.60 -12.08
C GLU C 129 -0.97 -3.50 -11.83
N ALA C 130 0.05 -2.92 -11.19
CA ALA C 130 1.24 -3.67 -10.78
C ALA C 130 0.87 -4.89 -9.94
N GLN C 131 -0.01 -4.69 -8.97
CA GLN C 131 -0.48 -5.80 -8.12
C GLN C 131 -1.29 -6.80 -8.91
N TRP C 132 -2.15 -6.30 -9.78
CA TRP C 132 -2.96 -7.15 -10.65
C TRP C 132 -2.07 -8.03 -11.52
N LEU C 133 -1.08 -7.42 -12.17
CA LEU C 133 -0.14 -8.19 -12.98
C LEU C 133 0.61 -9.22 -12.15
N ALA C 134 1.05 -8.81 -10.96
CA ALA C 134 1.79 -9.71 -10.08
C ALA C 134 0.95 -10.92 -9.69
N ASP C 135 -0.32 -10.69 -9.36
CA ASP C 135 -1.20 -11.78 -8.97
C ASP C 135 -1.42 -12.75 -10.13
N LEU C 136 -1.58 -12.23 -11.35
CA LEU C 136 -1.70 -13.08 -12.53
C LEU C 136 -0.44 -13.93 -12.73
N ARG C 137 0.73 -13.34 -12.55
CA ARG C 137 1.99 -14.09 -12.63
C ARG C 137 2.07 -15.12 -11.51
N PHE C 138 1.52 -14.80 -10.34
CA PHE C 138 1.57 -15.73 -9.22
C PHE C 138 0.83 -17.01 -9.54
N VAL C 139 -0.36 -16.87 -10.09
CA VAL C 139 -1.21 -17.99 -10.42
C VAL C 139 -0.59 -18.79 -11.58
N ALA C 140 -0.12 -18.09 -12.59
CA ALA C 140 0.54 -18.72 -13.73
C ALA C 140 1.73 -19.54 -13.27
N ASN C 141 2.51 -19.00 -12.34
CA ASN C 141 3.70 -19.67 -11.85
C ASN C 141 3.39 -20.92 -11.03
N ARG C 142 2.40 -20.81 -10.15
CA ARG C 142 2.02 -21.92 -9.28
C ARG C 142 1.45 -23.13 -10.03
N TYR C 143 0.63 -22.89 -11.05
CA TYR C 143 -0.15 -23.97 -11.65
C TYR C 143 0.23 -24.32 -13.10
N LYS C 144 1.30 -23.72 -13.61
CA LYS C 144 1.67 -23.94 -15.02
C LYS C 144 2.00 -25.40 -15.30
N ASN C 145 2.32 -26.14 -14.25
CA ASN C 145 2.69 -27.55 -14.42
CA ASN C 145 2.70 -27.55 -14.32
C ASN C 145 1.51 -28.49 -14.25
N VAL C 146 0.35 -27.95 -13.92
CA VAL C 146 -0.86 -28.77 -13.84
C VAL C 146 -1.50 -28.86 -15.22
N PRO C 147 -1.42 -30.06 -15.84
CA PRO C 147 -1.74 -30.30 -17.26
C PRO C 147 -3.11 -29.81 -17.70
N TYR C 148 -4.11 -29.93 -16.83
CA TYR C 148 -5.49 -29.63 -17.21
C TYR C 148 -5.92 -28.20 -16.89
N VAL C 149 -5.00 -27.38 -16.39
CA VAL C 149 -5.29 -25.96 -16.23
C VAL C 149 -5.13 -25.28 -17.58
N LEU C 150 -6.21 -24.64 -18.01
CA LEU C 150 -6.34 -24.13 -19.36
C LEU C 150 -5.59 -22.82 -19.58
N GLY C 151 -5.72 -21.93 -18.60
CA GLY C 151 -5.14 -20.60 -18.72
C GLY C 151 -5.87 -19.61 -17.85
N LEU C 152 -5.72 -18.32 -18.15
CA LEU C 152 -6.30 -17.28 -17.33
C LEU C 152 -7.33 -16.40 -18.03
N ASP C 153 -8.44 -16.19 -17.34
CA ASP C 153 -9.38 -15.12 -17.67
C ASP C 153 -8.89 -13.87 -16.93
N LEU C 154 -8.24 -12.96 -17.64
CA LEU C 154 -7.42 -11.93 -17.01
C LEU C 154 -8.15 -10.99 -16.09
N LYS C 155 -9.31 -10.52 -16.50
CA LYS C 155 -10.15 -9.71 -15.63
C LYS C 155 -11.59 -10.02 -15.96
N ASN C 156 -12.46 -9.90 -14.97
CA ASN C 156 -13.84 -10.32 -15.11
C ASN C 156 -14.79 -9.14 -15.20
N GLU C 157 -15.63 -9.18 -16.23
CA GLU C 157 -16.71 -8.22 -16.46
C GLU C 157 -16.33 -6.74 -16.55
N PRO C 158 -15.31 -6.38 -17.30
CA PRO C 158 -14.94 -4.97 -17.31
C PRO C 158 -16.17 -4.15 -17.67
N HIS C 159 -16.42 -3.07 -16.95
CA HIS C 159 -17.62 -2.28 -17.21
C HIS C 159 -17.47 -0.84 -16.75
N GLY C 160 -18.56 -0.08 -16.84
CA GLY C 160 -18.58 1.29 -16.38
C GLY C 160 -17.61 2.21 -17.10
N ALA C 161 -16.57 2.64 -16.38
CA ALA C 161 -15.60 3.59 -16.92
C ALA C 161 -14.64 2.93 -17.91
N ALA C 162 -14.63 1.60 -17.93
CA ALA C 162 -13.75 0.85 -18.82
C ALA C 162 -14.11 1.11 -20.28
N THR C 163 -13.11 1.49 -21.05
CA THR C 163 -13.29 1.76 -22.48
C THR C 163 -12.37 0.88 -23.30
N TRP C 164 -12.42 1.04 -24.61
CA TRP C 164 -11.64 0.23 -25.54
C TRP C 164 -11.27 1.05 -26.76
N GLY C 165 -9.97 1.30 -26.93
CA GLY C 165 -9.46 1.98 -28.11
C GLY C 165 -9.79 3.46 -28.20
N THR C 166 -9.57 4.20 -27.13
CA THR C 166 -9.89 5.62 -27.10
C THR C 166 -8.65 6.48 -26.88
N GLY C 167 -7.49 5.82 -26.77
CA GLY C 167 -6.25 6.52 -26.52
C GLY C 167 -6.16 7.05 -25.11
N ASN C 168 -6.92 6.45 -24.20
CA ASN C 168 -6.93 6.84 -22.79
C ASN C 168 -6.41 5.69 -21.94
N ALA C 169 -5.14 5.78 -21.54
CA ALA C 169 -4.47 4.70 -20.82
C ALA C 169 -5.19 4.29 -19.53
N ALA C 170 -5.78 5.27 -18.85
CA ALA C 170 -6.39 5.03 -17.55
C ALA C 170 -7.63 4.14 -17.61
N THR C 171 -8.25 4.03 -18.79
CA THR C 171 -9.50 3.27 -18.91
C THR C 171 -9.54 2.27 -20.07
N ASP C 172 -8.58 2.36 -20.98
CA ASP C 172 -8.56 1.45 -22.14
C ASP C 172 -8.20 0.01 -21.74
N TRP C 173 -9.24 -0.81 -21.59
CA TRP C 173 -9.10 -2.18 -21.12
C TRP C 173 -8.35 -3.07 -22.10
N ASN C 174 -8.38 -2.73 -23.38
CA ASN C 174 -7.69 -3.53 -24.37
C ASN C 174 -6.17 -3.49 -24.17
N LYS C 175 -5.66 -2.33 -23.75
CA LYS C 175 -4.23 -2.17 -23.52
C LYS C 175 -3.77 -2.89 -22.25
N ALA C 176 -4.60 -2.81 -21.21
CA ALA C 176 -4.34 -3.57 -19.99
C ALA C 176 -4.35 -5.06 -20.27
N ALA C 177 -5.26 -5.47 -21.14
CA ALA C 177 -5.39 -6.90 -21.50
C ALA C 177 -4.12 -7.39 -22.17
N GLU C 178 -3.55 -6.56 -23.02
CA GLU C 178 -2.28 -6.89 -23.69
C GLU C 178 -1.16 -7.03 -22.67
N ARG C 179 -1.11 -6.13 -21.69
CA ARG C 179 -0.09 -6.19 -20.64
C ARG C 179 -0.27 -7.41 -19.73
N GLY C 180 -1.53 -7.72 -19.38
CA GLY C 180 -1.83 -8.90 -18.58
C GLY C 180 -1.49 -10.19 -19.30
N SER C 181 -1.74 -10.21 -20.61
CA SER C 181 -1.37 -11.35 -21.44
C SER C 181 0.15 -11.56 -21.49
N ALA C 182 0.89 -10.46 -21.63
CA ALA C 182 2.34 -10.54 -21.75
C ALA C 182 2.93 -11.11 -20.47
N ALA C 183 2.35 -10.70 -19.34
CA ALA C 183 2.79 -11.15 -18.03
C ALA C 183 2.59 -12.66 -17.85
N VAL C 184 1.40 -13.14 -18.19
CA VAL C 184 1.09 -14.57 -18.03
C VAL C 184 1.91 -15.47 -18.95
N LEU C 185 1.99 -15.12 -20.23
CA LEU C 185 2.66 -15.98 -21.20
C LEU C 185 4.17 -16.05 -20.99
N ALA C 186 4.72 -15.10 -20.25
CA ALA C 186 6.14 -15.11 -19.93
C ALA C 186 6.45 -16.18 -18.88
N VAL C 187 5.46 -16.51 -18.07
CA VAL C 187 5.62 -17.49 -17.01
C VAL C 187 5.04 -18.83 -17.43
N ALA C 188 3.93 -18.77 -18.16
CA ALA C 188 3.25 -19.98 -18.62
C ALA C 188 2.86 -19.86 -20.10
N PRO C 189 3.85 -19.99 -21.00
CA PRO C 189 3.63 -19.80 -22.44
C PRO C 189 2.60 -20.75 -23.07
N LYS C 190 2.28 -21.86 -22.40
CA LYS C 190 1.33 -22.83 -22.96
C LYS C 190 -0.12 -22.53 -22.55
N TRP C 191 -0.30 -21.50 -21.72
CA TRP C 191 -1.63 -21.14 -21.21
C TRP C 191 -2.42 -20.30 -22.20
N LEU C 192 -3.72 -20.53 -22.26
CA LEU C 192 -4.62 -19.70 -23.06
C LEU C 192 -4.95 -18.41 -22.32
N ILE C 193 -5.27 -17.36 -23.08
CA ILE C 193 -5.58 -16.07 -22.48
C ILE C 193 -7.02 -15.67 -22.81
N ALA C 194 -7.84 -15.57 -21.77
CA ALA C 194 -9.25 -15.25 -21.94
C ALA C 194 -9.51 -13.77 -21.68
N VAL C 195 -10.06 -13.09 -22.68
CA VAL C 195 -10.31 -11.66 -22.63
C VAL C 195 -11.80 -11.39 -22.78
N GLU C 196 -12.37 -10.59 -21.88
CA GLU C 196 -13.79 -10.29 -21.92
C GLU C 196 -14.07 -8.93 -22.57
N GLY C 197 -15.33 -8.67 -22.89
CA GLY C 197 -15.70 -7.40 -23.47
C GLY C 197 -15.85 -6.32 -22.43
N ILE C 198 -16.38 -5.17 -22.86
CA ILE C 198 -16.67 -4.07 -21.93
C ILE C 198 -18.17 -3.78 -21.95
N THR C 199 -18.55 -2.58 -21.55
CA THR C 199 -19.93 -2.14 -21.70
C THR C 199 -20.01 -1.10 -22.81
N ASP C 200 -20.65 0.04 -22.53
CA ASP C 200 -20.79 1.10 -23.51
C ASP C 200 -19.43 1.72 -23.80
N ASN C 201 -19.20 2.10 -25.05
CA ASN C 201 -17.92 2.68 -25.46
C ASN C 201 -18.12 3.95 -26.27
N PRO C 202 -17.31 5.00 -26.00
CA PRO C 202 -17.48 6.28 -26.70
C PRO C 202 -17.10 6.24 -28.18
N VAL C 203 -16.47 5.17 -28.65
CA VAL C 203 -16.20 5.01 -30.08
C VAL C 203 -16.45 3.57 -30.55
N CYS C 204 -16.79 3.43 -31.84
CA CYS C 204 -16.82 2.13 -32.51
C CYS C 204 -17.74 1.12 -31.82
N SER C 205 -18.95 1.55 -31.49
CA SER C 205 -19.87 0.71 -30.73
C SER C 205 -21.27 1.30 -30.64
N THR C 206 -22.26 0.49 -30.98
CA THR C 206 -23.66 0.85 -30.77
C THR C 206 -24.02 0.59 -29.31
N ASN C 207 -24.13 1.67 -28.54
CA ASN C 207 -24.28 1.55 -27.09
C ASN C 207 -25.71 1.27 -26.66
N GLY C 208 -25.88 0.93 -25.39
CA GLY C 208 -27.19 0.63 -24.85
C GLY C 208 -27.46 -0.85 -24.75
N GLY C 209 -28.10 -1.26 -23.66
CA GLY C 209 -28.52 -2.63 -23.45
C GLY C 209 -27.40 -3.64 -23.42
N ILE C 210 -26.31 -3.31 -22.74
CA ILE C 210 -25.13 -4.18 -22.67
C ILE C 210 -24.88 -4.67 -21.24
N PHE C 211 -24.68 -5.99 -21.12
CA PHE C 211 -24.32 -6.58 -19.82
C PHE C 211 -22.82 -6.43 -19.56
N TRP C 212 -22.43 -6.48 -18.29
CA TRP C 212 -21.04 -6.33 -17.91
C TRP C 212 -20.15 -7.30 -18.64
N GLY C 213 -19.07 -6.80 -19.20
CA GLY C 213 -18.13 -7.63 -19.94
C GLY C 213 -18.78 -8.33 -21.11
N GLY C 214 -19.71 -7.67 -21.77
CA GLY C 214 -20.43 -8.30 -22.85
C GLY C 214 -20.31 -7.66 -24.22
N ASN C 215 -19.53 -6.59 -24.32
CA ASN C 215 -19.42 -5.86 -25.57
C ASN C 215 -18.02 -5.93 -26.18
N LEU C 216 -17.90 -6.57 -27.33
CA LEU C 216 -16.64 -6.69 -28.06
C LEU C 216 -16.62 -5.88 -29.35
N GLN C 217 -17.63 -5.04 -29.55
CA GLN C 217 -17.72 -4.23 -30.77
C GLN C 217 -16.47 -3.41 -31.09
N PRO C 218 -15.82 -2.81 -30.08
CA PRO C 218 -14.60 -2.05 -30.42
C PRO C 218 -13.46 -2.89 -30.98
N LEU C 219 -13.49 -4.21 -30.78
CA LEU C 219 -12.47 -5.11 -31.33
C LEU C 219 -12.38 -4.97 -32.84
N ALA C 220 -13.50 -4.61 -33.47
CA ALA C 220 -13.58 -4.45 -34.91
C ALA C 220 -12.62 -3.37 -35.43
N CYS C 221 -12.51 -2.26 -34.68
CA CYS C 221 -11.67 -1.14 -35.09
C CYS C 221 -10.32 -1.13 -34.39
N THR C 222 -10.14 -2.02 -33.41
CA THR C 222 -8.90 -2.07 -32.63
C THR C 222 -8.61 -3.49 -32.15
N PRO C 223 -7.81 -4.25 -32.92
CA PRO C 223 -7.48 -5.63 -32.53
C PRO C 223 -6.57 -5.68 -31.30
N LEU C 224 -6.34 -6.87 -30.78
CA LEU C 224 -5.54 -7.02 -29.59
C LEU C 224 -4.18 -7.56 -29.90
N ASN C 225 -3.20 -7.03 -29.20
CA ASN C 225 -1.85 -7.50 -29.33
C ASN C 225 -1.61 -8.69 -28.46
N ILE C 226 -2.38 -9.74 -28.67
CA ILE C 226 -2.22 -11.01 -27.98
C ILE C 226 -2.09 -12.09 -29.03
N PRO C 227 -1.12 -12.95 -28.89
CA PRO C 227 -0.89 -14.02 -29.88
C PRO C 227 -2.18 -14.72 -30.30
N ALA C 228 -2.42 -14.81 -31.60
CA ALA C 228 -3.64 -15.41 -32.12
C ALA C 228 -3.79 -16.88 -31.73
N ASN C 229 -2.68 -17.51 -31.34
CA ASN C 229 -2.71 -18.91 -30.95
C ASN C 229 -2.88 -19.09 -29.44
N ARG C 230 -3.20 -18.00 -28.74
CA ARG C 230 -3.45 -18.04 -27.31
C ARG C 230 -4.71 -17.25 -26.94
N LEU C 231 -5.15 -16.37 -27.84
CA LEU C 231 -6.27 -15.50 -27.51
C LEU C 231 -7.60 -16.23 -27.57
N LEU C 232 -8.36 -16.11 -26.49
CA LEU C 232 -9.71 -16.66 -26.42
C LEU C 232 -10.68 -15.59 -25.92
N LEU C 233 -11.64 -15.21 -26.75
CA LEU C 233 -12.64 -14.22 -26.34
C LEU C 233 -13.73 -14.88 -25.49
N ALA C 234 -13.97 -14.32 -24.32
CA ALA C 234 -14.93 -14.87 -23.39
C ALA C 234 -15.95 -13.84 -22.90
N PRO C 235 -16.84 -13.41 -23.78
CA PRO C 235 -17.87 -12.44 -23.41
C PRO C 235 -18.95 -13.03 -22.52
N HIS C 236 -19.68 -12.17 -21.82
CA HIS C 236 -20.75 -12.59 -20.94
C HIS C 236 -22.09 -12.09 -21.47
N VAL C 237 -23.12 -12.92 -21.42
CA VAL C 237 -24.47 -12.46 -21.75
C VAL C 237 -25.51 -13.01 -20.77
N TYR C 238 -26.56 -12.24 -20.49
CA TYR C 238 -27.56 -12.63 -19.51
C TYR C 238 -29.01 -12.40 -19.95
N GLY C 239 -29.95 -12.92 -19.18
CA GLY C 239 -31.36 -12.85 -19.53
C GLY C 239 -32.15 -11.86 -18.70
N PRO C 240 -33.47 -11.78 -18.94
CA PRO C 240 -34.37 -10.79 -18.32
C PRO C 240 -34.45 -10.89 -16.80
N ASP C 241 -33.93 -11.97 -16.24
CA ASP C 241 -33.94 -12.17 -14.79
C ASP C 241 -32.81 -11.39 -14.11
N VAL C 242 -31.74 -11.11 -14.87
CA VAL C 242 -30.63 -10.29 -14.36
C VAL C 242 -30.93 -8.82 -14.56
N PHE C 243 -31.33 -8.45 -15.78
CA PHE C 243 -31.83 -7.11 -16.07
C PHE C 243 -32.86 -7.16 -17.18
N VAL C 244 -33.96 -6.42 -17.01
CA VAL C 244 -34.98 -6.35 -18.03
C VAL C 244 -34.62 -5.26 -19.04
N GLN C 245 -33.97 -5.68 -20.13
CA GLN C 245 -33.59 -4.76 -21.20
C GLN C 245 -34.81 -4.39 -22.03
N SER C 246 -34.69 -3.34 -22.83
CA SER C 246 -35.81 -2.89 -23.66
C SER C 246 -36.17 -3.93 -24.72
N TYR C 247 -35.14 -4.57 -25.29
CA TYR C 247 -35.37 -5.51 -26.39
C TYR C 247 -36.04 -6.81 -25.93
N PHE C 248 -36.08 -7.02 -24.62
CA PHE C 248 -36.81 -8.16 -24.05
C PHE C 248 -38.32 -7.91 -24.11
N ASN C 249 -38.70 -6.66 -24.35
CA ASN C 249 -40.11 -6.27 -24.40
C ASN C 249 -40.67 -6.21 -25.83
N ASP C 250 -39.79 -6.32 -26.82
CA ASP C 250 -40.22 -6.27 -28.22
C ASP C 250 -41.20 -7.39 -28.55
N SER C 251 -42.16 -7.09 -29.42
CA SER C 251 -43.25 -8.01 -29.72
C SER C 251 -42.75 -9.32 -30.33
N ASN C 252 -41.79 -9.23 -31.24
CA ASN C 252 -41.29 -10.42 -31.92
C ASN C 252 -40.13 -11.11 -31.19
N PHE C 253 -40.08 -10.94 -29.87
CA PHE C 253 -39.11 -11.65 -29.03
C PHE C 253 -39.40 -13.15 -29.09
N PRO C 254 -38.34 -13.97 -29.26
CA PRO C 254 -36.94 -13.59 -29.34
C PRO C 254 -36.36 -13.65 -30.75
N ASN C 255 -37.15 -13.32 -31.77
CA ASN C 255 -36.65 -13.36 -33.13
C ASN C 255 -35.69 -12.20 -33.37
N ASN C 256 -35.79 -11.18 -32.53
CA ASN C 256 -34.96 -9.98 -32.63
C ASN C 256 -33.58 -10.17 -31.99
N MET C 257 -33.46 -11.17 -31.13
CA MET C 257 -32.27 -11.37 -30.30
C MET C 257 -30.96 -11.77 -31.03
N PRO C 258 -31.03 -12.58 -32.10
CA PRO C 258 -29.78 -12.87 -32.81
C PRO C 258 -29.02 -11.62 -33.28
N ALA C 259 -29.74 -10.62 -33.77
CA ALA C 259 -29.12 -9.38 -34.26
C ALA C 259 -28.31 -8.68 -33.18
N ILE C 260 -28.79 -8.75 -31.94
CA ILE C 260 -28.16 -8.07 -30.83
C ILE C 260 -26.96 -8.86 -30.30
N TRP C 261 -27.11 -10.19 -30.22
CA TRP C 261 -26.00 -11.06 -29.84
C TRP C 261 -24.88 -11.00 -30.88
N GLU C 262 -25.28 -10.95 -32.15
CA GLU C 262 -24.32 -10.85 -33.25
C GLU C 262 -23.50 -9.56 -33.15
N ARG C 263 -24.18 -8.48 -32.78
CA ARG C 263 -23.56 -7.17 -32.64
C ARG C 263 -22.55 -7.16 -31.49
N HIS C 264 -23.03 -7.56 -30.32
CA HIS C 264 -22.25 -7.54 -29.09
C HIS C 264 -21.04 -8.47 -29.10
N PHE C 265 -21.21 -9.68 -29.63
CA PHE C 265 -20.10 -10.61 -29.68
C PHE C 265 -20.07 -11.55 -30.86
N GLY C 266 -21.21 -11.82 -31.46
CA GLY C 266 -21.36 -12.90 -32.42
C GLY C 266 -20.52 -12.79 -33.65
N GLN C 267 -20.36 -11.56 -34.09
CA GLN C 267 -19.71 -11.26 -35.37
C GLN C 267 -18.23 -11.64 -35.43
N PHE C 268 -17.64 -11.99 -34.29
CA PHE C 268 -16.21 -12.31 -34.24
C PHE C 268 -15.95 -13.80 -34.23
N ALA C 269 -17.02 -14.60 -34.19
CA ALA C 269 -16.89 -16.05 -34.09
C ALA C 269 -16.22 -16.63 -35.32
N GLY C 270 -16.49 -16.02 -36.47
CA GLY C 270 -15.94 -16.50 -37.73
C GLY C 270 -14.44 -16.27 -37.88
N THR C 271 -13.89 -15.38 -37.06
CA THR C 271 -12.48 -14.99 -37.20
C THR C 271 -11.71 -15.06 -35.88
N HIS C 272 -12.41 -15.28 -34.77
CA HIS C 272 -11.75 -15.47 -33.48
C HIS C 272 -12.32 -16.67 -32.74
N ALA C 273 -11.50 -17.29 -31.90
CA ALA C 273 -11.99 -18.32 -30.99
C ALA C 273 -12.87 -17.66 -29.93
N LEU C 274 -14.14 -18.01 -29.93
CA LEU C 274 -15.09 -17.34 -29.07
C LEU C 274 -15.99 -18.32 -28.31
N LEU C 275 -16.16 -18.08 -27.02
CA LEU C 275 -17.13 -18.82 -26.21
C LEU C 275 -17.65 -17.90 -25.11
N LEU C 276 -18.73 -18.32 -24.44
CA LEU C 276 -19.32 -17.46 -23.42
C LEU C 276 -18.76 -17.80 -22.05
N GLY C 277 -18.13 -16.82 -21.41
CA GLY C 277 -17.52 -17.04 -20.12
C GLY C 277 -18.53 -17.15 -19.03
N GLU C 278 -19.71 -16.59 -19.26
CA GLU C 278 -20.80 -16.67 -18.31
C GLU C 278 -22.09 -16.46 -19.05
N PHE C 279 -23.06 -17.34 -18.82
CA PHE C 279 -24.40 -17.14 -19.37
C PHE C 279 -25.37 -18.01 -18.59
N GLY C 280 -26.63 -17.56 -18.49
CA GLY C 280 -27.64 -18.34 -17.80
C GLY C 280 -28.72 -17.53 -17.11
N GLY C 281 -29.47 -18.22 -16.25
CA GLY C 281 -30.61 -17.62 -15.60
C GLY C 281 -31.52 -18.64 -14.96
N LYS C 282 -32.74 -18.21 -14.59
CA LYS C 282 -33.63 -19.05 -13.80
C LYS C 282 -34.31 -20.17 -14.60
N TYR C 283 -34.47 -19.96 -15.90
CA TYR C 283 -35.03 -20.97 -16.79
C TYR C 283 -36.37 -21.52 -16.39
N GLY C 284 -37.26 -20.64 -15.99
CA GLY C 284 -38.64 -21.00 -15.78
C GLY C 284 -39.10 -20.37 -14.51
N GLU C 285 -38.24 -20.44 -13.51
CA GLU C 285 -38.52 -19.81 -12.26
C GLU C 285 -38.32 -18.35 -12.53
N GLY C 286 -38.76 -17.50 -11.62
CA GLY C 286 -38.66 -16.08 -11.82
C GLY C 286 -39.41 -15.70 -13.06
N ASP C 287 -38.77 -14.95 -13.94
CA ASP C 287 -39.37 -14.51 -15.18
C ASP C 287 -39.65 -15.73 -16.04
N ALA C 288 -40.78 -15.69 -16.74
CA ALA C 288 -41.17 -16.75 -17.66
C ALA C 288 -40.55 -16.58 -19.05
N ARG C 289 -40.05 -15.38 -19.32
CA ARG C 289 -39.33 -15.11 -20.56
C ARG C 289 -37.95 -15.74 -20.55
N ASP C 290 -37.42 -15.97 -19.35
CA ASP C 290 -36.06 -16.50 -19.18
C ASP C 290 -35.89 -17.85 -19.85
N LYS C 291 -36.95 -18.65 -19.87
CA LYS C 291 -36.90 -19.95 -20.54
C LYS C 291 -36.68 -19.74 -22.04
N THR C 292 -37.48 -18.86 -22.64
CA THR C 292 -37.41 -18.57 -24.06
C THR C 292 -36.08 -17.95 -24.48
N TRP C 293 -35.58 -17.02 -23.67
CA TRP C 293 -34.31 -16.37 -23.94
C TRP C 293 -33.15 -17.37 -24.03
N GLN C 294 -33.07 -18.26 -23.06
CA GLN C 294 -32.03 -19.26 -23.03
C GLN C 294 -32.12 -20.25 -24.18
N ASP C 295 -33.33 -20.70 -24.47
CA ASP C 295 -33.55 -21.55 -25.64
C ASP C 295 -33.06 -20.88 -26.92
N ALA C 296 -33.40 -19.61 -27.09
CA ALA C 296 -33.03 -18.86 -28.28
C ALA C 296 -31.51 -18.72 -28.39
N LEU C 297 -30.86 -18.51 -27.25
CA LEU C 297 -29.40 -18.33 -27.23
C LEU C 297 -28.65 -19.59 -27.68
N VAL C 298 -29.08 -20.75 -27.20
CA VAL C 298 -28.43 -22.01 -27.54
C VAL C 298 -28.59 -22.31 -29.04
N LYS C 299 -29.77 -22.08 -29.59
CA LYS C 299 -29.99 -22.27 -31.02
C LYS C 299 -29.13 -21.29 -31.84
N TYR C 300 -28.91 -20.09 -31.31
CA TYR C 300 -28.07 -19.11 -31.99
C TYR C 300 -26.59 -19.49 -31.93
N LEU C 301 -26.13 -19.91 -30.75
CA LEU C 301 -24.75 -20.32 -30.56
C LEU C 301 -24.37 -21.48 -31.49
N ARG C 302 -25.26 -22.47 -31.57
CA ARG C 302 -25.04 -23.63 -32.43
C ARG C 302 -24.87 -23.21 -33.88
N SER C 303 -25.69 -22.25 -34.32
CA SER C 303 -25.66 -21.78 -35.70
C SER C 303 -24.39 -21.00 -36.01
N LYS C 304 -23.70 -20.56 -34.95
CA LYS C 304 -22.42 -19.87 -35.11
C LYS C 304 -21.27 -20.87 -34.92
N GLY C 305 -21.62 -22.15 -34.82
CA GLY C 305 -20.62 -23.20 -34.68
C GLY C 305 -20.04 -23.28 -33.29
N ILE C 306 -20.72 -22.66 -32.33
CA ILE C 306 -20.28 -22.64 -30.94
C ILE C 306 -20.97 -23.71 -30.10
N ASN C 307 -20.22 -24.72 -29.68
CA ASN C 307 -20.78 -25.80 -28.88
C ASN C 307 -20.13 -25.89 -27.50
N GLN C 308 -19.73 -24.76 -26.95
CA GLN C 308 -19.01 -24.73 -25.68
C GLN C 308 -19.09 -23.38 -24.99
N GLY C 309 -18.88 -23.38 -23.68
CA GLY C 309 -18.96 -22.19 -22.86
C GLY C 309 -18.97 -22.57 -21.38
N PHE C 310 -19.17 -21.58 -20.52
CA PHE C 310 -19.26 -21.84 -19.08
C PHE C 310 -20.56 -21.26 -18.52
N TYR C 311 -21.47 -22.15 -18.12
CA TYR C 311 -22.77 -21.74 -17.59
C TYR C 311 -22.64 -21.07 -16.21
N TRP C 312 -23.57 -20.17 -15.92
CA TRP C 312 -23.60 -19.46 -14.65
C TRP C 312 -24.88 -19.77 -13.89
N SER C 313 -24.81 -20.57 -12.82
CA SER C 313 -23.57 -21.16 -12.32
C SER C 313 -23.83 -22.59 -11.88
N TRP C 314 -22.83 -23.20 -11.25
CA TRP C 314 -23.00 -24.48 -10.58
C TRP C 314 -23.86 -24.38 -9.35
N ASN C 315 -23.64 -23.37 -8.51
CA ASN C 315 -24.26 -23.31 -7.19
C ASN C 315 -25.57 -22.57 -7.14
N PRO C 316 -26.43 -22.87 -6.17
CA PRO C 316 -27.72 -22.16 -6.08
C PRO C 316 -27.52 -20.68 -5.79
N ASN C 317 -26.36 -20.40 -5.20
CA ASN C 317 -26.05 -19.23 -4.41
C ASN C 317 -26.37 -17.96 -5.14
N SER C 318 -26.15 -17.93 -6.45
CA SER C 318 -26.45 -16.72 -7.19
C SER C 318 -27.93 -16.47 -7.01
N GLY C 319 -28.25 -15.23 -6.63
CA GLY C 319 -29.63 -14.84 -6.39
C GLY C 319 -30.50 -14.73 -7.62
N ASP C 320 -30.04 -13.96 -8.59
CA ASP C 320 -30.86 -13.64 -9.76
C ASP C 320 -30.88 -14.71 -10.84
N THR C 321 -30.07 -15.76 -10.69
CA THR C 321 -29.98 -16.76 -11.76
C THR C 321 -30.20 -18.20 -11.29
N GLY C 322 -30.10 -18.45 -9.99
CA GLY C 322 -30.09 -19.82 -9.50
C GLY C 322 -28.88 -20.54 -10.05
N GLY C 323 -28.90 -21.87 -10.07
CA GLY C 323 -27.76 -22.62 -10.57
C GLY C 323 -28.13 -23.96 -11.16
N ILE C 324 -27.15 -24.85 -11.27
CA ILE C 324 -27.43 -26.22 -11.70
C ILE C 324 -28.00 -26.99 -10.52
N LEU C 325 -27.47 -26.75 -9.33
CA LEU C 325 -28.03 -27.30 -8.11
C LEU C 325 -29.13 -26.41 -7.57
N ARG C 326 -30.09 -27.00 -6.88
CA ARG C 326 -31.13 -26.22 -6.21
C ARG C 326 -30.64 -25.83 -4.83
N ASP C 327 -31.48 -25.13 -4.07
CA ASP C 327 -31.09 -24.63 -2.74
C ASP C 327 -30.68 -25.70 -1.73
N ASP C 328 -31.02 -26.96 -1.99
CA ASP C 328 -30.63 -28.03 -1.07
C ASP C 328 -29.23 -28.54 -1.39
N TRP C 329 -28.60 -27.96 -2.40
CA TRP C 329 -27.26 -28.32 -2.83
C TRP C 329 -27.12 -29.78 -3.25
N THR C 330 -28.23 -30.44 -3.53
CA THR C 330 -28.16 -31.84 -3.94
C THR C 330 -28.95 -32.09 -5.23
N SER C 331 -30.18 -31.58 -5.27
CA SER C 331 -31.06 -31.80 -6.41
C SER C 331 -30.64 -30.94 -7.59
N VAL C 332 -30.58 -31.54 -8.79
CA VAL C 332 -30.13 -30.78 -9.96
C VAL C 332 -31.28 -30.46 -10.91
N ARG C 333 -31.16 -29.32 -11.59
CA ARG C 333 -32.18 -28.84 -12.50
C ARG C 333 -32.06 -29.49 -13.88
N GLN C 334 -32.87 -30.51 -14.10
CA GLN C 334 -32.78 -31.36 -15.30
C GLN C 334 -32.98 -30.58 -16.59
N ASP C 335 -33.88 -29.62 -16.57
CA ASP C 335 -34.18 -28.84 -17.77
C ASP C 335 -32.94 -28.05 -18.21
N LYS C 336 -32.25 -27.44 -17.26
CA LYS C 336 -31.00 -26.75 -17.55
C LYS C 336 -29.93 -27.69 -18.09
N MET C 337 -29.91 -28.91 -17.59
CA MET C 337 -28.94 -29.88 -18.09
C MET C 337 -29.30 -30.31 -19.50
N THR C 338 -30.59 -30.48 -19.75
CA THR C 338 -31.07 -30.80 -21.10
C THR C 338 -30.72 -29.66 -22.06
N LEU C 339 -30.85 -28.43 -21.59
CA LEU C 339 -30.52 -27.26 -22.39
C LEU C 339 -29.05 -27.27 -22.79
N LEU C 340 -28.18 -27.57 -21.83
CA LEU C 340 -26.74 -27.54 -22.06
C LEU C 340 -26.27 -28.68 -22.98
N ARG C 341 -26.86 -29.86 -22.83
CA ARG C 341 -26.46 -30.98 -23.65
C ARG C 341 -26.88 -30.76 -25.10
N THR C 342 -27.88 -29.90 -25.30
CA THR C 342 -28.25 -29.49 -26.65
C THR C 342 -27.14 -28.62 -27.24
N LEU C 343 -26.67 -27.65 -26.46
CA LEU C 343 -25.55 -26.81 -26.86
C LEU C 343 -24.30 -27.65 -27.16
N TRP C 344 -23.98 -28.56 -26.25
CA TRP C 344 -22.76 -29.36 -26.37
C TRP C 344 -22.82 -30.31 -27.55
N GLY C 345 -24.02 -30.73 -27.93
CA GLY C 345 -24.20 -31.67 -29.03
C GLY C 345 -24.15 -33.12 -28.55
N THR C 346 -24.55 -33.33 -27.30
CA THR C 346 -24.55 -34.66 -26.71
C THR C 346 -25.93 -35.03 -26.17
N TYR D 1 -28.32 30.18 0.63
CA TYR D 1 -27.78 29.51 1.81
C TYR D 1 -26.27 29.69 1.91
N SER D 2 -25.73 29.55 3.11
CA SER D 2 -24.29 29.68 3.34
C SER D 2 -23.86 29.01 4.63
N ILE D 3 -22.55 28.85 4.80
CA ILE D 3 -22.00 28.32 6.05
C ILE D 3 -21.32 29.46 6.81
N ASN D 4 -21.57 29.57 8.11
CA ASN D 4 -20.93 30.62 8.89
C ASN D 4 -19.61 30.16 9.48
N ASN D 5 -19.09 30.91 10.45
CA ASN D 5 -17.81 30.57 11.07
C ASN D 5 -17.97 29.58 12.21
N SER D 6 -19.22 29.24 12.53
CA SER D 6 -19.50 28.23 13.55
C SER D 6 -19.89 26.92 12.89
N ARG D 7 -19.69 26.85 11.57
CA ARG D 7 -19.94 25.64 10.77
C ARG D 7 -21.40 25.23 10.80
N GLN D 8 -22.27 26.23 10.91
CA GLN D 8 -23.71 26.02 10.84
C GLN D 8 -24.21 26.44 9.46
N ILE D 9 -25.32 25.86 9.04
CA ILE D 9 -26.02 26.31 7.84
C ILE D 9 -26.92 27.49 8.19
N VAL D 10 -26.90 28.53 7.36
CA VAL D 10 -27.80 29.66 7.55
C VAL D 10 -28.56 29.96 6.26
N ASP D 11 -29.80 30.43 6.38
CA ASP D 11 -30.62 30.76 5.21
C ASP D 11 -30.36 32.21 4.78
N ASP D 12 -31.30 32.78 4.03
CA ASP D 12 -31.14 34.14 3.52
C ASP D 12 -31.22 35.20 4.62
N SER D 13 -32.14 34.99 5.56
CA SER D 13 -32.37 35.97 6.63
C SER D 13 -31.30 35.93 7.71
N GLY D 14 -30.55 34.82 7.78
CA GLY D 14 -29.48 34.67 8.75
C GLY D 14 -29.80 33.69 9.86
N LYS D 15 -31.01 33.12 9.81
CA LYS D 15 -31.44 32.15 10.81
C LYS D 15 -30.73 30.80 10.61
N VAL D 16 -30.30 30.20 11.71
CA VAL D 16 -29.62 28.91 11.65
C VAL D 16 -30.57 27.79 11.23
N VAL D 17 -30.17 27.05 10.20
CA VAL D 17 -30.96 25.92 9.71
C VAL D 17 -30.46 24.60 10.31
N GLN D 18 -31.38 23.83 10.88
CA GLN D 18 -31.05 22.50 11.36
C GLN D 18 -31.71 21.46 10.45
N LEU D 19 -30.91 20.58 9.87
CA LEU D 19 -31.43 19.59 8.92
C LEU D 19 -31.85 18.30 9.62
N LYS D 20 -33.10 18.25 10.05
CA LYS D 20 -33.65 17.04 10.63
C LYS D 20 -34.25 16.20 9.50
N GLY D 21 -33.38 15.58 8.70
CA GLY D 21 -33.81 15.04 7.43
C GLY D 21 -33.82 13.53 7.23
N VAL D 22 -34.29 13.13 6.06
CA VAL D 22 -34.36 11.72 5.67
C VAL D 22 -34.30 11.62 4.14
N ASN D 23 -33.68 10.54 3.65
CA ASN D 23 -33.64 10.25 2.21
C ASN D 23 -34.95 9.73 1.67
N VAL D 24 -35.34 10.20 0.49
CA VAL D 24 -36.50 9.64 -0.21
C VAL D 24 -36.08 9.09 -1.56
N PHE D 25 -35.97 7.78 -1.63
CA PHE D 25 -35.54 7.09 -2.83
C PHE D 25 -36.61 6.91 -3.88
N GLY D 26 -36.20 6.81 -5.13
CA GLY D 26 -37.07 6.42 -6.20
C GLY D 26 -36.82 7.11 -7.52
N PHE D 27 -36.49 8.37 -7.46
CA PHE D 27 -36.30 9.15 -8.66
C PHE D 27 -35.05 8.76 -9.42
N GLU D 28 -34.18 8.01 -8.75
CA GLU D 28 -32.94 7.54 -9.35
C GLU D 28 -33.08 6.10 -9.86
N THR D 29 -34.27 5.52 -9.69
CA THR D 29 -34.50 4.13 -10.10
C THR D 29 -35.14 4.05 -11.48
N GLY D 30 -35.39 2.82 -11.94
CA GLY D 30 -36.03 2.59 -13.21
C GLY D 30 -37.52 2.88 -13.21
N ASN D 31 -38.04 3.39 -12.09
CA ASN D 31 -39.42 3.82 -12.00
C ASN D 31 -39.56 5.34 -12.18
N HIS D 32 -38.43 6.03 -12.04
CA HIS D 32 -38.37 7.48 -12.23
C HIS D 32 -39.42 8.24 -11.42
N VAL D 33 -39.74 7.72 -10.24
CA VAL D 33 -40.67 8.38 -9.33
C VAL D 33 -40.40 7.88 -7.92
N MET D 34 -40.71 8.70 -6.91
CA MET D 34 -40.45 8.31 -5.53
C MET D 34 -41.23 7.04 -5.15
N HIS D 35 -40.58 6.17 -4.39
CA HIS D 35 -41.15 4.88 -4.02
C HIS D 35 -42.34 5.01 -3.07
N GLY D 36 -43.26 4.05 -3.16
CA GLY D 36 -44.37 3.97 -2.23
C GLY D 36 -45.70 4.46 -2.79
N LEU D 37 -45.70 4.90 -4.04
CA LEU D 37 -46.92 5.45 -4.63
C LEU D 37 -47.86 4.34 -5.08
N TRP D 38 -47.41 3.10 -4.95
CA TRP D 38 -48.25 1.94 -5.21
C TRP D 38 -49.12 1.63 -3.99
N ALA D 39 -48.71 2.17 -2.84
CA ALA D 39 -49.41 1.93 -1.57
C ALA D 39 -49.94 3.22 -0.94
N ARG D 40 -49.24 4.33 -1.18
CA ARG D 40 -49.56 5.59 -0.53
C ARG D 40 -49.83 6.71 -1.53
N ASN D 41 -50.56 7.73 -1.05
CA ASN D 41 -50.63 8.98 -1.77
C ASN D 41 -49.35 9.78 -1.49
N TRP D 42 -48.78 10.39 -2.51
CA TRP D 42 -47.48 11.06 -2.39
C TRP D 42 -47.55 12.26 -1.45
N LYS D 43 -48.59 13.08 -1.60
CA LYS D 43 -48.76 14.28 -0.79
C LYS D 43 -48.86 13.93 0.68
N ASP D 44 -49.60 12.89 0.99
CA ASP D 44 -49.83 12.50 2.38
C ASP D 44 -48.61 11.80 2.96
N MET D 45 -47.71 11.31 2.10
CA MET D 45 -46.44 10.80 2.58
C MET D 45 -45.61 11.97 3.08
N ILE D 46 -45.72 13.09 2.37
CA ILE D 46 -44.99 14.31 2.70
C ILE D 46 -45.56 14.97 3.95
N VAL D 47 -46.89 14.95 4.07
CA VAL D 47 -47.55 15.43 5.28
C VAL D 47 -47.09 14.60 6.47
N GLN D 48 -46.97 13.30 6.25
CA GLN D 48 -46.58 12.36 7.29
C GLN D 48 -45.16 12.61 7.81
N MET D 49 -44.21 12.78 6.90
CA MET D 49 -42.82 12.93 7.32
C MET D 49 -42.62 14.26 8.03
N GLN D 50 -43.37 15.28 7.63
CA GLN D 50 -43.32 16.56 8.33
C GLN D 50 -43.89 16.43 9.74
N GLY D 51 -45.03 15.75 9.86
CA GLY D 51 -45.68 15.57 11.15
C GLY D 51 -44.94 14.63 12.07
N LEU D 52 -43.83 14.08 11.59
CA LEU D 52 -43.01 13.17 12.38
C LEU D 52 -41.81 13.89 12.99
N GLY D 53 -41.47 15.05 12.43
CA GLY D 53 -40.38 15.84 12.95
C GLY D 53 -39.41 16.29 11.89
N PHE D 54 -39.50 15.69 10.71
CA PHE D 54 -38.57 15.97 9.61
C PHE D 54 -38.82 17.33 8.96
N ASN D 55 -37.77 18.12 8.81
CA ASN D 55 -37.87 19.39 8.11
C ASN D 55 -36.95 19.44 6.89
N ALA D 56 -36.28 18.32 6.63
CA ALA D 56 -35.37 18.21 5.50
C ALA D 56 -35.54 16.89 4.75
N VAL D 57 -35.13 16.89 3.48
CA VAL D 57 -35.22 15.70 2.65
C VAL D 57 -34.06 15.66 1.66
N ARG D 58 -33.53 14.46 1.40
CA ARG D 58 -32.51 14.26 0.38
C ARG D 58 -33.14 13.52 -0.80
N LEU D 59 -33.05 14.10 -1.99
CA LEU D 59 -33.76 13.57 -3.15
C LEU D 59 -32.85 13.04 -4.25
N PRO D 60 -32.51 11.74 -4.20
CA PRO D 60 -31.76 11.11 -5.29
C PRO D 60 -32.47 11.25 -6.64
N PHE D 61 -31.72 11.46 -7.70
CA PHE D 61 -32.28 11.53 -9.05
C PHE D 61 -31.28 10.95 -10.05
N CYS D 62 -31.72 10.82 -11.30
CA CYS D 62 -30.86 10.31 -12.37
C CYS D 62 -31.08 11.16 -13.62
N PRO D 63 -30.18 11.04 -14.62
CA PRO D 63 -30.34 11.83 -15.85
C PRO D 63 -31.64 11.58 -16.59
N ALA D 64 -32.04 10.31 -16.74
CA ALA D 64 -33.27 9.99 -17.47
C ALA D 64 -34.49 10.70 -16.89
N THR D 65 -34.59 10.75 -15.56
CA THR D 65 -35.70 11.43 -14.88
C THR D 65 -35.82 12.90 -15.29
N LEU D 66 -34.72 13.48 -15.74
CA LEU D 66 -34.69 14.89 -16.13
C LEU D 66 -35.12 15.11 -17.58
N ARG D 67 -35.10 14.04 -18.38
CA ARG D 67 -35.58 14.13 -19.75
C ARG D 67 -37.10 14.26 -19.77
N SER D 68 -37.62 15.15 -20.61
CA SER D 68 -39.02 15.54 -20.56
C SER D 68 -39.97 14.54 -21.23
N ASP D 69 -39.44 13.42 -21.70
CA ASP D 69 -40.29 12.38 -22.31
C ASP D 69 -40.22 11.08 -21.52
N THR D 70 -39.60 11.13 -20.35
CA THR D 70 -39.48 9.94 -19.50
C THR D 70 -40.74 9.73 -18.68
N MET D 71 -41.37 8.58 -18.87
CA MET D 71 -42.60 8.24 -18.14
C MET D 71 -42.28 7.43 -16.89
N PRO D 72 -43.06 7.64 -15.81
CA PRO D 72 -42.86 6.90 -14.56
C PRO D 72 -43.37 5.47 -14.62
N ALA D 73 -43.37 4.79 -13.48
CA ALA D 73 -43.87 3.43 -13.37
C ALA D 73 -44.21 3.08 -11.92
N SER D 74 -45.01 2.03 -11.75
CA SER D 74 -45.39 1.49 -10.45
C SER D 74 -46.30 2.39 -9.61
N ILE D 75 -46.77 3.49 -10.19
CA ILE D 75 -47.69 4.37 -9.48
C ILE D 75 -49.12 3.81 -9.50
N ASP D 76 -49.74 3.76 -8.32
CA ASP D 76 -51.14 3.37 -8.20
C ASP D 76 -52.00 4.60 -8.40
N TYR D 77 -52.52 4.79 -9.60
CA TYR D 77 -53.20 6.03 -9.95
C TYR D 77 -54.56 6.17 -9.26
N SER D 78 -55.00 5.12 -8.57
CA SER D 78 -56.24 5.19 -7.79
C SER D 78 -56.03 5.97 -6.49
N ARG D 79 -54.80 6.02 -6.00
CA ARG D 79 -54.48 6.87 -4.87
C ARG D 79 -53.74 8.09 -5.29
N ASN D 80 -53.39 8.14 -6.56
CA ASN D 80 -52.52 9.19 -7.06
C ASN D 80 -52.99 9.81 -8.36
N ALA D 81 -54.28 10.05 -8.45
CA ALA D 81 -54.93 10.42 -9.70
C ALA D 81 -54.40 11.71 -10.28
N ASP D 82 -54.00 12.61 -9.43
CA ASP D 82 -53.49 13.91 -9.90
C ASP D 82 -52.13 13.75 -10.59
N LEU D 83 -51.57 12.55 -10.56
CA LEU D 83 -50.28 12.27 -11.21
C LEU D 83 -50.47 11.53 -12.54
N GLN D 84 -51.72 11.37 -12.97
CA GLN D 84 -52.02 10.64 -14.20
C GLN D 84 -51.66 11.45 -15.44
N GLY D 85 -50.87 10.84 -16.32
CA GLY D 85 -50.49 11.48 -17.58
C GLY D 85 -49.29 12.41 -17.45
N LEU D 86 -48.77 12.53 -16.23
CA LEU D 86 -47.61 13.38 -15.99
C LEU D 86 -46.31 12.62 -16.23
N THR D 87 -45.29 13.35 -16.69
CA THR D 87 -43.96 12.79 -16.90
C THR D 87 -43.18 12.73 -15.59
N SER D 88 -42.10 11.96 -15.57
CA SER D 88 -41.26 11.85 -14.38
C SER D 88 -40.67 13.19 -13.97
N LEU D 89 -40.44 14.06 -14.95
CA LEU D 89 -39.92 15.39 -14.69
C LEU D 89 -40.97 16.30 -14.05
N GLN D 90 -42.16 16.29 -14.62
CA GLN D 90 -43.28 17.06 -14.08
C GLN D 90 -43.65 16.63 -12.67
N ILE D 91 -43.55 15.34 -12.40
CA ILE D 91 -43.84 14.81 -11.07
C ILE D 91 -42.77 15.26 -10.08
N LEU D 92 -41.53 15.35 -10.57
CA LEU D 92 -40.44 15.88 -9.77
C LEU D 92 -40.72 17.33 -9.39
N ASP D 93 -41.21 18.11 -10.35
CA ASP D 93 -41.50 19.52 -10.12
C ASP D 93 -42.53 19.71 -9.02
N LYS D 94 -43.55 18.85 -9.01
CA LYS D 94 -44.64 18.97 -8.05
C LYS D 94 -44.19 18.56 -6.65
N VAL D 95 -43.35 17.53 -6.60
CA VAL D 95 -42.80 17.04 -5.33
C VAL D 95 -41.93 18.11 -4.65
N ILE D 96 -41.05 18.72 -5.42
CA ILE D 96 -40.21 19.80 -4.92
C ILE D 96 -41.07 20.98 -4.48
N ALA D 97 -42.06 21.31 -5.29
CA ALA D 97 -42.96 22.44 -5.03
C ALA D 97 -43.80 22.20 -3.78
N GLU D 98 -44.06 20.93 -3.48
CA GLU D 98 -44.81 20.56 -2.29
C GLU D 98 -43.92 20.68 -1.05
N PHE D 99 -42.71 20.17 -1.15
CA PHE D 99 -41.71 20.31 -0.09
C PHE D 99 -41.44 21.79 0.22
N ASN D 100 -41.30 22.58 -0.84
CA ASN D 100 -41.10 24.03 -0.68
C ASN D 100 -42.29 24.72 -0.03
N ALA D 101 -43.49 24.25 -0.34
CA ALA D 101 -44.71 24.88 0.18
C ALA D 101 -44.93 24.56 1.66
N ARG D 102 -44.21 23.55 2.15
CA ARG D 102 -44.35 23.12 3.54
C ARG D 102 -43.16 23.55 4.39
N GLY D 103 -42.25 24.30 3.79
CA GLY D 103 -41.07 24.75 4.51
C GLY D 103 -40.17 23.60 4.87
N MET D 104 -40.10 22.60 4.00
CA MET D 104 -39.19 21.48 4.16
C MET D 104 -38.00 21.60 3.22
N TYR D 105 -36.80 21.60 3.79
CA TYR D 105 -35.56 21.79 3.02
C TYR D 105 -35.29 20.59 2.10
N VAL D 106 -34.79 20.87 0.90
CA VAL D 106 -34.52 19.82 -0.08
C VAL D 106 -33.07 19.82 -0.53
N LEU D 107 -32.41 18.67 -0.41
CA LEU D 107 -31.06 18.50 -0.94
C LEU D 107 -31.09 17.51 -2.09
N LEU D 108 -30.87 18.01 -3.31
CA LEU D 108 -30.89 17.19 -4.52
C LEU D 108 -29.58 16.42 -4.65
N ASP D 109 -29.67 15.18 -5.07
CA ASP D 109 -28.56 14.28 -5.14
C ASP D 109 -28.48 13.64 -6.53
N HIS D 110 -27.36 13.80 -7.19
CA HIS D 110 -27.06 13.07 -8.43
C HIS D 110 -26.60 11.67 -8.05
N HIS D 111 -27.53 10.71 -8.08
CA HIS D 111 -27.31 9.43 -7.42
C HIS D 111 -26.69 8.37 -8.31
N THR D 112 -27.01 8.41 -9.59
CA THR D 112 -26.56 7.39 -10.53
C THR D 112 -26.49 7.97 -11.93
N PRO D 113 -25.57 7.46 -12.77
CA PRO D 113 -25.48 7.91 -14.16
C PRO D 113 -26.54 7.29 -15.07
N ASP D 114 -26.97 6.06 -14.78
CA ASP D 114 -27.78 5.30 -15.72
C ASP D 114 -29.09 4.73 -15.14
N CYS D 115 -29.55 5.33 -14.04
CA CYS D 115 -30.79 4.90 -13.40
C CYS D 115 -30.75 3.43 -13.00
N ALA D 116 -29.56 2.96 -12.65
CA ALA D 116 -29.36 1.58 -12.23
C ALA D 116 -28.39 1.53 -11.06
N GLY D 117 -27.12 1.24 -11.35
CA GLY D 117 -26.12 1.12 -10.32
C GLY D 117 -25.34 2.38 -10.03
N ILE D 118 -24.69 2.41 -8.87
CA ILE D 118 -23.84 3.52 -8.50
C ILE D 118 -22.45 3.32 -9.10
N SER D 119 -21.94 4.31 -9.83
CA SER D 119 -20.66 4.17 -10.51
C SER D 119 -19.49 4.56 -9.60
N GLU D 120 -18.29 4.14 -9.98
CA GLU D 120 -17.09 4.37 -9.18
C GLU D 120 -16.61 5.81 -9.30
N LEU D 121 -16.56 6.29 -10.54
CA LEU D 121 -16.15 7.65 -10.82
C LEU D 121 -17.37 8.52 -11.14
N TRP D 122 -17.12 9.74 -11.60
CA TRP D 122 -18.17 10.70 -11.93
C TRP D 122 -18.54 10.60 -13.41
N TYR D 123 -17.99 9.59 -14.09
CA TYR D 123 -18.24 9.42 -15.51
C TYR D 123 -18.14 7.94 -15.87
N THR D 124 -18.68 7.58 -17.03
CA THR D 124 -18.58 6.22 -17.54
C THR D 124 -18.24 6.26 -19.03
N GLY D 125 -18.30 5.10 -19.68
CA GLY D 125 -18.06 5.03 -21.11
C GLY D 125 -19.17 5.71 -21.90
N SER D 126 -20.36 5.82 -21.30
CA SER D 126 -21.51 6.41 -21.99
C SER D 126 -21.98 7.71 -21.35
N TYR D 127 -21.46 8.01 -20.16
CA TYR D 127 -21.86 9.22 -19.43
C TYR D 127 -20.63 10.05 -19.08
N THR D 128 -20.25 10.95 -19.98
CA THR D 128 -19.00 11.71 -19.84
C THR D 128 -19.05 12.77 -18.74
N GLU D 129 -17.91 13.37 -18.43
CA GLU D 129 -17.84 14.44 -17.44
C GLU D 129 -18.68 15.63 -17.89
N ALA D 130 -18.65 15.90 -19.20
CA ALA D 130 -19.42 17.00 -19.78
C ALA D 130 -20.90 16.84 -19.48
N GLN D 131 -21.44 15.65 -19.81
CA GLN D 131 -22.84 15.34 -19.55
C GLN D 131 -23.19 15.51 -18.07
N TRP D 132 -22.29 15.08 -17.20
CA TRP D 132 -22.47 15.20 -15.76
C TRP D 132 -22.62 16.66 -15.35
N LEU D 133 -21.69 17.51 -15.80
CA LEU D 133 -21.72 18.92 -15.47
C LEU D 133 -22.96 19.60 -16.05
N ALA D 134 -23.29 19.24 -17.30
CA ALA D 134 -24.43 19.82 -17.98
C ALA D 134 -25.71 19.51 -17.24
N ASP D 135 -25.77 18.31 -16.66
CA ASP D 135 -26.93 17.89 -15.90
C ASP D 135 -27.02 18.62 -14.56
N LEU D 136 -25.87 18.81 -13.92
CA LEU D 136 -25.80 19.59 -12.69
C LEU D 136 -26.27 21.01 -12.96
N ARG D 137 -25.83 21.58 -14.09
CA ARG D 137 -26.25 22.90 -14.51
CA ARG D 137 -26.26 22.90 -14.48
C ARG D 137 -27.76 22.93 -14.75
N PHE D 138 -28.27 21.89 -15.42
CA PHE D 138 -29.68 21.80 -15.75
C PHE D 138 -30.56 21.83 -14.50
N VAL D 139 -30.22 21.01 -13.51
CA VAL D 139 -30.95 20.94 -12.25
C VAL D 139 -30.82 22.26 -11.48
N ALA D 140 -29.61 22.79 -11.43
CA ALA D 140 -29.36 24.04 -10.73
C ALA D 140 -30.17 25.17 -11.33
N ASN D 141 -30.16 25.23 -12.66
CA ASN D 141 -30.88 26.27 -13.39
C ASN D 141 -32.39 26.14 -13.24
N ARG D 142 -32.88 24.91 -13.15
CA ARG D 142 -34.31 24.65 -13.07
C ARG D 142 -34.89 25.03 -11.71
N TYR D 143 -34.19 24.71 -10.63
CA TYR D 143 -34.72 24.90 -9.29
C TYR D 143 -33.97 25.92 -8.43
N LYS D 144 -33.47 26.99 -9.05
CA LYS D 144 -32.71 27.99 -8.29
C LYS D 144 -33.59 29.09 -7.74
N ASN D 145 -34.86 29.10 -8.13
CA ASN D 145 -35.80 30.09 -7.64
C ASN D 145 -36.80 29.48 -6.67
N VAL D 146 -36.48 28.26 -6.22
CA VAL D 146 -37.25 27.57 -5.20
C VAL D 146 -36.53 27.68 -3.85
N PRO D 147 -37.05 28.55 -2.97
CA PRO D 147 -36.41 28.96 -1.71
C PRO D 147 -35.92 27.84 -0.79
N TYR D 148 -36.59 26.68 -0.81
CA TYR D 148 -36.25 25.65 0.18
C TYR D 148 -35.42 24.50 -0.38
N VAL D 149 -34.94 24.65 -1.61
CA VAL D 149 -33.97 23.70 -2.15
C VAL D 149 -32.57 24.11 -1.66
N LEU D 150 -31.97 23.25 -0.84
CA LEU D 150 -30.72 23.58 -0.15
C LEU D 150 -29.50 23.56 -1.08
N GLY D 151 -29.53 22.71 -2.10
CA GLY D 151 -28.41 22.62 -3.03
C GLY D 151 -28.19 21.25 -3.63
N LEU D 152 -26.98 20.99 -4.11
CA LEU D 152 -26.68 19.76 -4.84
C LEU D 152 -25.65 18.85 -4.16
N ASP D 153 -26.00 17.58 -4.07
CA ASP D 153 -25.06 16.51 -3.74
C ASP D 153 -24.45 16.09 -5.08
N LEU D 154 -23.22 16.52 -5.35
CA LEU D 154 -22.69 16.47 -6.71
C LEU D 154 -22.61 15.07 -7.29
N LYS D 155 -22.16 14.11 -6.50
CA LYS D 155 -22.13 12.73 -6.93
C LYS D 155 -22.32 11.85 -5.72
N ASN D 156 -22.86 10.65 -5.92
CA ASN D 156 -23.18 9.78 -4.82
C ASN D 156 -22.24 8.60 -4.69
N GLU D 157 -21.69 8.42 -3.50
CA GLU D 157 -20.91 7.23 -3.19
C GLU D 157 -19.75 6.90 -4.13
N PRO D 158 -18.84 7.83 -4.33
CA PRO D 158 -17.67 7.51 -5.14
C PRO D 158 -16.92 6.39 -4.46
N HIS D 159 -16.45 5.42 -5.24
CA HIS D 159 -15.86 4.24 -4.65
C HIS D 159 -14.98 3.61 -5.70
N GLY D 160 -14.18 2.64 -5.30
CA GLY D 160 -13.38 1.92 -6.25
C GLY D 160 -12.17 2.64 -6.80
N ALA D 161 -12.18 2.88 -8.08
CA ALA D 161 -11.11 3.59 -8.70
C ALA D 161 -11.00 5.01 -8.21
N ALA D 162 -12.07 5.57 -7.69
CA ALA D 162 -12.02 6.97 -7.27
C ALA D 162 -10.89 7.21 -6.28
N THR D 163 -10.06 8.20 -6.57
CA THR D 163 -8.97 8.60 -5.68
C THR D 163 -9.14 10.06 -5.24
N TRP D 164 -8.25 10.52 -4.36
CA TRP D 164 -8.33 11.88 -3.84
C TRP D 164 -6.91 12.44 -3.63
N GLY D 165 -6.54 13.43 -4.44
CA GLY D 165 -5.27 14.12 -4.28
C GLY D 165 -4.03 13.32 -4.61
N THR D 166 -4.08 12.57 -5.72
CA THR D 166 -2.96 11.71 -6.07
C THR D 166 -2.19 12.22 -7.28
N GLY D 167 -2.74 13.23 -7.92
CA GLY D 167 -2.20 13.78 -9.14
C GLY D 167 -2.78 13.21 -10.40
N ASN D 168 -3.73 12.31 -10.26
CA ASN D 168 -4.36 11.64 -11.39
C ASN D 168 -5.68 12.25 -11.77
N ALA D 169 -5.73 12.92 -12.89
CA ALA D 169 -6.95 13.56 -13.34
C ALA D 169 -8.03 12.57 -13.58
N ALA D 170 -7.66 11.41 -14.07
CA ALA D 170 -8.60 10.39 -14.43
C ALA D 170 -9.44 9.88 -13.30
N THR D 171 -8.89 9.87 -12.11
CA THR D 171 -9.56 9.25 -10.96
C THR D 171 -9.71 10.17 -9.76
N ASP D 172 -9.07 11.33 -9.77
CA ASP D 172 -9.14 12.23 -8.62
C ASP D 172 -10.48 12.93 -8.54
N TRP D 173 -11.33 12.43 -7.65
CA TRP D 173 -12.68 12.96 -7.47
C TRP D 173 -12.68 14.32 -6.78
N ASN D 174 -11.59 14.68 -6.13
CA ASN D 174 -11.54 15.98 -5.46
C ASN D 174 -11.51 17.11 -6.49
N LYS D 175 -10.71 16.94 -7.54
CA LYS D 175 -10.67 17.93 -8.62
C LYS D 175 -11.97 17.93 -9.42
N ALA D 176 -12.59 16.76 -9.58
CA ALA D 176 -13.85 16.66 -10.30
C ALA D 176 -14.97 17.39 -9.58
N ALA D 177 -14.95 17.31 -8.25
CA ALA D 177 -15.98 17.97 -7.44
C ALA D 177 -15.75 19.48 -7.47
N GLU D 178 -14.51 19.90 -7.69
CA GLU D 178 -14.21 21.32 -7.82
C GLU D 178 -14.82 21.88 -9.10
N ARG D 179 -14.77 21.11 -10.18
CA ARG D 179 -15.34 21.54 -11.44
C ARG D 179 -16.87 21.47 -11.41
N GLY D 180 -17.39 20.51 -10.64
CA GLY D 180 -18.82 20.40 -10.45
C GLY D 180 -19.36 21.51 -9.57
N SER D 181 -18.59 21.87 -8.55
CA SER D 181 -18.96 22.97 -7.67
C SER D 181 -19.01 24.28 -8.45
N ALA D 182 -18.04 24.49 -9.32
CA ALA D 182 -17.98 25.73 -10.10
C ALA D 182 -19.15 25.81 -11.09
N ALA D 183 -19.46 24.67 -11.71
CA ALA D 183 -20.59 24.61 -12.66
C ALA D 183 -21.93 24.98 -12.01
N VAL D 184 -22.18 24.46 -10.82
CA VAL D 184 -23.42 24.73 -10.09
C VAL D 184 -23.49 26.14 -9.52
N LEU D 185 -22.38 26.63 -8.96
CA LEU D 185 -22.37 27.95 -8.33
C LEU D 185 -22.40 29.10 -9.32
N ALA D 186 -22.05 28.83 -10.57
CA ALA D 186 -22.13 29.83 -11.63
C ALA D 186 -23.59 30.04 -12.05
N VAL D 187 -24.45 29.12 -11.64
CA VAL D 187 -25.85 29.15 -12.02
C VAL D 187 -26.74 29.46 -10.82
N ALA D 188 -26.55 28.69 -9.75
CA ALA D 188 -27.27 28.90 -8.50
C ALA D 188 -26.28 29.20 -7.37
N PRO D 189 -25.83 30.46 -7.29
CA PRO D 189 -24.76 30.87 -6.36
C PRO D 189 -25.16 30.83 -4.89
N LYS D 190 -26.46 30.72 -4.60
CA LYS D 190 -26.94 30.68 -3.21
C LYS D 190 -27.09 29.25 -2.70
N TRP D 191 -26.60 28.29 -3.48
CA TRP D 191 -26.76 26.86 -3.19
C TRP D 191 -25.59 26.24 -2.43
N LEU D 192 -25.90 25.40 -1.45
CA LEU D 192 -24.86 24.59 -0.81
C LEU D 192 -24.36 23.52 -1.76
N ILE D 193 -23.10 23.13 -1.58
CA ILE D 193 -22.51 22.08 -2.40
C ILE D 193 -22.12 20.90 -1.52
N ALA D 194 -22.88 19.81 -1.63
CA ALA D 194 -22.61 18.62 -0.84
C ALA D 194 -21.62 17.72 -1.56
N VAL D 195 -20.52 17.43 -0.89
CA VAL D 195 -19.48 16.58 -1.46
C VAL D 195 -19.32 15.35 -0.59
N GLU D 196 -19.29 14.18 -1.22
CA GLU D 196 -19.14 12.93 -0.49
C GLU D 196 -17.69 12.45 -0.50
N GLY D 197 -17.39 11.52 0.38
CA GLY D 197 -16.05 10.96 0.46
C GLY D 197 -15.86 9.88 -0.58
N ILE D 198 -14.73 9.20 -0.50
CA ILE D 198 -14.42 8.11 -1.42
C ILE D 198 -14.27 6.82 -0.62
N THR D 199 -13.58 5.83 -1.16
CA THR D 199 -13.26 4.63 -0.41
C THR D 199 -11.77 4.57 -0.07
N ASP D 200 -11.10 3.48 -0.44
CA ASP D 200 -9.66 3.37 -0.22
C ASP D 200 -8.89 4.35 -1.09
N ASN D 201 -7.76 4.85 -0.56
CA ASN D 201 -6.95 5.82 -1.28
C ASN D 201 -5.46 5.52 -1.12
N PRO D 202 -4.70 5.63 -2.22
CA PRO D 202 -3.26 5.36 -2.22
C PRO D 202 -2.41 6.32 -1.36
N VAL D 203 -2.96 7.47 -0.99
CA VAL D 203 -2.26 8.40 -0.09
C VAL D 203 -3.19 8.96 0.97
N CYS D 204 -2.59 9.45 2.06
CA CYS D 204 -3.32 10.15 3.13
C CYS D 204 -4.59 9.44 3.59
N SER D 205 -4.49 8.14 3.88
CA SER D 205 -5.65 7.36 4.29
C SER D 205 -5.29 6.00 4.88
N THR D 206 -5.67 5.76 6.13
CA THR D 206 -5.64 4.41 6.66
C THR D 206 -6.80 3.62 6.02
N ASN D 207 -6.47 2.81 5.05
CA ASN D 207 -7.41 2.10 4.26
C ASN D 207 -8.00 0.87 4.89
N GLY D 208 -9.12 0.44 4.36
CA GLY D 208 -9.82 -0.74 4.80
C GLY D 208 -11.04 -0.49 5.65
N GLY D 209 -12.02 -1.34 5.50
CA GLY D 209 -13.29 -1.14 6.16
C GLY D 209 -14.02 0.14 5.90
N ILE D 210 -14.10 0.54 4.66
CA ILE D 210 -14.72 1.82 4.31
C ILE D 210 -15.94 1.65 3.40
N PHE D 211 -17.07 2.17 3.85
CA PHE D 211 -18.29 2.18 3.05
C PHE D 211 -18.20 3.23 1.95
N TRP D 212 -18.93 3.01 0.86
CA TRP D 212 -18.93 3.94 -0.27
C TRP D 212 -19.24 5.37 0.17
N GLY D 213 -18.48 6.32 -0.36
CA GLY D 213 -18.65 7.72 -0.02
C GLY D 213 -18.31 8.02 1.43
N GLY D 214 -17.66 7.07 2.10
CA GLY D 214 -17.47 7.16 3.54
C GLY D 214 -16.13 7.65 4.04
N ASN D 215 -15.15 7.76 3.16
CA ASN D 215 -13.80 8.17 3.56
C ASN D 215 -13.48 9.61 3.15
N LEU D 216 -13.19 10.45 4.13
CA LEU D 216 -12.80 11.84 3.86
C LEU D 216 -11.38 12.12 4.32
N GLN D 217 -10.65 11.08 4.71
CA GLN D 217 -9.28 11.27 5.17
C GLN D 217 -8.37 12.04 4.21
N PRO D 218 -8.47 11.79 2.89
CA PRO D 218 -7.55 12.54 2.02
C PRO D 218 -7.81 14.05 1.98
N LEU D 219 -8.95 14.49 2.51
CA LEU D 219 -9.22 15.91 2.62
C LEU D 219 -8.20 16.63 3.53
N ALA D 220 -7.62 15.88 4.47
CA ALA D 220 -6.59 16.42 5.37
C ALA D 220 -5.29 16.75 4.64
N CYS D 221 -5.09 16.15 3.47
CA CYS D 221 -3.89 16.39 2.67
C CYS D 221 -4.16 17.36 1.53
N THR D 222 -5.38 17.31 1.00
CA THR D 222 -5.71 18.04 -0.21
C THR D 222 -7.04 18.78 -0.07
N PRO D 223 -6.98 20.04 0.38
CA PRO D 223 -8.20 20.84 0.59
C PRO D 223 -8.97 21.01 -0.72
N LEU D 224 -10.26 21.28 -0.62
CA LEU D 224 -11.08 21.47 -1.81
C LEU D 224 -11.11 22.95 -2.19
N ASN D 225 -10.95 23.20 -3.49
CA ASN D 225 -11.10 24.55 -4.02
C ASN D 225 -12.59 24.84 -4.21
N ILE D 226 -13.30 24.86 -3.09
CA ILE D 226 -14.73 25.13 -3.04
C ILE D 226 -14.93 26.17 -1.96
N PRO D 227 -15.70 27.24 -2.25
CA PRO D 227 -15.95 28.32 -1.28
C PRO D 227 -16.35 27.79 0.10
N ALA D 228 -15.63 28.22 1.13
CA ALA D 228 -15.86 27.74 2.49
C ALA D 228 -17.31 27.96 2.93
N ASN D 229 -17.93 29.02 2.42
CA ASN D 229 -19.31 29.34 2.80
C ASN D 229 -20.35 28.60 1.96
N ARG D 230 -19.89 27.64 1.16
CA ARG D 230 -20.80 26.85 0.33
C ARG D 230 -20.57 25.35 0.48
N LEU D 231 -19.43 24.97 1.05
CA LEU D 231 -19.07 23.56 1.14
C LEU D 231 -19.77 22.85 2.29
N LEU D 232 -20.41 21.73 1.97
CA LEU D 232 -21.00 20.85 2.97
C LEU D 232 -20.50 19.42 2.77
N LEU D 233 -19.84 18.87 3.77
CA LEU D 233 -19.35 17.50 3.71
C LEU D 233 -20.44 16.51 4.11
N ALA D 234 -20.66 15.48 3.28
CA ALA D 234 -21.77 14.56 3.51
C ALA D 234 -21.39 13.09 3.33
N PRO D 235 -20.42 12.59 4.11
CA PRO D 235 -20.03 11.18 4.02
C PRO D 235 -21.16 10.23 4.40
N HIS D 236 -21.02 8.97 4.02
CA HIS D 236 -21.98 7.94 4.38
C HIS D 236 -21.35 6.97 5.38
N VAL D 237 -22.16 6.43 6.29
CA VAL D 237 -21.68 5.42 7.22
C VAL D 237 -22.82 4.46 7.55
N TYR D 238 -22.53 3.16 7.56
CA TYR D 238 -23.56 2.14 7.80
C TYR D 238 -23.09 1.14 8.85
N GLY D 239 -24.00 0.27 9.27
CA GLY D 239 -23.70 -0.72 10.30
C GLY D 239 -23.55 -2.14 9.80
N PRO D 240 -23.61 -3.12 10.72
CA PRO D 240 -23.47 -4.54 10.39
C PRO D 240 -24.58 -5.05 9.46
N ASP D 241 -25.66 -4.30 9.35
CA ASP D 241 -26.76 -4.64 8.45
C ASP D 241 -26.33 -4.56 6.99
N VAL D 242 -25.48 -3.60 6.67
CA VAL D 242 -24.98 -3.41 5.32
C VAL D 242 -23.75 -4.27 5.03
N PHE D 243 -22.81 -4.30 5.97
CA PHE D 243 -21.61 -5.12 5.84
C PHE D 243 -21.02 -5.39 7.22
N VAL D 244 -20.56 -6.61 7.45
CA VAL D 244 -19.93 -6.95 8.72
C VAL D 244 -18.44 -6.61 8.69
N GLN D 245 -18.11 -5.36 9.04
CA GLN D 245 -16.73 -4.93 9.16
C GLN D 245 -16.04 -5.65 10.30
N SER D 246 -14.72 -5.76 10.23
CA SER D 246 -13.95 -6.46 11.26
C SER D 246 -14.07 -5.78 12.63
N TYR D 247 -14.21 -4.46 12.64
CA TYR D 247 -14.32 -3.74 13.91
C TYR D 247 -15.71 -3.88 14.53
N PHE D 248 -16.63 -4.54 13.83
CA PHE D 248 -17.94 -4.85 14.41
C PHE D 248 -17.85 -6.11 15.26
N ASN D 249 -16.71 -6.79 15.20
CA ASN D 249 -16.53 -8.06 15.88
C ASN D 249 -15.53 -8.00 17.02
N ASP D 250 -14.95 -6.82 17.27
CA ASP D 250 -14.04 -6.66 18.40
C ASP D 250 -14.80 -6.80 19.71
N SER D 251 -14.11 -7.27 20.75
CA SER D 251 -14.73 -7.48 22.05
C SER D 251 -14.97 -6.16 22.78
N ASN D 252 -14.37 -5.09 22.27
CA ASN D 252 -14.54 -3.77 22.86
C ASN D 252 -15.70 -2.99 22.26
N PHE D 253 -16.41 -3.62 21.33
CA PHE D 253 -17.55 -3.01 20.65
C PHE D 253 -18.62 -2.55 21.64
N PRO D 254 -19.16 -1.32 21.44
CA PRO D 254 -18.79 -0.39 20.38
C PRO D 254 -17.83 0.71 20.83
N ASN D 255 -17.14 0.52 21.96
CA ASN D 255 -16.22 1.52 22.49
C ASN D 255 -15.06 1.87 21.55
N ASN D 256 -14.84 1.02 20.55
CA ASN D 256 -13.78 1.23 19.59
C ASN D 256 -14.25 2.03 18.37
N MET D 257 -15.56 2.24 18.28
CA MET D 257 -16.16 2.89 17.11
C MET D 257 -15.83 4.38 16.94
N PRO D 258 -15.88 5.17 18.04
CA PRO D 258 -15.55 6.60 17.83
C PRO D 258 -14.19 6.86 17.18
N ALA D 259 -13.21 5.99 17.41
CA ALA D 259 -11.91 6.13 16.76
C ALA D 259 -12.03 5.91 15.26
N ILE D 260 -12.89 4.99 14.86
CA ILE D 260 -13.14 4.69 13.44
C ILE D 260 -13.83 5.86 12.75
N TRP D 261 -14.93 6.32 13.33
CA TRP D 261 -15.69 7.44 12.79
C TRP D 261 -14.86 8.73 12.76
N GLU D 262 -14.07 8.95 13.81
CA GLU D 262 -13.16 10.09 13.88
C GLU D 262 -12.17 10.05 12.73
N ARG D 263 -11.60 8.89 12.47
CA ARG D 263 -10.68 8.75 11.36
C ARG D 263 -11.35 8.99 10.01
N HIS D 264 -12.50 8.36 9.81
CA HIS D 264 -13.28 8.47 8.56
C HIS D 264 -13.87 9.85 8.21
N PHE D 265 -14.45 10.53 9.19
CA PHE D 265 -15.04 11.86 8.96
C PHE D 265 -15.02 12.77 10.17
N GLY D 266 -14.94 12.19 11.35
CA GLY D 266 -15.20 12.92 12.56
C GLY D 266 -14.29 14.09 12.72
N GLN D 267 -13.07 13.89 12.31
CA GLN D 267 -11.98 14.82 12.53
C GLN D 267 -12.20 16.14 11.81
N PHE D 268 -13.14 16.14 10.87
CA PHE D 268 -13.39 17.34 10.06
C PHE D 268 -14.54 18.15 10.61
N ALA D 269 -15.18 17.63 11.65
CA ALA D 269 -16.31 18.31 12.29
C ALA D 269 -15.87 19.68 12.82
N GLY D 270 -14.68 19.74 13.38
CA GLY D 270 -14.17 20.95 14.00
C GLY D 270 -13.84 22.07 13.04
N THR D 271 -13.54 21.71 11.78
CA THR D 271 -13.06 22.69 10.81
C THR D 271 -13.98 22.86 9.59
N HIS D 272 -15.03 22.05 9.51
CA HIS D 272 -15.92 22.07 8.35
C HIS D 272 -17.38 21.86 8.73
N ALA D 273 -18.28 22.31 7.87
CA ALA D 273 -19.70 21.97 7.99
C ALA D 273 -19.88 20.51 7.63
N LEU D 274 -20.35 19.71 8.59
CA LEU D 274 -20.34 18.27 8.44
C LEU D 274 -21.63 17.61 8.93
N LEU D 275 -22.17 16.74 8.09
CA LEU D 275 -23.31 15.91 8.45
C LEU D 275 -23.23 14.59 7.70
N LEU D 276 -24.10 13.64 8.06
CA LEU D 276 -24.14 12.35 7.39
C LEU D 276 -25.23 12.37 6.33
N GLY D 277 -24.84 12.21 5.08
CA GLY D 277 -25.78 12.22 3.97
C GLY D 277 -26.62 10.97 3.95
N GLU D 278 -26.07 9.88 4.48
CA GLU D 278 -26.78 8.61 4.64
C GLU D 278 -26.26 7.88 5.87
N PHE D 279 -27.18 7.41 6.71
CA PHE D 279 -26.85 6.52 7.82
C PHE D 279 -28.12 5.83 8.29
N GLY D 280 -28.02 4.55 8.59
CA GLY D 280 -29.20 3.80 9.00
C GLY D 280 -28.95 2.31 9.09
N GLY D 281 -30.00 1.58 9.47
CA GLY D 281 -29.90 0.14 9.63
C GLY D 281 -31.13 -0.45 10.31
N LYS D 282 -31.09 -1.75 10.58
CA LYS D 282 -32.25 -2.49 11.05
C LYS D 282 -32.82 -2.01 12.39
N TYR D 283 -31.95 -1.54 13.28
CA TYR D 283 -32.34 -1.19 14.64
C TYR D 283 -32.96 -2.33 15.44
N GLY D 284 -32.37 -3.50 15.28
CA GLY D 284 -32.68 -4.71 16.01
C GLY D 284 -33.29 -5.82 15.19
N GLU D 285 -33.98 -5.51 14.11
CA GLU D 285 -34.49 -6.58 13.31
C GLU D 285 -33.31 -7.35 12.78
N GLY D 286 -32.32 -6.63 12.27
CA GLY D 286 -31.16 -7.28 11.69
C GLY D 286 -30.17 -8.02 12.56
N ASP D 287 -29.79 -7.39 13.67
CA ASP D 287 -28.73 -7.88 14.54
C ASP D 287 -29.01 -7.29 15.89
N ALA D 288 -28.39 -7.80 16.93
CA ALA D 288 -28.51 -7.16 18.23
C ALA D 288 -27.52 -5.99 18.28
N ARG D 289 -26.57 -6.01 17.36
CA ARG D 289 -25.54 -4.99 17.28
C ARG D 289 -26.03 -3.73 16.58
N ASP D 290 -27.17 -3.83 15.89
CA ASP D 290 -27.71 -2.71 15.13
C ASP D 290 -28.17 -1.57 16.02
N LYS D 291 -28.95 -1.91 17.04
CA LYS D 291 -29.39 -0.92 18.02
C LYS D 291 -28.16 -0.29 18.66
N THR D 292 -27.27 -1.14 19.16
CA THR D 292 -26.04 -0.71 19.82
C THR D 292 -25.21 0.23 18.92
N TRP D 293 -25.13 -0.11 17.64
CA TRP D 293 -24.35 0.70 16.69
C TRP D 293 -25.00 2.07 16.45
N GLN D 294 -26.30 2.08 16.15
CA GLN D 294 -27.00 3.33 15.87
C GLN D 294 -27.08 4.24 17.09
N ASP D 295 -27.26 3.64 18.27
CA ASP D 295 -27.23 4.39 19.53
C ASP D 295 -25.87 5.05 19.73
N ALA D 296 -24.81 4.29 19.44
CA ALA D 296 -23.45 4.75 19.62
C ALA D 296 -23.12 5.87 18.64
N LEU D 297 -23.55 5.71 17.40
CA LEU D 297 -23.31 6.69 16.35
C LEU D 297 -23.88 8.05 16.73
N VAL D 298 -25.13 8.06 17.19
CA VAL D 298 -25.80 9.28 17.61
C VAL D 298 -25.06 9.91 18.80
N LYS D 299 -24.67 9.07 19.77
CA LYS D 299 -23.89 9.52 20.92
C LYS D 299 -22.57 10.16 20.47
N TYR D 300 -21.86 9.50 19.56
CA TYR D 300 -20.65 10.10 18.99
C TYR D 300 -20.96 11.40 18.27
N LEU D 301 -22.01 11.38 17.45
CA LEU D 301 -22.43 12.56 16.68
C LEU D 301 -22.72 13.77 17.57
N ARG D 302 -23.44 13.54 18.67
CA ARG D 302 -23.78 14.63 19.59
C ARG D 302 -22.50 15.24 20.19
N SER D 303 -21.52 14.41 20.50
CA SER D 303 -20.30 14.87 21.14
C SER D 303 -19.37 15.61 20.16
N LYS D 304 -19.73 15.61 18.87
CA LYS D 304 -18.97 16.37 17.88
C LYS D 304 -19.71 17.67 17.53
N GLY D 305 -20.78 17.96 18.25
CA GLY D 305 -21.56 19.16 18.02
C GLY D 305 -22.60 19.02 16.93
N ILE D 306 -22.66 17.84 16.33
CA ILE D 306 -23.54 17.56 15.20
C ILE D 306 -24.93 17.05 15.62
N ASN D 307 -25.98 17.76 15.23
CA ASN D 307 -27.34 17.33 15.56
C ASN D 307 -28.26 17.28 14.34
N GLN D 308 -27.70 16.82 13.22
CA GLN D 308 -28.45 16.79 11.96
C GLN D 308 -27.83 15.82 10.96
N GLY D 309 -28.61 15.45 9.95
CA GLY D 309 -28.15 14.54 8.91
C GLY D 309 -29.35 14.01 8.15
N PHE D 310 -29.11 13.03 7.27
CA PHE D 310 -30.20 12.41 6.52
C PHE D 310 -30.25 10.90 6.75
N TYR D 311 -31.25 10.46 7.50
CA TYR D 311 -31.39 9.05 7.81
C TYR D 311 -31.67 8.25 6.54
N TRP D 312 -31.18 7.03 6.52
CA TRP D 312 -31.36 6.15 5.36
C TRP D 312 -32.09 4.87 5.75
N SER D 313 -33.36 4.75 5.35
CA SER D 313 -34.05 5.77 4.57
C SER D 313 -35.50 5.91 5.05
N TRP D 314 -36.29 6.69 4.33
CA TRP D 314 -37.72 6.71 4.54
C TRP D 314 -38.42 5.47 4.14
N ASN D 315 -38.15 5.04 2.91
CA ASN D 315 -38.82 3.89 2.32
C ASN D 315 -38.46 2.60 3.03
N PRO D 316 -39.41 1.72 3.24
CA PRO D 316 -39.10 0.40 3.78
C PRO D 316 -38.25 -0.35 2.77
N ASN D 317 -38.46 0.02 1.52
CA ASN D 317 -38.19 -0.79 0.35
C ASN D 317 -36.85 -1.48 0.45
N SER D 318 -35.90 -0.75 1.02
CA SER D 318 -34.47 -1.01 0.89
C SER D 318 -34.23 -2.30 1.66
N GLY D 319 -33.35 -3.13 1.13
CA GLY D 319 -32.96 -4.37 1.78
C GLY D 319 -31.68 -4.12 2.56
N ASP D 320 -31.72 -4.51 3.83
CA ASP D 320 -30.66 -4.28 4.81
C ASP D 320 -30.89 -2.95 5.53
N THR D 321 -31.83 -2.18 5.01
CA THR D 321 -32.26 -0.95 5.68
C THR D 321 -33.76 -1.04 5.90
N GLY D 322 -34.18 -0.96 7.15
CA GLY D 322 -35.60 -1.01 7.46
C GLY D 322 -36.38 0.17 6.94
N GLY D 323 -35.83 1.36 7.09
CA GLY D 323 -36.53 2.59 6.78
C GLY D 323 -37.35 3.07 7.96
N ILE D 324 -37.91 4.27 7.85
CA ILE D 324 -38.81 4.80 8.86
C ILE D 324 -40.16 4.09 8.87
N LEU D 325 -40.67 3.79 7.68
CA LEU D 325 -41.92 3.09 7.54
C LEU D 325 -41.70 1.58 7.59
N ARG D 326 -42.74 0.84 7.89
CA ARG D 326 -42.67 -0.62 7.85
C ARG D 326 -43.06 -1.12 6.48
N ASP D 327 -43.10 -2.44 6.31
CA ASP D 327 -43.43 -3.05 5.01
C ASP D 327 -44.79 -2.59 4.46
N ASP D 328 -45.73 -2.27 5.33
CA ASP D 328 -47.05 -1.84 4.91
C ASP D 328 -47.05 -0.39 4.40
N TRP D 329 -45.88 0.24 4.41
CA TRP D 329 -45.70 1.61 3.92
C TRP D 329 -46.53 2.65 4.67
N THR D 330 -46.99 2.31 5.87
CA THR D 330 -47.85 3.20 6.65
C THR D 330 -47.40 3.31 8.09
N SER D 331 -47.15 2.17 8.72
CA SER D 331 -46.72 2.14 10.11
C SER D 331 -45.35 2.78 10.27
N VAL D 332 -45.14 3.42 11.42
CA VAL D 332 -43.90 4.14 11.68
C VAL D 332 -43.07 3.45 12.75
N ARG D 333 -41.82 3.18 12.46
CA ARG D 333 -40.91 2.61 13.44
C ARG D 333 -40.54 3.68 14.45
N GLN D 334 -41.25 3.69 15.57
CA GLN D 334 -41.09 4.73 16.59
C GLN D 334 -39.74 4.66 17.31
N ASP D 335 -39.20 3.46 17.46
CA ASP D 335 -37.92 3.30 18.16
C ASP D 335 -36.80 4.00 17.38
N LYS D 336 -37.01 4.19 16.09
CA LYS D 336 -36.07 4.94 15.28
C LYS D 336 -36.33 6.42 15.44
N MET D 337 -37.60 6.80 15.37
CA MET D 337 -37.96 8.20 15.54
C MET D 337 -37.48 8.71 16.89
N THR D 338 -37.50 7.84 17.89
CA THR D 338 -36.97 8.18 19.21
C THR D 338 -35.45 8.32 19.14
N LEU D 339 -34.81 7.48 18.32
CA LEU D 339 -33.37 7.61 18.10
C LEU D 339 -33.03 8.94 17.42
N LEU D 340 -33.83 9.31 16.43
CA LEU D 340 -33.58 10.52 15.65
C LEU D 340 -33.83 11.79 16.45
N ARG D 341 -34.89 11.79 17.27
CA ARG D 341 -35.20 12.95 18.09
C ARG D 341 -34.14 13.14 19.17
N THR D 342 -33.48 12.05 19.54
CA THR D 342 -32.33 12.13 20.45
C THR D 342 -31.24 12.95 19.79
N LEU D 343 -30.91 12.60 18.55
CA LEU D 343 -29.91 13.29 17.77
C LEU D 343 -30.23 14.76 17.58
N TRP D 344 -31.45 15.05 17.14
CA TRP D 344 -31.89 16.41 16.87
C TRP D 344 -31.96 17.25 18.16
N GLY D 345 -32.09 16.57 19.29
CA GLY D 345 -32.23 17.26 20.57
C GLY D 345 -33.64 17.76 20.79
N THR D 346 -34.62 16.97 20.34
CA THR D 346 -36.02 17.37 20.42
C THR D 346 -36.87 16.32 21.15
P 2HP E . 53.59 -18.40 5.16
O1 2HP E . 54.44 -19.40 4.39
O2 2HP E . 53.91 -18.48 6.63
O3 2HP E . 53.90 -17.01 4.65
O4 2HP E . 52.13 -18.71 4.93
P 2HP F . 26.46 -28.94 -13.95
O1 2HP F . 26.28 -30.22 -14.74
O2 2HP F . 25.26 -28.74 -13.05
O3 2HP F . 27.72 -29.03 -13.12
O4 2HP F . 26.57 -27.78 -14.92
P 2HP G . 36.12 -0.20 -9.41
O1 2HP G . 36.14 -1.45 -10.27
O2 2HP G . 35.11 -0.36 -8.31
O3 2HP G . 37.48 -0.01 -8.77
O4 2HP G . 35.80 1.00 -10.27
P 2HP H . 12.50 -4.19 -15.23
O1 2HP H . 13.79 -4.27 -16.03
O2 2HP H . 11.73 -5.49 -15.36
O3 2HP H . 12.82 -3.95 -13.77
O4 2HP H . 11.68 -3.04 -15.76
P 2HP I . 8.04 -21.14 -6.15
O1 2HP I . 7.90 -22.36 -7.04
O2 2HP I . 9.00 -21.45 -5.03
O3 2HP I . 8.58 -19.99 -6.97
O4 2HP I . 6.70 -20.76 -5.58
P 2HP J . 27.71 5.53 4.75
O1 2HP J . 28.55 4.46 4.11
O2 2HP J . 26.25 5.16 4.67
O3 2HP J . 28.10 5.67 6.20
O4 2HP J . 27.92 6.85 4.03
P 2HP K . 39.38 -3.23 -8.90
O1 2HP K . 40.74 -3.88 -8.74
O2 2HP K . 38.75 -3.01 -7.55
O3 2HP K . 39.55 -1.90 -9.59
O4 2HP K . 38.48 -4.13 -9.72
P 2HP L . 9.77 17.12 36.01
O1 2HP L . 10.07 17.43 34.57
O2 2HP L . 9.76 15.62 36.22
O3 2HP L . 10.83 17.75 36.87
O4 2HP L . 8.41 17.69 36.38
P 2HP M . -3.35 20.50 30.18
O1 2HP M . -3.30 19.65 28.93
O2 2HP M . -4.45 20.00 31.09
O3 2HP M . -3.63 21.94 29.78
O4 2HP M . -2.03 20.43 30.90
P 2HP N . 18.47 17.95 -13.26
O1 2HP N . 19.27 16.95 -14.05
O2 2HP N . 18.20 17.40 -11.88
O3 2HP N . 19.26 19.24 -13.15
O4 2HP N . 17.18 18.25 -13.98
P 2HP O . 6.71 7.14 39.21
O1 2HP O . 8.18 6.91 38.96
O2 2HP O . 6.28 6.38 40.43
O3 2HP O . 6.47 8.62 39.44
O4 2HP O . 5.91 6.66 38.03
P 2HP P . 20.07 11.46 12.77
O1 2HP P . 21.10 10.64 12.02
O2 2HP P . 19.04 10.54 13.40
O3 2HP P . 20.76 12.25 13.86
O4 2HP P . 19.40 12.42 11.82
P 2HP Q . 21.32 3.05 4.81
O1 2HP Q . 21.76 2.50 3.47
O2 2HP Q . 19.95 2.54 5.16
O3 2HP Q . 22.34 2.66 5.85
O4 2HP Q . 21.26 4.56 4.72
P 2HP R . 15.00 0.08 8.67
O1 2HP R . 15.36 -0.16 7.23
O2 2HP R . 14.20 -1.09 9.18
O3 2HP R . 16.27 0.22 9.50
O4 2HP R . 14.19 1.36 8.79
P 2HP S . 15.26 14.96 -13.93
O1 2HP S . 15.42 13.70 -14.76
O2 2HP S . 16.06 14.84 -12.66
O3 2HP S . 15.75 16.13 -14.75
O4 2HP S . 13.81 15.17 -13.60
P 2HP T . -3.43 3.89 -24.82
O1 2HP T . -2.07 3.24 -24.66
O2 2HP T . -4.36 3.39 -23.73
O3 2HP T . -3.28 5.39 -24.70
O4 2HP T . -4.03 3.53 -26.16
P 2HP U . -7.25 -37.12 0.70
O1 2HP U . -5.96 -37.86 0.44
O2 2HP U . -8.16 -37.96 1.56
O3 2HP U . -6.94 -35.82 1.40
O4 2HP U . -7.94 -36.84 -0.63
P 2HP V . -20.73 -12.24 -11.82
O1 2HP V . -19.63 -12.37 -12.86
O2 2HP V . -21.83 -13.21 -12.18
O3 2HP V . -20.19 -12.57 -10.44
O4 2HP V . -21.30 -10.84 -11.82
P 2HP W . -35.35 -24.23 -5.46
O1 2HP W . -35.83 -25.21 -6.50
O2 2HP W . -35.95 -24.59 -4.12
O3 2HP W . -33.84 -24.28 -5.37
O4 2HP W . -35.78 -22.83 -5.86
P 2HP X . 0.03 -12.68 -3.61
O1 2HP X . -0.10 -13.95 -4.43
O2 2HP X . -1.33 -12.24 -3.12
O3 2HP X . 0.93 -12.94 -2.43
O4 2HP X . 0.63 -11.60 -4.48
P 2HP Y . -15.05 -2.47 -5.97
O1 2HP Y . -14.07 -3.28 -6.78
O2 2HP Y . -16.06 -3.40 -5.37
O3 2HP Y . -14.30 -1.73 -4.88
O4 2HP Y . -15.75 -1.48 -6.87
P 2HP Z . -17.35 -3.11 -2.50
O1 2HP Z . -16.46 -4.32 -2.67
O2 2HP Z . -17.87 -3.05 -1.08
O3 2HP Z . -16.55 -1.86 -2.81
O4 2HP Z . -18.51 -3.21 -3.46
P 2HP AA . -19.54 -0.87 -9.70
O1 2HP AA . -19.42 -2.36 -9.92
O2 2HP AA . -20.84 -0.56 -8.99
O3 2HP AA . -18.38 -0.40 -8.86
O4 2HP AA . -19.53 -0.16 -11.03
P 2HP BA . -52.92 19.14 -7.15
O1 2HP BA . -53.18 18.22 -8.31
O2 2HP BA . -52.07 18.44 -6.12
O3 2HP BA . -52.19 20.38 -7.64
O4 2HP BA . -54.24 19.55 -6.53
P 2HP CA . -27.13 3.90 -1.66
O1 2HP CA . -26.00 2.92 -1.81
O2 2HP CA . -27.83 3.62 -0.35
O3 2HP CA . -26.60 5.31 -1.66
O4 2HP CA . -28.11 3.73 -2.81
P 2HP DA . -4.77 16.67 -10.59
O1 2HP DA . -3.45 16.47 -11.32
O2 2HP DA . -5.29 15.32 -10.15
O3 2HP DA . -4.56 17.55 -9.39
O4 2HP DA . -5.78 17.29 -11.53
P 2HP EA . -56.66 0.33 -5.33
O1 2HP EA . -55.49 0.13 -6.26
O2 2HP EA . -56.58 -0.68 -4.20
O3 2HP EA . -56.63 1.72 -4.77
O4 2HP EA . -57.94 0.12 -6.11
#